data_6HTT
#
_entry.id   6HTT
#
_cell.length_a   70.400
_cell.length_b   70.500
_cell.length_c   98.330
_cell.angle_alpha   75.80
_cell.angle_beta   77.71
_cell.angle_gamma   85.53
#
_symmetry.space_group_name_H-M   'P 1'
#
loop_
_entity.id
_entity.type
_entity.pdbx_description
1 polymer 'Histone deacetylase'
2 non-polymer 'ZINC ION'
3 non-polymer 'POTASSIUM ION'
4 non-polymer ~{N}1-oxidanyl-~{N}3-phenyl-benzene-1,3-dicarboxamide
5 non-polymer DIMETHYLFORMAMIDE
6 non-polymer GLYCEROL
7 water water
#
_entity_poly.entity_id   1
_entity_poly.type   'polypeptide(L)'
_entity_poly.pdbx_seq_one_letter_code
;HMSVGIVYGDQYRQLCCSSPKFGDRYALVMDLINAYKLIPELSRVPPLQWDSPSRMYEAVTAFHSTEYVDALKKLQMLHC
EEKELTADDELLMDSFSLNYDCPGFPSVFDYSLAAVQGSLAAASALICRHCEVVINWGGGWHHAKRSEASGFCYLNDIVL
AIHRLVSSTPPETSPNRQTRVLYVDLDLHHGDGVEEAFWYSPRVVTFSVHHASPGFFPGTGTWNMVDNDKLPIFLNGAGR
GRFSAFNLPLEEGINDLDWSNAIGPILDSLNIVIQPSYVVVQCGADCLATDPHRIFRLTNFYPNLNLDSDCDSECSLSGY
LYAIKKILSWKVPTLILGGGGYNFPDTARLWTRVTALTIEEVKGKKMTISPEIPEHSYFSRYGPDFELDIDYFPHESHNK
TLDSIQKHHRRILEQLRNYADLNKLIYDYDQVYQLYNLTGMGSLVPR
;
_entity_poly.pdbx_strand_id   A,B,C,D
#
# COMPACT_ATOMS: atom_id res chain seq x y z
N SER A 3 3.85 -37.06 7.45
CA SER A 3 3.28 -37.66 6.26
C SER A 3 3.99 -37.17 5.00
N VAL A 4 3.72 -37.82 3.88
CA VAL A 4 4.15 -37.33 2.57
C VAL A 4 2.94 -36.73 1.88
N GLY A 5 3.01 -35.43 1.60
CA GLY A 5 1.91 -34.76 0.93
C GLY A 5 2.14 -34.69 -0.58
N ILE A 6 1.04 -34.56 -1.31
CA ILE A 6 1.11 -34.35 -2.75
C ILE A 6 -0.02 -33.42 -3.16
N VAL A 7 0.28 -32.47 -4.03
CA VAL A 7 -0.68 -31.45 -4.43
C VAL A 7 -1.50 -32.00 -5.59
N TYR A 8 -2.82 -32.07 -5.39
CA TYR A 8 -3.73 -32.32 -6.51
C TYR A 8 -5.13 -31.89 -6.11
N GLY A 9 -6.02 -31.91 -7.09
CA GLY A 9 -7.41 -31.50 -6.95
C GLY A 9 -8.04 -31.49 -8.32
N ASP A 10 -9.37 -31.50 -8.42
CA ASP A 10 -9.99 -31.58 -9.73
C ASP A 10 -9.72 -30.31 -10.56
N GLN A 11 -9.97 -29.13 -9.98
CA GLN A 11 -9.69 -27.89 -10.71
C GLN A 11 -8.22 -27.74 -11.00
N TYR A 12 -7.37 -28.10 -10.03
CA TYR A 12 -5.93 -28.01 -10.22
C TYR A 12 -5.50 -28.83 -11.42
N ARG A 13 -6.01 -30.06 -11.51
CA ARG A 13 -5.67 -30.95 -12.62
C ARG A 13 -6.09 -30.35 -13.95
N GLN A 14 -7.31 -29.82 -14.03
CA GLN A 14 -7.77 -29.21 -15.28
C GLN A 14 -6.86 -28.05 -15.69
N LEU A 15 -6.52 -27.16 -14.75
CA LEU A 15 -5.67 -26.02 -15.07
C LEU A 15 -4.26 -26.44 -15.45
N CYS A 16 -3.67 -27.41 -14.72
CA CYS A 16 -2.33 -27.87 -15.06
C CYS A 16 -2.28 -28.57 -16.42
N CYS A 17 -3.43 -28.98 -16.95
CA CYS A 17 -3.50 -29.61 -18.25
C CYS A 17 -3.99 -28.68 -19.33
N SER A 18 -4.02 -27.37 -19.08
CA SER A 18 -4.66 -26.43 -19.98
C SER A 18 -3.67 -25.67 -20.87
N SER A 19 -2.39 -26.00 -20.79
CA SER A 19 -1.44 -25.23 -21.58
C SER A 19 -1.07 -25.98 -22.85
N PRO A 20 -0.72 -25.24 -23.91
CA PRO A 20 -0.34 -25.92 -25.14
C PRO A 20 0.99 -26.65 -25.02
N LYS A 21 1.94 -26.12 -24.26
CA LYS A 21 3.26 -26.75 -24.23
C LYS A 21 3.25 -28.05 -23.42
N PHE A 22 2.55 -28.07 -22.28
CA PHE A 22 2.63 -29.24 -21.42
C PHE A 22 1.40 -30.14 -21.53
N GLY A 23 0.40 -29.74 -22.31
CA GLY A 23 -0.69 -30.65 -22.64
C GLY A 23 -1.26 -31.33 -21.41
N ASP A 24 -1.41 -32.66 -21.49
CA ASP A 24 -1.99 -33.44 -20.41
C ASP A 24 -0.92 -34.14 -19.57
N ARG A 25 0.31 -33.64 -19.59
CA ARG A 25 1.39 -34.32 -18.87
C ARG A 25 1.02 -34.56 -17.41
N TYR A 26 0.48 -33.54 -16.74
CA TYR A 26 0.16 -33.67 -15.31
C TYR A 26 -0.84 -34.78 -15.07
N ALA A 27 -1.81 -34.94 -15.97
CA ALA A 27 -2.78 -36.02 -15.81
C ALA A 27 -2.09 -37.38 -15.92
N LEU A 28 -1.19 -37.55 -16.90
CA LEU A 28 -0.48 -38.81 -17.01
C LEU A 28 0.31 -39.08 -15.74
N VAL A 29 0.97 -38.06 -15.21
CA VAL A 29 1.77 -38.22 -13.99
C VAL A 29 0.90 -38.67 -12.83
N MET A 30 -0.15 -37.91 -12.55
CA MET A 30 -1.01 -38.25 -11.41
C MET A 30 -1.74 -39.58 -11.61
N ASP A 31 -2.13 -39.91 -12.84
CA ASP A 31 -2.85 -41.15 -13.07
C ASP A 31 -1.94 -42.37 -13.02
N LEU A 32 -0.67 -42.22 -13.38
CA LEU A 32 0.26 -43.34 -13.21
C LEU A 32 0.56 -43.57 -11.74
N ILE A 33 0.74 -42.49 -10.98
CA ILE A 33 0.85 -42.61 -9.52
C ILE A 33 -0.38 -43.32 -8.96
N ASN A 34 -1.55 -42.95 -9.44
CA ASN A 34 -2.79 -43.60 -9.01
C ASN A 34 -2.83 -45.06 -9.46
N ALA A 35 -2.37 -45.33 -10.68
CA ALA A 35 -2.45 -46.69 -11.20
C ALA A 35 -1.57 -47.64 -10.41
N TYR A 36 -0.48 -47.14 -9.84
CA TYR A 36 0.39 -47.93 -8.99
C TYR A 36 -0.04 -47.94 -7.53
N LYS A 37 -1.26 -47.47 -7.24
CA LYS A 37 -1.88 -47.57 -5.91
C LYS A 37 -1.12 -46.77 -4.85
N LEU A 38 -0.44 -45.70 -5.26
CA LEU A 38 0.29 -44.86 -4.31
C LEU A 38 -0.58 -43.80 -3.63
N ILE A 39 -1.73 -43.45 -4.21
CA ILE A 39 -2.54 -42.35 -3.65
C ILE A 39 -2.95 -42.60 -2.21
N PRO A 40 -3.37 -43.80 -1.80
CA PRO A 40 -3.73 -43.99 -0.38
C PRO A 40 -2.57 -43.76 0.59
N GLU A 41 -1.33 -43.84 0.12
CA GLU A 41 -0.16 -43.59 0.97
C GLU A 41 0.10 -42.12 1.18
N LEU A 42 -0.56 -41.25 0.42
CA LEU A 42 -0.20 -39.84 0.34
C LEU A 42 -1.31 -38.96 0.91
N SER A 43 -0.87 -37.86 1.51
CA SER A 43 -1.78 -36.84 2.03
C SER A 43 -2.05 -35.81 0.94
N ARG A 44 -3.30 -35.66 0.53
CA ARG A 44 -3.58 -34.63 -0.47
C ARG A 44 -3.43 -33.24 0.12
N VAL A 45 -2.65 -32.40 -0.56
CA VAL A 45 -2.44 -31.01 -0.15
C VAL A 45 -3.23 -30.13 -1.12
N PRO A 46 -4.28 -29.45 -0.65
CA PRO A 46 -5.11 -28.67 -1.58
C PRO A 46 -4.42 -27.37 -1.95
N PRO A 47 -4.53 -26.93 -3.21
CA PRO A 47 -3.93 -25.65 -3.60
C PRO A 47 -4.51 -24.49 -2.82
N LEU A 48 -3.66 -23.50 -2.56
CA LEU A 48 -4.09 -22.33 -1.80
C LEU A 48 -5.05 -21.47 -2.60
N GLN A 49 -6.11 -20.99 -1.94
CA GLN A 49 -6.99 -19.99 -2.53
C GLN A 49 -7.08 -18.80 -1.57
N TRP A 50 -7.54 -17.67 -2.11
CA TRP A 50 -7.40 -16.40 -1.41
C TRP A 50 -8.76 -15.76 -1.10
N ASP A 51 -8.72 -14.84 -0.14
CA ASP A 51 -9.91 -14.13 0.33
C ASP A 51 -10.40 -13.07 -0.66
N SER A 52 -9.56 -12.66 -1.61
CA SER A 52 -9.90 -11.52 -2.45
C SER A 52 -8.83 -11.38 -3.53
N PRO A 53 -9.14 -10.69 -4.61
CA PRO A 53 -8.10 -10.28 -5.56
C PRO A 53 -6.91 -9.61 -4.89
N SER A 54 -7.15 -8.70 -3.93
CA SER A 54 -6.02 -8.01 -3.30
C SER A 54 -5.13 -8.98 -2.55
N ARG A 55 -5.71 -9.99 -1.88
CA ARG A 55 -4.89 -10.96 -1.17
C ARG A 55 -4.07 -11.79 -2.15
N MET A 56 -4.67 -12.12 -3.30
CA MET A 56 -3.94 -12.84 -4.34
C MET A 56 -2.77 -12.01 -4.86
N TYR A 57 -3.01 -10.73 -5.17
CA TYR A 57 -1.92 -9.87 -5.64
C TYR A 57 -0.86 -9.71 -4.57
N GLU A 58 -1.27 -9.56 -3.31
CA GLU A 58 -0.29 -9.48 -2.23
C GLU A 58 0.63 -10.69 -2.21
N ALA A 59 0.07 -11.88 -2.47
CA ALA A 59 0.88 -13.09 -2.47
C ALA A 59 1.82 -13.15 -3.66
N VAL A 60 1.30 -12.89 -4.87
CA VAL A 60 2.10 -13.06 -6.08
C VAL A 60 3.14 -11.96 -6.20
N THR A 61 2.80 -10.73 -5.79
CA THR A 61 3.74 -9.62 -5.91
C THR A 61 4.73 -9.58 -4.77
N ALA A 62 4.74 -10.60 -3.90
CA ALA A 62 5.90 -10.78 -3.02
C ALA A 62 7.17 -10.97 -3.84
N PHE A 63 7.04 -11.46 -5.07
CA PHE A 63 8.15 -11.55 -6.01
C PHE A 63 7.91 -10.75 -7.28
N HIS A 64 6.78 -10.98 -7.95
CA HIS A 64 6.54 -10.35 -9.25
C HIS A 64 6.05 -8.91 -9.10
N SER A 65 6.31 -8.10 -10.12
CA SER A 65 5.81 -6.73 -10.09
C SER A 65 4.31 -6.69 -10.34
N THR A 66 3.65 -5.69 -9.78
CA THR A 66 2.22 -5.52 -10.03
C THR A 66 1.94 -5.39 -11.52
N GLU A 67 2.78 -4.64 -12.23
CA GLU A 67 2.52 -4.40 -13.65
C GLU A 67 2.68 -5.68 -14.48
N TYR A 68 3.61 -6.56 -14.08
CA TYR A 68 3.74 -7.84 -14.78
C TYR A 68 2.53 -8.73 -14.53
N VAL A 69 2.07 -8.81 -13.28
CA VAL A 69 0.88 -9.59 -12.99
C VAL A 69 -0.33 -9.03 -13.75
N ASP A 70 -0.48 -7.70 -13.76
CA ASP A 70 -1.55 -7.07 -14.55
C ASP A 70 -1.49 -7.50 -16.01
N ALA A 71 -0.28 -7.47 -16.60
CA ALA A 71 -0.13 -7.80 -18.02
C ALA A 71 -0.43 -9.27 -18.29
N LEU A 72 -0.01 -10.16 -17.40
CA LEU A 72 -0.32 -11.57 -17.55
C LEU A 72 -1.82 -11.83 -17.46
N LYS A 73 -2.51 -11.16 -16.52
CA LYS A 73 -3.96 -11.30 -16.47
C LYS A 73 -4.62 -10.72 -17.72
N LYS A 74 -4.13 -9.58 -18.20
CA LYS A 74 -4.68 -9.01 -19.43
C LYS A 74 -4.46 -9.95 -20.62
N LEU A 75 -3.28 -10.59 -20.67
CA LEU A 75 -3.01 -11.52 -21.76
C LEU A 75 -4.05 -12.63 -21.81
N GLN A 76 -4.39 -13.20 -20.66
CA GLN A 76 -5.45 -14.19 -20.60
C GLN A 76 -6.77 -13.62 -21.11
N MET A 77 -7.14 -12.42 -20.62
CA MET A 77 -8.40 -11.80 -21.06
C MET A 77 -8.43 -11.64 -22.57
N LEU A 78 -7.32 -11.16 -23.14
CA LEU A 78 -7.27 -10.90 -24.58
C LEU A 78 -7.37 -12.18 -25.38
N HIS A 79 -6.77 -13.26 -24.86
CA HIS A 79 -6.85 -14.56 -25.53
C HIS A 79 -8.17 -15.27 -25.30
N CYS A 80 -9.06 -14.72 -24.49
CA CYS A 80 -10.42 -15.25 -24.36
C CYS A 80 -11.41 -14.53 -25.26
N GLU A 81 -10.96 -13.52 -25.99
CA GLU A 81 -11.76 -12.85 -27.02
C GLU A 81 -11.26 -13.28 -28.40
N GLU A 82 -12.15 -13.23 -29.38
CA GLU A 82 -11.80 -13.70 -30.71
C GLU A 82 -10.86 -12.74 -31.44
N LYS A 83 -10.79 -11.49 -31.01
CA LYS A 83 -10.16 -10.45 -31.80
C LYS A 83 -8.65 -10.42 -31.57
N GLU A 84 -7.91 -10.07 -32.62
CA GLU A 84 -6.46 -10.01 -32.56
C GLU A 84 -6.00 -8.87 -31.65
N LEU A 85 -4.80 -9.02 -31.08
CA LEU A 85 -4.26 -7.98 -30.22
C LEU A 85 -3.98 -6.70 -31.00
N THR A 86 -4.14 -5.57 -30.34
CA THR A 86 -3.73 -4.30 -30.93
C THR A 86 -2.21 -4.19 -30.91
N ALA A 87 -1.69 -3.28 -31.74
CA ALA A 87 -0.25 -3.01 -31.73
C ALA A 87 0.20 -2.56 -30.34
N ASP A 88 -0.60 -1.72 -29.68
CA ASP A 88 -0.24 -1.27 -28.34
C ASP A 88 -0.20 -2.44 -27.36
N ASP A 89 -1.15 -3.37 -27.46
CA ASP A 89 -1.12 -4.50 -26.54
C ASP A 89 0.02 -5.46 -26.87
N GLU A 90 0.32 -5.64 -28.16
CA GLU A 90 1.49 -6.45 -28.52
C GLU A 90 2.76 -5.88 -27.90
N LEU A 91 2.94 -4.56 -28.01
CA LEU A 91 4.11 -3.92 -27.45
C LEU A 91 4.16 -4.05 -25.93
N LEU A 92 3.02 -3.88 -25.26
CA LEU A 92 2.96 -4.14 -23.82
C LEU A 92 3.41 -5.55 -23.48
N MET A 93 2.85 -6.56 -24.15
CA MET A 93 3.24 -7.93 -23.85
C MET A 93 4.73 -8.16 -24.12
N ASP A 94 5.24 -7.59 -25.21
CA ASP A 94 6.66 -7.73 -25.52
C ASP A 94 7.53 -7.18 -24.42
N SER A 95 7.10 -6.09 -23.77
CA SER A 95 7.88 -5.49 -22.70
C SER A 95 8.00 -6.40 -21.49
N PHE A 96 7.19 -7.46 -21.40
CA PHE A 96 7.28 -8.46 -20.34
C PHE A 96 7.71 -9.84 -20.88
N SER A 97 8.15 -9.91 -22.13
CA SER A 97 8.51 -11.16 -22.81
C SER A 97 7.36 -12.16 -22.80
N LEU A 98 6.12 -11.65 -22.84
CA LEU A 98 4.95 -12.50 -23.00
C LEU A 98 4.70 -12.68 -24.48
N ASN A 99 5.61 -13.40 -25.12
CA ASN A 99 5.59 -13.59 -26.57
C ASN A 99 6.43 -14.80 -26.90
N TYR A 100 6.53 -15.09 -28.20
CA TYR A 100 7.40 -16.16 -28.72
C TYR A 100 7.21 -17.44 -27.92
N ASP A 101 8.22 -17.84 -27.14
CA ASP A 101 8.11 -19.12 -26.42
C ASP A 101 7.27 -19.04 -25.16
N CYS A 102 6.81 -17.85 -24.76
CA CYS A 102 5.87 -17.70 -23.65
C CYS A 102 4.59 -17.08 -24.17
N PRO A 103 3.87 -17.77 -25.04
CA PRO A 103 2.70 -17.18 -25.69
C PRO A 103 1.52 -17.08 -24.74
N GLY A 104 0.55 -16.28 -25.16
CA GLY A 104 -0.74 -16.30 -24.52
C GLY A 104 -1.55 -17.50 -24.96
N PHE A 105 -2.51 -17.85 -24.10
CA PHE A 105 -3.56 -18.80 -24.43
C PHE A 105 -4.71 -18.52 -23.46
N PRO A 106 -5.90 -19.08 -23.71
CA PRO A 106 -7.08 -18.63 -22.94
C PRO A 106 -6.98 -18.83 -21.44
N SER A 107 -6.17 -19.77 -20.96
CA SER A 107 -6.05 -19.98 -19.52
C SER A 107 -4.65 -19.63 -18.97
N VAL A 108 -3.88 -18.79 -19.66
CA VAL A 108 -2.48 -18.64 -19.30
C VAL A 108 -2.31 -18.13 -17.87
N PHE A 109 -3.16 -17.21 -17.42
CA PHE A 109 -3.00 -16.70 -16.06
C PHE A 109 -3.46 -17.73 -15.04
N ASP A 110 -4.63 -18.34 -15.25
CA ASP A 110 -5.10 -19.36 -14.32
C ASP A 110 -4.14 -20.54 -14.24
N TYR A 111 -3.57 -20.93 -15.38
CA TYR A 111 -2.58 -22.00 -15.44
C TYR A 111 -1.35 -21.64 -14.62
N SER A 112 -0.80 -20.46 -14.86
CA SER A 112 0.41 -20.01 -14.17
C SER A 112 0.17 -19.87 -12.68
N LEU A 113 -0.95 -19.24 -12.32
CA LEU A 113 -1.29 -19.03 -10.92
C LEU A 113 -1.51 -20.36 -10.20
N ALA A 114 -2.07 -21.37 -10.88
CA ALA A 114 -2.33 -22.65 -10.24
C ALA A 114 -1.06 -23.23 -9.64
N ALA A 115 0.05 -23.20 -10.39
CA ALA A 115 1.30 -23.73 -9.86
C ALA A 115 1.70 -22.98 -8.60
N VAL A 116 1.49 -21.66 -8.57
CA VAL A 116 1.78 -20.86 -7.38
C VAL A 116 0.91 -21.31 -6.21
N GLN A 117 -0.39 -21.47 -6.46
CA GLN A 117 -1.30 -21.94 -5.43
C GLN A 117 -0.84 -23.28 -4.87
N GLY A 118 -0.43 -24.20 -5.75
CA GLY A 118 0.01 -25.51 -5.28
C GLY A 118 1.29 -25.44 -4.46
N SER A 119 2.28 -24.69 -4.95
CA SER A 119 3.56 -24.66 -4.24
C SER A 119 3.50 -23.84 -2.96
N LEU A 120 2.69 -22.78 -2.92
CA LEU A 120 2.51 -22.07 -1.66
C LEU A 120 1.81 -22.95 -0.64
N ALA A 121 0.81 -23.72 -1.06
CA ALA A 121 0.16 -24.64 -0.12
C ALA A 121 1.13 -25.71 0.36
N ALA A 122 1.97 -26.21 -0.55
CA ALA A 122 2.96 -27.21 -0.18
C ALA A 122 3.92 -26.66 0.88
N ALA A 123 4.40 -25.42 0.69
CA ALA A 123 5.23 -24.78 1.69
C ALA A 123 4.52 -24.65 3.03
N SER A 124 3.24 -24.26 3.01
CA SER A 124 2.52 -24.10 4.28
C SER A 124 2.37 -25.43 5.01
N ALA A 125 2.16 -26.51 4.26
CA ALA A 125 2.03 -27.83 4.88
C ALA A 125 3.33 -28.27 5.54
N LEU A 126 4.47 -27.85 5.01
CA LEU A 126 5.75 -28.12 5.67
C LEU A 126 5.91 -27.27 6.91
N ILE A 127 5.53 -25.98 6.83
CA ILE A 127 5.75 -25.05 7.93
C ILE A 127 4.95 -25.46 9.16
N CYS A 128 3.68 -25.84 8.96
CA CYS A 128 2.84 -26.26 10.07
C CYS A 128 3.07 -27.71 10.47
N ARG A 129 4.04 -28.37 9.84
CA ARG A 129 4.48 -29.74 10.14
C ARG A 129 3.41 -30.78 9.88
N HIS A 130 2.41 -30.46 9.05
CA HIS A 130 1.45 -31.48 8.64
C HIS A 130 2.11 -32.57 7.82
N CYS A 131 3.11 -32.20 7.01
CA CYS A 131 3.84 -33.14 6.17
C CYS A 131 5.33 -32.92 6.37
N GLU A 132 6.10 -34.00 6.26
CA GLU A 132 7.55 -33.89 6.29
C GLU A 132 8.11 -33.65 4.90
N VAL A 133 7.42 -34.13 3.87
CA VAL A 133 7.77 -33.88 2.47
C VAL A 133 6.46 -33.57 1.74
N VAL A 134 6.50 -32.63 0.80
CA VAL A 134 5.36 -32.41 -0.07
C VAL A 134 5.85 -32.38 -1.53
N ILE A 135 5.13 -33.09 -2.38
CA ILE A 135 5.40 -33.16 -3.81
C ILE A 135 4.39 -32.29 -4.55
N ASN A 136 4.86 -31.52 -5.53
CA ASN A 136 3.97 -30.80 -6.44
C ASN A 136 4.44 -31.00 -7.87
N TRP A 137 3.88 -32.00 -8.56
CA TRP A 137 4.25 -32.20 -9.95
C TRP A 137 3.61 -31.19 -10.91
N GLY A 138 2.77 -30.28 -10.42
CA GLY A 138 2.33 -29.16 -11.24
C GLY A 138 3.17 -27.90 -11.11
N GLY A 139 4.19 -27.90 -10.23
CA GLY A 139 5.02 -26.74 -10.01
C GLY A 139 6.45 -26.97 -10.48
N GLY A 140 7.32 -26.03 -10.11
CA GLY A 140 8.72 -26.08 -10.48
C GLY A 140 9.14 -25.19 -11.63
N TRP A 141 8.53 -24.02 -11.81
CA TRP A 141 8.73 -23.19 -12.99
C TRP A 141 9.83 -22.17 -12.72
N HIS A 142 11.07 -22.62 -12.92
CA HIS A 142 12.23 -21.93 -12.35
C HIS A 142 12.73 -20.75 -13.17
N HIS A 143 12.23 -20.53 -14.39
CA HIS A 143 12.80 -19.48 -15.26
C HIS A 143 12.15 -18.11 -15.10
N ALA A 144 10.94 -18.03 -14.55
CA ALA A 144 10.22 -16.76 -14.54
C ALA A 144 10.91 -15.76 -13.63
N LYS A 145 10.96 -14.51 -14.08
CA LYS A 145 11.62 -13.41 -13.36
C LYS A 145 10.58 -12.45 -12.81
N ARG A 146 11.06 -11.47 -12.04
CA ARG A 146 10.16 -10.52 -11.38
C ARG A 146 9.15 -9.93 -12.36
N SER A 147 9.61 -9.50 -13.54
CA SER A 147 8.73 -8.89 -14.52
C SER A 147 8.97 -9.47 -15.91
N GLU A 148 9.27 -10.76 -15.99
CA GLU A 148 9.57 -11.36 -17.29
C GLU A 148 9.19 -12.82 -17.29
N ALA A 149 8.40 -13.24 -18.28
CA ALA A 149 8.22 -14.67 -18.54
C ALA A 149 9.43 -15.20 -19.31
N SER A 150 9.71 -16.48 -19.12
CA SER A 150 10.88 -17.05 -19.78
C SER A 150 10.72 -18.56 -19.83
N GLY A 151 11.01 -19.16 -20.98
CA GLY A 151 11.05 -20.62 -21.04
C GLY A 151 9.76 -21.31 -20.64
N PHE A 152 8.62 -20.77 -21.08
CA PHE A 152 7.26 -21.21 -20.73
C PHE A 152 7.01 -21.21 -19.22
N CYS A 153 7.76 -20.41 -18.48
CA CYS A 153 7.53 -20.13 -17.07
C CYS A 153 6.98 -18.73 -16.96
N TYR A 154 5.77 -18.59 -16.43
CA TYR A 154 5.12 -17.28 -16.35
C TYR A 154 5.13 -16.72 -14.95
N LEU A 155 4.93 -17.56 -13.93
CA LEU A 155 5.04 -17.14 -12.54
C LEU A 155 5.98 -18.09 -11.81
N ASN A 156 6.83 -17.55 -10.97
CA ASN A 156 7.85 -18.41 -10.34
C ASN A 156 7.29 -18.93 -9.02
N ASP A 157 6.60 -20.07 -9.10
CA ASP A 157 6.05 -20.70 -7.89
C ASP A 157 7.15 -21.10 -6.92
N ILE A 158 8.34 -21.44 -7.44
CA ILE A 158 9.44 -21.84 -6.57
C ILE A 158 9.89 -20.69 -5.68
N VAL A 159 10.17 -19.55 -6.30
CA VAL A 159 10.59 -18.37 -5.54
C VAL A 159 9.55 -18.03 -4.48
N LEU A 160 8.28 -18.04 -4.87
CA LEU A 160 7.23 -17.67 -3.91
C LEU A 160 7.15 -18.69 -2.77
N ALA A 161 7.27 -19.98 -3.09
CA ALA A 161 7.29 -21.00 -2.05
C ALA A 161 8.52 -20.83 -1.14
N ILE A 162 9.70 -20.59 -1.72
CA ILE A 162 10.90 -20.43 -0.88
C ILE A 162 10.77 -19.20 0.00
N HIS A 163 10.22 -18.10 -0.55
CA HIS A 163 10.03 -16.90 0.25
C HIS A 163 9.14 -17.17 1.46
N ARG A 164 8.06 -17.93 1.27
CA ARG A 164 7.21 -18.30 2.39
C ARG A 164 8.00 -19.11 3.43
N LEU A 165 8.77 -20.09 2.97
CA LEU A 165 9.58 -20.90 3.89
C LEU A 165 10.59 -20.05 4.67
N VAL A 166 11.37 -19.21 3.98
CA VAL A 166 12.43 -18.48 4.68
C VAL A 166 11.88 -17.41 5.60
N SER A 167 10.66 -16.97 5.36
CA SER A 167 10.03 -15.93 6.15
C SER A 167 9.16 -16.52 7.26
N SER A 168 9.20 -17.84 7.46
CA SER A 168 8.32 -18.48 8.43
C SER A 168 8.83 -18.35 9.85
N GLN A 178 17.49 -19.13 13.06
CA GLN A 178 17.71 -18.58 11.73
C GLN A 178 17.35 -19.59 10.64
N THR A 179 16.32 -19.27 9.87
CA THR A 179 15.81 -20.17 8.84
C THR A 179 16.65 -20.03 7.57
N ARG A 180 17.24 -21.13 7.11
CA ARG A 180 17.91 -21.17 5.83
C ARG A 180 17.25 -22.22 4.95
N VAL A 181 17.20 -21.94 3.65
CA VAL A 181 16.63 -22.85 2.68
C VAL A 181 17.74 -23.22 1.68
N LEU A 182 17.85 -24.50 1.39
CA LEU A 182 18.70 -24.99 0.32
C LEU A 182 17.81 -25.35 -0.86
N TYR A 183 18.08 -24.75 -2.01
CA TYR A 183 17.36 -25.01 -3.24
C TYR A 183 18.26 -25.84 -4.13
N VAL A 184 17.74 -26.99 -4.59
CA VAL A 184 18.48 -27.89 -5.46
C VAL A 184 17.71 -28.04 -6.77
N ASP A 185 18.34 -27.70 -7.89
CA ASP A 185 17.69 -27.66 -9.19
C ASP A 185 18.29 -28.75 -10.07
N LEU A 186 17.55 -29.84 -10.28
CA LEU A 186 18.04 -30.99 -11.05
C LEU A 186 17.66 -30.95 -12.52
N ASP A 187 16.92 -29.94 -12.95
CA ASP A 187 16.48 -29.78 -14.33
C ASP A 187 17.68 -29.76 -15.28
N LEU A 188 17.43 -30.14 -16.53
CA LEU A 188 18.46 -30.02 -17.57
C LEU A 188 18.94 -28.58 -17.72
N HIS A 189 18.07 -27.62 -17.42
CA HIS A 189 18.38 -26.21 -17.63
C HIS A 189 18.78 -25.52 -16.33
N HIS A 190 19.61 -24.49 -16.48
CA HIS A 190 19.99 -23.66 -15.34
C HIS A 190 18.76 -23.01 -14.70
N GLY A 191 18.67 -23.10 -13.37
CA GLY A 191 17.59 -22.47 -12.63
C GLY A 191 17.83 -20.99 -12.43
N ASP A 192 17.78 -20.20 -13.51
CA ASP A 192 18.23 -18.81 -13.45
C ASP A 192 17.27 -17.94 -12.68
N GLY A 193 15.96 -18.16 -12.83
CA GLY A 193 15.00 -17.28 -12.18
C GLY A 193 15.08 -17.35 -10.67
N VAL A 194 15.22 -18.56 -10.14
CA VAL A 194 15.35 -18.74 -8.69
C VAL A 194 16.68 -18.20 -8.21
N GLU A 195 17.76 -18.50 -8.94
CA GLU A 195 19.07 -17.98 -8.57
C GLU A 195 19.06 -16.46 -8.50
N GLU A 196 18.45 -15.82 -9.51
CA GLU A 196 18.43 -14.36 -9.55
C GLU A 196 17.61 -13.77 -8.42
N ALA A 197 16.43 -14.34 -8.15
CA ALA A 197 15.57 -13.84 -7.08
C ALA A 197 16.31 -13.75 -5.77
N PHE A 198 17.21 -14.69 -5.50
CA PHE A 198 17.89 -14.77 -4.22
C PHE A 198 19.37 -14.43 -4.31
N TRP A 199 19.77 -13.75 -5.39
CA TRP A 199 21.16 -13.39 -5.65
C TRP A 199 21.81 -12.65 -4.48
N TYR A 200 21.04 -11.82 -3.77
CA TYR A 200 21.54 -11.00 -2.69
C TYR A 200 21.21 -11.57 -1.32
N SER A 201 20.71 -12.81 -1.25
CA SER A 201 20.17 -13.36 -0.02
C SER A 201 21.00 -14.53 0.45
N PRO A 202 21.77 -14.40 1.53
CA PRO A 202 22.55 -15.56 2.01
C PRO A 202 21.69 -16.68 2.57
N ARG A 203 20.46 -16.39 3.02
CA ARG A 203 19.68 -17.42 3.70
C ARG A 203 18.98 -18.37 2.74
N VAL A 204 19.03 -18.11 1.45
CA VAL A 204 18.57 -19.06 0.44
C VAL A 204 19.77 -19.40 -0.40
N VAL A 205 20.32 -20.59 -0.22
CA VAL A 205 21.43 -21.05 -1.05
C VAL A 205 20.84 -21.81 -2.21
N THR A 206 21.19 -21.42 -3.44
CA THR A 206 20.70 -22.09 -4.62
C THR A 206 21.82 -22.94 -5.21
N PHE A 207 21.46 -24.13 -5.67
CA PHE A 207 22.41 -25.02 -6.34
C PHE A 207 21.71 -25.61 -7.55
N SER A 208 22.25 -25.33 -8.74
CA SER A 208 21.71 -25.86 -9.98
C SER A 208 22.78 -26.69 -10.66
N VAL A 209 22.42 -27.91 -11.05
CA VAL A 209 23.22 -28.75 -11.94
C VAL A 209 22.46 -28.82 -13.26
N HIS A 210 23.17 -28.63 -14.37
CA HIS A 210 22.50 -28.41 -15.64
C HIS A 210 23.51 -28.60 -16.76
N HIS A 211 22.99 -28.75 -17.98
CA HIS A 211 23.82 -28.59 -19.16
C HIS A 211 24.01 -27.11 -19.45
N ALA A 212 25.22 -26.75 -19.85
CA ALA A 212 25.45 -25.43 -20.40
C ALA A 212 26.40 -25.57 -21.59
N SER A 213 26.13 -24.81 -22.64
CA SER A 213 26.97 -24.79 -23.83
C SER A 213 26.53 -23.59 -24.68
N PRO A 214 27.37 -23.15 -25.62
CA PRO A 214 27.05 -21.94 -26.37
C PRO A 214 25.73 -22.04 -27.12
N GLY A 215 24.85 -21.07 -26.87
CA GLY A 215 23.55 -21.05 -27.52
C GLY A 215 22.48 -21.84 -26.82
N PHE A 216 22.82 -22.61 -25.78
CA PHE A 216 21.85 -23.43 -25.07
C PHE A 216 21.14 -22.59 -24.01
N PHE A 217 19.82 -22.73 -23.96
CA PHE A 217 18.98 -21.94 -23.04
C PHE A 217 19.27 -22.27 -21.58
N PRO A 218 19.26 -21.26 -20.68
CA PRO A 218 19.08 -19.82 -20.89
C PRO A 218 20.40 -19.07 -21.02
N GLY A 219 21.52 -19.79 -20.91
CA GLY A 219 22.83 -19.22 -21.14
C GLY A 219 23.66 -19.02 -19.90
N THR A 220 23.02 -18.97 -18.74
CA THR A 220 23.66 -18.71 -17.46
C THR A 220 24.02 -20.01 -16.75
N GLY A 221 24.54 -19.89 -15.53
CA GLY A 221 25.00 -21.05 -14.78
C GLY A 221 26.35 -21.56 -15.19
N THR A 222 27.20 -20.71 -15.77
CA THR A 222 28.49 -21.17 -16.24
C THR A 222 29.43 -19.96 -16.25
N TRP A 223 30.65 -20.18 -16.73
CA TRP A 223 31.60 -19.09 -16.89
C TRP A 223 30.95 -17.97 -17.70
N ASN A 224 31.12 -16.74 -17.22
CA ASN A 224 30.46 -15.59 -17.84
C ASN A 224 31.44 -14.48 -18.23
N PRO A 232 36.74 -15.06 -18.62
CA PRO A 232 35.49 -15.27 -17.89
C PRO A 232 35.69 -15.79 -16.47
N ILE A 233 34.70 -15.54 -15.61
CA ILE A 233 34.73 -16.00 -14.23
C ILE A 233 33.34 -16.54 -13.88
N PHE A 234 33.25 -17.18 -12.73
CA PHE A 234 32.01 -17.76 -12.23
C PHE A 234 31.41 -16.84 -11.17
N LEU A 235 30.31 -16.16 -11.51
CA LEU A 235 29.60 -15.35 -10.53
C LEU A 235 28.83 -16.25 -9.58
N ASN A 236 28.60 -15.76 -8.34
CA ASN A 236 28.08 -16.66 -7.33
C ASN A 236 27.26 -15.94 -6.25
N GLY A 237 26.63 -14.82 -6.60
CA GLY A 237 25.91 -14.01 -5.64
C GLY A 237 26.58 -12.67 -5.43
N ALA A 238 25.85 -11.74 -4.81
CA ALA A 238 26.38 -10.39 -4.62
C ALA A 238 25.91 -9.82 -3.29
N GLY A 239 26.61 -8.78 -2.84
CA GLY A 239 26.30 -8.17 -1.56
C GLY A 239 26.44 -9.18 -0.45
N ARG A 240 25.45 -9.21 0.45
CA ARG A 240 25.48 -10.21 1.51
C ARG A 240 25.20 -11.62 1.01
N GLY A 241 24.73 -11.76 -0.23
CA GLY A 241 24.55 -13.06 -0.85
C GLY A 241 25.76 -13.57 -1.60
N ARG A 242 26.92 -12.92 -1.45
CA ARG A 242 28.10 -13.41 -2.14
C ARG A 242 28.38 -14.85 -1.73
N PHE A 243 28.78 -15.66 -2.70
CA PHE A 243 29.10 -17.08 -2.56
C PHE A 243 27.89 -17.97 -2.32
N SER A 244 26.66 -17.43 -2.40
CA SER A 244 25.48 -18.20 -2.03
C SER A 244 24.73 -18.79 -3.21
N ALA A 245 25.23 -18.62 -4.44
CA ALA A 245 24.59 -19.22 -5.61
C ALA A 245 25.61 -20.16 -6.25
N PHE A 246 25.31 -21.46 -6.23
CA PHE A 246 26.20 -22.52 -6.69
C PHE A 246 25.71 -23.09 -8.02
N ASN A 247 26.66 -23.47 -8.88
CA ASN A 247 26.31 -24.00 -10.19
C ASN A 247 27.28 -25.09 -10.60
N LEU A 248 26.75 -26.15 -11.22
CA LEU A 248 27.57 -27.21 -11.80
C LEU A 248 27.11 -27.43 -13.24
N PRO A 249 27.78 -26.80 -14.21
CA PRO A 249 27.47 -27.05 -15.63
C PRO A 249 28.21 -28.30 -16.11
N LEU A 250 27.49 -29.11 -16.90
CA LEU A 250 27.99 -30.40 -17.33
C LEU A 250 27.89 -30.52 -18.85
N GLU A 251 28.85 -31.23 -19.44
CA GLU A 251 28.81 -31.48 -20.87
C GLU A 251 27.72 -32.49 -21.21
N GLU A 252 27.27 -32.44 -22.47
CA GLU A 252 26.25 -33.39 -22.90
C GLU A 252 26.78 -34.82 -22.85
N GLY A 253 25.83 -35.75 -22.68
CA GLY A 253 26.10 -37.17 -22.72
C GLY A 253 26.23 -37.86 -21.38
N ILE A 254 26.12 -37.13 -20.26
CA ILE A 254 26.43 -37.72 -18.97
C ILE A 254 25.37 -38.75 -18.57
N ASN A 255 25.83 -39.86 -17.99
CA ASN A 255 24.98 -40.98 -17.60
C ASN A 255 24.64 -40.89 -16.09
N ASP A 256 23.82 -41.84 -15.63
CA ASP A 256 23.40 -41.86 -14.24
C ASP A 256 24.57 -41.80 -13.27
N LEU A 257 25.55 -42.70 -13.45
CA LEU A 257 26.62 -42.84 -12.47
C LEU A 257 27.47 -41.58 -12.39
N ASP A 258 27.87 -41.04 -13.54
CA ASP A 258 28.75 -39.88 -13.51
C ASP A 258 28.02 -38.65 -13.01
N TRP A 259 26.75 -38.51 -13.38
CA TRP A 259 25.94 -37.42 -12.87
C TRP A 259 25.77 -37.54 -11.35
N SER A 260 25.55 -38.76 -10.86
CA SER A 260 25.41 -39.00 -9.42
C SER A 260 26.71 -38.68 -8.67
N ASN A 261 27.83 -39.17 -9.18
CA ASN A 261 29.12 -38.88 -8.54
C ASN A 261 29.47 -37.40 -8.64
N ALA A 262 28.96 -36.71 -9.66
CA ALA A 262 29.26 -35.28 -9.80
C ALA A 262 28.54 -34.46 -8.73
N ILE A 263 27.30 -34.79 -8.42
CA ILE A 263 26.52 -33.94 -7.51
C ILE A 263 26.45 -34.47 -6.08
N GLY A 264 26.70 -35.77 -5.87
CA GLY A 264 26.56 -36.37 -4.56
C GLY A 264 27.34 -35.67 -3.48
N PRO A 265 28.66 -35.53 -3.67
CA PRO A 265 29.48 -34.84 -2.67
C PRO A 265 29.12 -33.37 -2.50
N ILE A 266 28.73 -32.68 -3.57
CA ILE A 266 28.28 -31.30 -3.43
C ILE A 266 27.05 -31.23 -2.53
N LEU A 267 26.04 -32.06 -2.83
CA LEU A 267 24.84 -32.11 -2.00
C LEU A 267 25.17 -32.36 -0.54
N ASP A 268 26.00 -33.37 -0.26
CA ASP A 268 26.29 -33.67 1.13
C ASP A 268 27.04 -32.53 1.81
N SER A 269 27.96 -31.87 1.09
CA SER A 269 28.69 -30.75 1.67
CA SER A 269 28.68 -30.76 1.68
C SER A 269 27.76 -29.57 1.94
N LEU A 270 26.85 -29.29 1.03
CA LEU A 270 25.91 -28.19 1.24
C LEU A 270 25.06 -28.40 2.49
N ASN A 271 24.58 -29.63 2.70
CA ASN A 271 23.74 -29.90 3.86
C ASN A 271 24.55 -29.80 5.15
N ILE A 272 25.76 -30.34 5.15
CA ILE A 272 26.62 -30.28 6.32
C ILE A 272 26.94 -28.84 6.70
N VAL A 273 27.29 -28.01 5.71
CA VAL A 273 27.70 -26.65 6.01
C VAL A 273 26.51 -25.74 6.25
N ILE A 274 25.51 -25.79 5.36
CA ILE A 274 24.39 -24.84 5.45
C ILE A 274 23.44 -25.21 6.58
N GLN A 275 23.29 -26.50 6.89
CA GLN A 275 22.30 -26.99 7.84
C GLN A 275 20.93 -26.38 7.56
N PRO A 276 20.37 -26.61 6.37
CA PRO A 276 19.12 -25.96 5.99
C PRO A 276 17.94 -26.41 6.84
N SER A 277 17.02 -25.46 7.08
CA SER A 277 15.75 -25.75 7.74
C SER A 277 14.75 -26.37 6.79
N TYR A 278 14.88 -26.06 5.50
CA TYR A 278 14.06 -26.64 4.45
C TYR A 278 14.91 -26.88 3.22
N VAL A 279 14.56 -27.91 2.46
CA VAL A 279 15.15 -28.16 1.15
C VAL A 279 14.03 -28.09 0.11
N VAL A 280 14.28 -27.38 -0.98
CA VAL A 280 13.35 -27.34 -2.10
C VAL A 280 14.08 -27.91 -3.30
N VAL A 281 13.50 -28.93 -3.92
CA VAL A 281 14.11 -29.62 -5.05
C VAL A 281 13.25 -29.44 -6.29
N GLN A 282 13.85 -28.96 -7.36
CA GLN A 282 13.21 -28.94 -8.66
C GLN A 282 13.68 -30.20 -9.38
N CYS A 283 12.74 -31.03 -9.82
CA CYS A 283 13.07 -32.34 -10.37
CA CYS A 283 13.03 -32.35 -10.36
C CYS A 283 12.67 -32.45 -11.83
N GLY A 284 12.94 -31.41 -12.62
CA GLY A 284 12.66 -31.45 -14.04
C GLY A 284 13.23 -32.71 -14.68
N ALA A 285 12.40 -33.38 -15.49
CA ALA A 285 12.73 -34.68 -16.05
C ALA A 285 13.41 -34.60 -17.42
N ASP A 286 13.85 -33.42 -17.84
CA ASP A 286 14.42 -33.32 -19.18
C ASP A 286 15.87 -33.78 -19.27
N CYS A 287 16.46 -34.29 -18.17
CA CYS A 287 17.75 -34.97 -18.25
C CYS A 287 17.63 -36.43 -18.67
N LEU A 288 16.42 -36.96 -18.74
CA LEU A 288 16.26 -38.36 -19.17
C LEU A 288 16.82 -38.56 -20.57
N ALA A 289 17.41 -39.74 -20.79
CA ALA A 289 17.98 -40.06 -22.10
C ALA A 289 16.94 -39.98 -23.20
N THR A 290 15.68 -40.17 -22.86
CA THR A 290 14.57 -40.21 -23.80
C THR A 290 13.86 -38.87 -23.93
N ASP A 291 14.30 -37.86 -23.21
CA ASP A 291 13.72 -36.54 -23.42
C ASP A 291 14.05 -36.06 -24.83
N PRO A 292 13.14 -35.32 -25.49
CA PRO A 292 13.45 -34.82 -26.85
C PRO A 292 14.65 -33.89 -26.91
N HIS A 293 15.05 -33.27 -25.78
CA HIS A 293 16.31 -32.53 -25.77
C HIS A 293 17.49 -33.40 -26.16
N ARG A 294 17.50 -34.66 -25.70
CA ARG A 294 18.54 -35.62 -26.03
C ARG A 294 19.94 -35.11 -25.68
N ILE A 295 20.11 -34.67 -24.42
CA ILE A 295 21.38 -34.12 -23.99
C ILE A 295 22.03 -34.99 -22.92
N PHE A 296 21.36 -35.20 -21.80
CA PHE A 296 21.88 -36.11 -20.80
C PHE A 296 21.33 -37.52 -21.03
N ARG A 297 21.89 -38.49 -20.33
CA ARG A 297 21.49 -39.89 -20.45
C ARG A 297 20.96 -40.45 -19.13
N LEU A 298 20.25 -39.64 -18.35
CA LEU A 298 19.76 -40.19 -17.10
C LEU A 298 18.55 -41.08 -17.36
N THR A 299 18.23 -41.91 -16.38
CA THR A 299 17.13 -42.86 -16.48
C THR A 299 16.26 -42.76 -15.24
N ASN A 300 15.23 -43.62 -15.21
CA ASN A 300 14.41 -43.85 -14.02
C ASN A 300 14.65 -45.25 -13.47
N PHE A 301 15.79 -45.85 -13.82
CA PHE A 301 16.06 -47.25 -13.46
C PHE A 301 16.24 -47.38 -11.95
N TYR A 302 15.70 -48.45 -11.39
CA TYR A 302 15.74 -48.69 -9.95
C TYR A 302 16.08 -50.16 -9.73
N PRO A 303 17.36 -50.51 -9.59
CA PRO A 303 17.79 -51.91 -9.52
C PRO A 303 17.19 -52.69 -8.35
N SER A 316 22.24 -49.51 -13.77
CA SER A 316 22.57 -48.28 -13.07
C SER A 316 21.38 -47.77 -12.24
N LEU A 317 21.66 -47.00 -11.19
CA LEU A 317 20.61 -46.34 -10.43
C LEU A 317 20.38 -44.94 -11.01
N SER A 318 19.13 -44.65 -11.34
CA SER A 318 18.74 -43.32 -11.82
C SER A 318 19.41 -42.21 -11.00
N GLY A 319 20.09 -41.29 -11.69
CA GLY A 319 20.66 -40.14 -11.00
C GLY A 319 19.62 -39.40 -10.18
N TYR A 320 18.42 -39.23 -10.74
CA TYR A 320 17.34 -38.55 -10.02
C TYR A 320 17.03 -39.24 -8.70
N LEU A 321 16.83 -40.56 -8.75
CA LEU A 321 16.48 -41.30 -7.54
C LEU A 321 17.64 -41.32 -6.56
N TYR A 322 18.87 -41.41 -7.06
CA TYR A 322 20.04 -41.27 -6.18
C TYR A 322 20.03 -39.93 -5.47
N ALA A 323 19.77 -38.84 -6.21
CA ALA A 323 19.78 -37.51 -5.61
C ALA A 323 18.66 -37.34 -4.60
N ILE A 324 17.45 -37.77 -4.96
CA ILE A 324 16.31 -37.63 -4.05
C ILE A 324 16.52 -38.46 -2.79
N LYS A 325 16.96 -39.71 -2.96
CA LYS A 325 17.23 -40.55 -1.80
C LYS A 325 18.23 -39.88 -0.87
N LYS A 326 19.29 -39.28 -1.42
CA LYS A 326 20.30 -38.62 -0.60
C LYS A 326 19.72 -37.40 0.12
N ILE A 327 18.94 -36.59 -0.58
CA ILE A 327 18.34 -35.42 0.08
C ILE A 327 17.43 -35.85 1.21
N LEU A 328 16.60 -36.87 0.98
CA LEU A 328 15.64 -37.29 2.00
C LEU A 328 16.34 -37.94 3.20
N SER A 329 17.53 -38.48 3.00
CA SER A 329 18.26 -39.07 4.12
C SER A 329 18.67 -38.03 5.15
N TRP A 330 18.65 -36.74 4.77
CA TRP A 330 18.96 -35.67 5.71
C TRP A 330 17.87 -35.44 6.73
N LYS A 331 16.65 -35.91 6.46
CA LYS A 331 15.50 -35.73 7.37
C LYS A 331 15.24 -34.24 7.63
N VAL A 332 15.30 -33.46 6.56
CA VAL A 332 14.94 -32.04 6.56
C VAL A 332 13.62 -31.89 5.81
N PRO A 333 12.67 -31.11 6.32
CA PRO A 333 11.42 -30.89 5.58
C PRO A 333 11.72 -30.43 4.17
N THR A 334 11.10 -31.09 3.19
CA THR A 334 11.51 -30.97 1.80
C THR A 334 10.32 -30.80 0.89
N LEU A 335 10.46 -29.87 -0.04
CA LEU A 335 9.50 -29.65 -1.11
C LEU A 335 10.11 -30.21 -2.39
N ILE A 336 9.40 -31.12 -3.05
CA ILE A 336 9.83 -31.70 -4.32
C ILE A 336 8.89 -31.21 -5.42
N LEU A 337 9.46 -30.54 -6.42
CA LEU A 337 8.67 -29.93 -7.49
C LEU A 337 9.03 -30.56 -8.83
N GLY A 338 8.14 -30.36 -9.80
CA GLY A 338 8.39 -30.81 -11.15
C GLY A 338 9.25 -29.82 -11.93
N GLY A 339 8.88 -29.55 -13.17
CA GLY A 339 9.63 -28.66 -14.05
C GLY A 339 9.59 -29.19 -15.49
N GLY A 340 10.73 -29.08 -16.17
CA GLY A 340 10.81 -29.58 -17.53
C GLY A 340 10.55 -31.08 -17.60
N GLY A 341 10.44 -31.56 -18.84
CA GLY A 341 10.17 -32.95 -19.13
C GLY A 341 9.18 -33.05 -20.28
N TYR A 342 9.69 -33.34 -21.48
CA TYR A 342 8.90 -33.17 -22.70
C TYR A 342 8.58 -34.51 -23.34
N ASN A 343 9.04 -35.60 -22.76
CA ASN A 343 8.55 -36.94 -23.07
C ASN A 343 7.55 -37.24 -21.96
N PHE A 344 6.25 -37.04 -22.22
CA PHE A 344 5.28 -37.08 -21.13
C PHE A 344 5.18 -38.46 -20.48
N PRO A 345 5.10 -39.58 -21.21
CA PRO A 345 5.07 -40.88 -20.51
C PRO A 345 6.32 -41.15 -19.68
N ASP A 346 7.51 -40.86 -20.21
CA ASP A 346 8.73 -41.12 -19.46
C ASP A 346 8.86 -40.19 -18.26
N THR A 347 8.34 -38.96 -18.37
CA THR A 347 8.32 -38.08 -17.20
C THR A 347 7.42 -38.67 -16.10
N ALA A 348 6.25 -39.19 -16.49
CA ALA A 348 5.39 -39.86 -15.53
C ALA A 348 6.07 -41.10 -14.96
N ARG A 349 6.76 -41.86 -15.81
CA ARG A 349 7.54 -43.01 -15.33
C ARG A 349 8.55 -42.61 -14.26
N LEU A 350 9.27 -41.51 -14.49
CA LEU A 350 10.27 -41.07 -13.53
C LEU A 350 9.62 -40.54 -12.25
N TRP A 351 8.64 -39.64 -12.38
CA TRP A 351 8.09 -39.02 -11.19
C TRP A 351 7.27 -39.99 -10.36
N THR A 352 6.71 -41.04 -10.99
CA THR A 352 6.06 -42.10 -10.23
C THR A 352 7.07 -42.80 -9.34
N ARG A 353 8.26 -43.10 -9.87
CA ARG A 353 9.30 -43.69 -9.05
C ARG A 353 9.82 -42.72 -8.00
N VAL A 354 9.91 -41.42 -8.30
CA VAL A 354 10.30 -40.48 -7.26
C VAL A 354 9.28 -40.48 -6.14
N THR A 355 7.99 -40.53 -6.51
CA THR A 355 6.94 -40.53 -5.50
C THR A 355 7.01 -41.77 -4.62
N ALA A 356 7.19 -42.94 -5.22
CA ALA A 356 7.31 -44.18 -4.45
C ALA A 356 8.54 -44.17 -3.54
N LEU A 357 9.68 -43.69 -4.06
CA LEU A 357 10.89 -43.57 -3.25
C LEU A 357 10.67 -42.65 -2.06
N THR A 358 9.94 -41.55 -2.26
CA THR A 358 9.70 -40.62 -1.16
C THR A 358 8.85 -41.28 -0.07
N ILE A 359 7.81 -42.02 -0.46
CA ILE A 359 7.01 -42.79 0.49
C ILE A 359 7.91 -43.75 1.28
N GLU A 360 8.75 -44.50 0.57
CA GLU A 360 9.63 -45.46 1.23
C GLU A 360 10.55 -44.78 2.23
N GLU A 361 11.23 -43.72 1.80
CA GLU A 361 12.25 -43.10 2.66
C GLU A 361 11.63 -42.38 3.84
N VAL A 362 10.46 -41.76 3.65
CA VAL A 362 9.88 -40.95 4.72
C VAL A 362 9.09 -41.83 5.69
N LYS A 363 8.20 -42.67 5.15
CA LYS A 363 7.35 -43.50 6.01
C LYS A 363 8.08 -44.74 6.51
N GLY A 364 9.12 -45.20 5.79
CA GLY A 364 9.79 -46.43 6.14
C GLY A 364 9.06 -47.67 5.64
N LYS A 365 8.26 -47.53 4.60
CA LYS A 365 7.34 -48.57 4.18
C LYS A 365 7.63 -48.92 2.72
N LYS A 366 7.95 -50.18 2.47
CA LYS A 366 8.44 -50.58 1.15
C LYS A 366 7.35 -50.48 0.10
N MET A 367 7.66 -49.80 -0.99
CA MET A 367 6.76 -49.68 -2.13
C MET A 367 7.22 -50.66 -3.20
N THR A 368 6.44 -51.72 -3.37
CA THR A 368 6.70 -52.72 -4.41
C THR A 368 5.90 -52.34 -5.65
N ILE A 369 6.61 -52.11 -6.75
CA ILE A 369 6.03 -51.57 -7.98
C ILE A 369 6.28 -52.58 -9.11
N SER A 370 5.22 -52.98 -9.80
CA SER A 370 5.35 -53.95 -10.88
CA SER A 370 5.36 -53.95 -10.87
C SER A 370 6.06 -53.33 -12.08
N PRO A 371 6.89 -54.10 -12.80
CA PRO A 371 7.58 -53.53 -13.99
C PRO A 371 6.65 -53.25 -15.14
N GLU A 372 5.43 -53.78 -15.08
CA GLU A 372 4.40 -53.52 -16.07
C GLU A 372 3.63 -52.27 -15.70
N ILE A 373 3.35 -51.43 -16.69
CA ILE A 373 2.43 -50.32 -16.51
C ILE A 373 1.05 -50.89 -16.27
N PRO A 374 0.42 -50.65 -15.12
CA PRO A 374 -0.93 -51.17 -14.89
C PRO A 374 -1.92 -50.56 -15.86
N GLU A 375 -2.96 -51.33 -16.19
CA GLU A 375 -4.03 -50.80 -17.01
C GLU A 375 -4.71 -49.64 -16.30
N HIS A 376 -4.99 -48.57 -17.06
CA HIS A 376 -5.60 -47.36 -16.54
C HIS A 376 -5.88 -46.45 -17.73
N SER A 377 -6.46 -45.27 -17.43
CA SER A 377 -6.91 -44.34 -18.46
CA SER A 377 -6.91 -44.35 -18.46
C SER A 377 -5.88 -44.15 -19.57
N TYR A 378 -4.64 -43.86 -19.21
CA TYR A 378 -3.62 -43.52 -20.20
C TYR A 378 -2.71 -44.69 -20.55
N PHE A 379 -3.13 -45.93 -20.25
CA PHE A 379 -2.30 -47.09 -20.53
C PHE A 379 -1.75 -47.07 -21.95
N SER A 380 -2.58 -46.69 -22.93
CA SER A 380 -2.17 -46.77 -24.33
C SER A 380 -1.01 -45.84 -24.64
N ARG A 381 -0.82 -44.79 -23.84
CA ARG A 381 0.27 -43.85 -24.05
C ARG A 381 1.63 -44.45 -23.73
N TYR A 382 1.68 -45.63 -23.11
CA TYR A 382 2.91 -46.25 -22.70
C TYR A 382 3.35 -47.37 -23.63
N GLY A 383 2.64 -47.55 -24.74
CA GLY A 383 3.03 -48.52 -25.74
C GLY A 383 4.29 -48.12 -26.50
N PRO A 384 4.87 -49.06 -27.25
CA PRO A 384 4.36 -50.43 -27.41
C PRO A 384 4.84 -51.37 -26.31
N ASP A 385 5.82 -50.93 -25.51
CA ASP A 385 6.43 -51.79 -24.50
C ASP A 385 5.57 -51.93 -23.25
N PHE A 386 4.96 -50.83 -22.81
CA PHE A 386 4.12 -50.81 -21.60
C PHE A 386 4.88 -51.22 -20.33
N GLU A 387 6.17 -50.90 -20.25
CA GLU A 387 6.96 -51.13 -19.06
C GLU A 387 7.26 -49.83 -18.33
N LEU A 388 7.58 -49.94 -17.03
CA LEU A 388 7.86 -48.76 -16.21
C LEU A 388 9.25 -48.18 -16.47
N ASP A 389 10.28 -49.04 -16.60
CA ASP A 389 11.58 -48.57 -17.05
C ASP A 389 11.44 -47.86 -18.38
N ILE A 390 12.12 -46.71 -18.51
CA ILE A 390 12.14 -46.05 -19.80
C ILE A 390 12.87 -46.94 -20.79
N ASP A 391 12.56 -46.74 -22.07
CA ASP A 391 13.12 -47.57 -23.14
C ASP A 391 14.45 -46.98 -23.58
N TYR A 392 15.50 -47.31 -22.82
CA TYR A 392 16.83 -46.82 -23.10
C TYR A 392 17.84 -47.90 -22.72
N PHE A 393 18.78 -48.18 -23.62
CA PHE A 393 19.81 -49.16 -23.36
C PHE A 393 21.13 -48.49 -22.98
N ASP A 403 37.83 -34.77 -15.32
CA ASP A 403 38.80 -33.75 -14.92
C ASP A 403 38.14 -32.38 -14.79
N SER A 404 37.28 -32.06 -15.76
CA SER A 404 36.49 -30.83 -15.64
C SER A 404 35.63 -30.87 -14.39
N ILE A 405 35.06 -32.04 -14.07
CA ILE A 405 34.21 -32.15 -12.90
C ILE A 405 35.03 -32.04 -11.62
N GLN A 406 36.25 -32.56 -11.64
CA GLN A 406 37.13 -32.42 -10.48
C GLN A 406 37.47 -30.95 -10.24
N LYS A 407 37.68 -30.19 -11.31
CA LYS A 407 37.93 -28.76 -11.18
C LYS A 407 36.71 -28.04 -10.60
N HIS A 408 35.50 -28.40 -11.05
CA HIS A 408 34.31 -27.78 -10.48
C HIS A 408 34.15 -28.10 -9.00
N HIS A 409 34.48 -29.34 -8.60
CA HIS A 409 34.40 -29.69 -7.20
C HIS A 409 35.36 -28.85 -6.35
N ARG A 410 36.58 -28.62 -6.84
CA ARG A 410 37.51 -27.78 -6.08
C ARG A 410 37.03 -26.34 -6.03
N ARG A 411 36.47 -25.84 -7.13
CA ARG A 411 35.90 -24.50 -7.14
C ARG A 411 34.72 -24.39 -6.18
N ILE A 412 33.82 -25.38 -6.21
CA ILE A 412 32.61 -25.32 -5.40
C ILE A 412 32.94 -25.48 -3.92
N LEU A 413 33.94 -26.30 -3.60
CA LEU A 413 34.37 -26.44 -2.21
C LEU A 413 34.94 -25.13 -1.68
N GLU A 414 35.77 -24.47 -2.48
CA GLU A 414 36.30 -23.16 -2.10
C GLU A 414 35.16 -22.15 -1.92
N GLN A 415 34.18 -22.15 -2.81
CA GLN A 415 33.07 -21.22 -2.67
C GLN A 415 32.28 -21.50 -1.39
N LEU A 416 32.10 -22.78 -1.06
CA LEU A 416 31.37 -23.13 0.14
C LEU A 416 32.13 -22.72 1.40
N ARG A 417 33.46 -22.86 1.37
CA ARG A 417 34.27 -22.32 2.46
C ARG A 417 34.09 -20.82 2.57
N ASN A 418 34.10 -20.11 1.43
CA ASN A 418 33.94 -18.66 1.45
C ASN A 418 32.57 -18.27 1.98
N TYR A 419 31.53 -19.02 1.59
CA TYR A 419 30.18 -18.80 2.10
C TYR A 419 30.13 -18.99 3.61
N ALA A 420 30.72 -20.07 4.11
CA ALA A 420 30.68 -20.31 5.55
C ALA A 420 31.44 -19.23 6.30
N ASP A 421 32.61 -18.83 5.80
CA ASP A 421 33.37 -17.76 6.44
C ASP A 421 32.55 -16.48 6.49
N LEU A 422 32.04 -16.05 5.33
CA LEU A 422 31.31 -14.78 5.27
C LEU A 422 30.07 -14.80 6.16
N ASN A 423 29.44 -15.96 6.33
CA ASN A 423 28.22 -16.06 7.12
C ASN A 423 28.45 -16.66 8.50
N LYS A 424 29.71 -16.79 8.92
CA LYS A 424 30.06 -17.22 10.28
C LYS A 424 29.43 -18.56 10.64
N LEU A 425 29.41 -19.48 9.67
CA LEU A 425 28.92 -20.83 9.89
C LEU A 425 30.10 -21.71 10.31
N ILE A 426 30.00 -22.29 11.51
CA ILE A 426 31.03 -23.18 12.02
C ILE A 426 30.87 -24.54 11.35
N TYR A 427 31.96 -25.03 10.76
CA TYR A 427 31.92 -26.30 10.05
C TYR A 427 33.30 -26.92 10.08
N ASP A 428 33.35 -28.24 9.91
CA ASP A 428 34.59 -29.00 9.96
C ASP A 428 35.13 -29.17 8.55
N TYR A 429 36.21 -28.43 8.23
CA TYR A 429 36.72 -28.39 6.87
C TYR A 429 37.19 -29.76 6.39
N ASP A 430 37.92 -30.49 7.23
CA ASP A 430 38.46 -31.76 6.77
C ASP A 430 37.35 -32.74 6.42
N GLN A 431 36.30 -32.81 7.25
CA GLN A 431 35.19 -33.70 6.97
C GLN A 431 34.51 -33.37 5.64
N VAL A 432 34.34 -32.07 5.36
CA VAL A 432 33.72 -31.67 4.10
C VAL A 432 34.63 -32.00 2.93
N TYR A 433 35.94 -31.82 3.10
CA TYR A 433 36.86 -32.17 2.03
C TYR A 433 36.85 -33.67 1.75
N GLN A 434 36.72 -34.50 2.79
CA GLN A 434 36.73 -35.94 2.57
C GLN A 434 35.58 -36.41 1.68
N LEU A 435 34.49 -35.64 1.61
CA LEU A 435 33.35 -36.04 0.80
C LEU A 435 33.70 -36.13 -0.69
N TYR A 436 34.68 -35.36 -1.13
CA TYR A 436 35.03 -35.33 -2.55
C TYR A 436 36.20 -36.26 -2.88
N SER B 3 -47.44 -19.03 8.88
CA SER B 3 -46.58 -18.21 9.71
C SER B 3 -45.22 -18.05 9.04
N VAL B 4 -44.40 -17.17 9.59
CA VAL B 4 -42.97 -17.14 9.30
C VAL B 4 -42.27 -17.89 10.41
N GLY B 5 -41.59 -18.98 10.07
CA GLY B 5 -40.88 -19.75 11.06
C GLY B 5 -39.43 -19.34 11.15
N ILE B 6 -38.83 -19.61 12.31
CA ILE B 6 -37.39 -19.41 12.49
C ILE B 6 -36.84 -20.54 13.35
N VAL B 7 -35.72 -21.11 12.92
CA VAL B 7 -35.14 -22.26 13.61
C VAL B 7 -34.34 -21.76 14.81
N TYR B 8 -34.69 -22.24 16.00
CA TYR B 8 -33.84 -21.97 17.16
CA TYR B 8 -33.95 -21.88 17.20
C TYR B 8 -34.22 -22.92 18.29
N GLY B 9 -33.35 -22.95 19.27
CA GLY B 9 -33.48 -23.82 20.44
C GLY B 9 -32.27 -23.58 21.30
N ASP B 10 -32.39 -23.98 22.57
CA ASP B 10 -31.30 -23.74 23.52
C ASP B 10 -30.06 -24.54 23.14
N GLN B 11 -30.21 -25.85 22.96
CA GLN B 11 -29.07 -26.65 22.54
C GLN B 11 -28.61 -26.24 21.15
N TYR B 12 -29.55 -25.97 20.24
CA TYR B 12 -29.19 -25.53 18.90
C TYR B 12 -28.28 -24.30 18.97
N ARG B 13 -28.64 -23.35 19.82
CA ARG B 13 -27.84 -22.13 19.93
C ARG B 13 -26.44 -22.46 20.41
N GLN B 14 -26.33 -23.33 21.42
CA GLN B 14 -25.00 -23.66 21.94
C GLN B 14 -24.16 -24.34 20.87
N LEU B 15 -24.75 -25.24 20.09
CA LEU B 15 -23.97 -25.94 19.07
C LEU B 15 -23.60 -25.00 17.92
N CYS B 16 -24.54 -24.15 17.49
CA CYS B 16 -24.20 -23.17 16.45
C CYS B 16 -23.12 -22.18 16.89
N CYS B 17 -22.90 -22.03 18.19
CA CYS B 17 -21.88 -21.14 18.69
C CYS B 17 -20.62 -21.85 19.15
N SER B 18 -20.44 -23.13 18.77
CA SER B 18 -19.36 -23.92 19.31
C SER B 18 -18.17 -24.05 18.36
N SER B 19 -18.22 -23.39 17.16
CA SER B 19 -17.09 -23.57 16.24
C SER B 19 -16.07 -22.45 16.39
N PRO B 20 -14.81 -22.75 16.08
CA PRO B 20 -13.78 -21.70 16.12
C PRO B 20 -14.00 -20.60 15.07
N LYS B 21 -14.48 -20.94 13.88
CA LYS B 21 -14.52 -19.93 12.83
C LYS B 21 -15.70 -19.00 13.01
N PHE B 22 -16.86 -19.52 13.39
CA PHE B 22 -18.02 -18.64 13.47
C PHE B 22 -18.35 -18.22 14.89
N GLY B 23 -17.55 -18.63 15.88
CA GLY B 23 -17.69 -18.13 17.23
C GLY B 23 -19.14 -18.00 17.68
N ASP B 24 -19.50 -16.84 18.24
CA ASP B 24 -20.85 -16.61 18.75
C ASP B 24 -21.73 -15.85 17.76
N ARG B 25 -21.41 -15.88 16.47
CA ARG B 25 -22.18 -15.10 15.50
C ARG B 25 -23.67 -15.41 15.59
N TYR B 26 -24.02 -16.68 15.70
CA TYR B 26 -25.44 -17.05 15.71
C TYR B 26 -26.17 -16.43 16.90
N ALA B 27 -25.50 -16.38 18.05
CA ALA B 27 -26.11 -15.75 19.24
C ALA B 27 -26.33 -14.27 19.01
N LEU B 28 -25.38 -13.57 18.39
CA LEU B 28 -25.61 -12.15 18.11
C LEU B 28 -26.80 -11.98 17.19
N VAL B 29 -26.90 -12.82 16.15
CA VAL B 29 -27.99 -12.71 15.20
C VAL B 29 -29.32 -12.91 15.89
N MET B 30 -29.46 -14.03 16.60
CA MET B 30 -30.74 -14.35 17.23
C MET B 30 -31.06 -13.36 18.34
N ASP B 31 -30.05 -12.89 19.09
CA ASP B 31 -30.34 -11.96 20.17
C ASP B 31 -30.69 -10.57 19.65
N LEU B 32 -30.14 -10.16 18.50
CA LEU B 32 -30.55 -8.87 17.96
C LEU B 32 -31.96 -8.94 17.42
N ILE B 33 -32.32 -10.07 16.81
CA ILE B 33 -33.70 -10.30 16.39
C ILE B 33 -34.62 -10.24 17.61
N ASN B 34 -34.19 -10.85 18.71
CA ASN B 34 -34.95 -10.82 19.94
C ASN B 34 -35.00 -9.41 20.53
N ALA B 35 -33.89 -8.67 20.47
CA ALA B 35 -33.87 -7.32 21.05
C ALA B 35 -34.80 -6.36 20.33
N TYR B 36 -34.97 -6.53 19.02
CA TYR B 36 -35.90 -5.73 18.24
C TYR B 36 -37.33 -6.24 18.33
N LYS B 37 -37.59 -7.18 19.25
CA LYS B 37 -38.95 -7.67 19.55
C LYS B 37 -39.59 -8.38 18.36
N LEU B 38 -38.78 -9.04 17.54
CA LEU B 38 -39.31 -9.79 16.41
C LEU B 38 -39.67 -11.24 16.78
N ILE B 39 -39.09 -11.78 17.85
CA ILE B 39 -39.30 -13.20 18.17
C ILE B 39 -40.77 -13.52 18.39
N PRO B 40 -41.58 -12.68 19.05
CA PRO B 40 -43.01 -13.01 19.18
C PRO B 40 -43.76 -13.02 17.87
N GLU B 41 -43.20 -12.47 16.79
CA GLU B 41 -43.87 -12.52 15.49
C GLU B 41 -43.59 -13.83 14.76
N LEU B 42 -42.65 -14.62 15.24
CA LEU B 42 -42.14 -15.77 14.51
C LEU B 42 -42.54 -17.06 15.21
N SER B 43 -42.75 -18.08 14.39
CA SER B 43 -43.02 -19.44 14.85
C SER B 43 -41.69 -20.16 15.05
N ARG B 44 -41.43 -20.63 16.28
CA ARG B 44 -40.19 -21.37 16.49
C ARG B 44 -40.29 -22.75 15.85
N VAL B 45 -39.33 -23.05 14.98
CA VAL B 45 -39.23 -24.35 14.31
C VAL B 45 -38.13 -25.14 15.02
N PRO B 46 -38.45 -26.22 15.73
CA PRO B 46 -37.43 -26.94 16.47
C PRO B 46 -36.58 -27.78 15.53
N PRO B 47 -35.28 -27.84 15.79
CA PRO B 47 -34.40 -28.71 14.97
C PRO B 47 -34.86 -30.16 15.03
N LEU B 48 -34.78 -30.82 13.89
CA LEU B 48 -35.14 -32.23 13.80
C LEU B 48 -34.23 -33.08 14.66
N GLN B 49 -34.82 -34.01 15.41
CA GLN B 49 -34.03 -35.05 16.06
C GLN B 49 -34.54 -36.42 15.64
N TRP B 50 -33.72 -37.45 15.85
CA TRP B 50 -34.01 -38.75 15.26
C TRP B 50 -34.26 -39.83 16.31
N ASP B 51 -34.87 -40.92 15.85
CA ASP B 51 -35.22 -42.06 16.68
C ASP B 51 -34.03 -42.93 17.06
N SER B 52 -32.91 -42.81 16.36
CA SER B 52 -31.79 -43.72 16.56
C SER B 52 -30.61 -43.21 15.75
N PRO B 53 -29.40 -43.68 16.07
CA PRO B 53 -28.26 -43.39 15.19
C PRO B 53 -28.51 -43.82 13.75
N SER B 54 -29.17 -44.97 13.53
CA SER B 54 -29.38 -45.43 12.17
C SER B 54 -30.27 -44.47 11.39
N ARG B 55 -31.30 -43.94 12.03
CA ARG B 55 -32.18 -42.98 11.36
C ARG B 55 -31.44 -41.69 11.04
N MET B 56 -30.55 -41.26 11.92
CA MET B 56 -29.73 -40.09 11.65
C MET B 56 -28.83 -40.33 10.44
N TYR B 57 -28.18 -41.49 10.38
CA TYR B 57 -27.32 -41.79 9.24
C TYR B 57 -28.12 -41.88 7.95
N GLU B 58 -29.31 -42.46 8.01
CA GLU B 58 -30.15 -42.53 6.83
C GLU B 58 -30.45 -41.14 6.30
N ALA B 59 -30.67 -40.17 7.19
CA ALA B 59 -30.96 -38.80 6.77
C ALA B 59 -29.72 -38.13 6.18
N VAL B 60 -28.59 -38.20 6.87
CA VAL B 60 -27.41 -37.48 6.40
C VAL B 60 -26.86 -38.13 5.13
N THR B 61 -26.88 -39.47 5.05
CA THR B 61 -26.33 -40.13 3.88
C THR B 61 -27.29 -40.16 2.71
N ALA B 62 -28.45 -39.49 2.82
CA ALA B 62 -29.20 -39.14 1.62
C ALA B 62 -28.31 -38.39 0.64
N PHE B 63 -27.33 -37.62 1.13
CA PHE B 63 -26.36 -36.97 0.27
C PHE B 63 -24.93 -37.43 0.54
N HIS B 64 -24.47 -37.37 1.78
CA HIS B 64 -23.07 -37.66 2.06
C HIS B 64 -22.82 -39.16 2.06
N SER B 65 -21.57 -39.55 1.80
CA SER B 65 -21.23 -40.95 1.88
C SER B 65 -21.15 -41.41 3.34
N THR B 66 -21.46 -42.69 3.56
CA THR B 66 -21.34 -43.25 4.89
C THR B 66 -19.92 -43.09 5.44
N GLU B 67 -18.91 -43.29 4.58
CA GLU B 67 -17.54 -43.25 5.05
C GLU B 67 -17.13 -41.84 5.46
N TYR B 68 -17.69 -40.82 4.79
CA TYR B 68 -17.39 -39.44 5.18
C TYR B 68 -18.06 -39.10 6.51
N VAL B 69 -19.31 -39.52 6.71
CA VAL B 69 -19.98 -39.28 7.99
C VAL B 69 -19.23 -39.99 9.11
N ASP B 70 -18.82 -41.24 8.86
CA ASP B 70 -18.02 -41.97 9.85
C ASP B 70 -16.78 -41.16 10.22
N ALA B 71 -16.07 -40.64 9.22
CA ALA B 71 -14.82 -39.94 9.51
C ALA B 71 -15.08 -38.66 10.27
N LEU B 72 -16.13 -37.92 9.91
CA LEU B 72 -16.48 -36.69 10.63
C LEU B 72 -16.81 -36.99 12.09
N LYS B 73 -17.54 -38.07 12.33
CA LYS B 73 -17.83 -38.46 13.71
C LYS B 73 -16.56 -38.88 14.44
N LYS B 74 -15.67 -39.58 13.74
CA LYS B 74 -14.40 -39.97 14.35
C LYS B 74 -13.54 -38.75 14.67
N LEU B 75 -13.52 -37.76 13.76
CA LEU B 75 -12.76 -36.54 14.03
C LEU B 75 -13.20 -35.88 15.32
N GLN B 76 -14.52 -35.78 15.54
CA GLN B 76 -15.00 -35.19 16.79
C GLN B 76 -14.55 -36.00 17.99
N MET B 77 -14.68 -37.33 17.91
CA MET B 77 -14.24 -38.18 19.02
C MET B 77 -12.77 -37.98 19.32
N LEU B 78 -11.93 -37.89 18.28
CA LEU B 78 -10.50 -37.73 18.52
C LEU B 78 -10.21 -36.39 19.18
N HIS B 79 -10.95 -35.35 18.79
CA HIS B 79 -10.70 -34.04 19.38
C HIS B 79 -11.22 -33.93 20.81
N CYS B 80 -12.17 -34.77 21.19
CA CYS B 80 -12.59 -34.80 22.59
C CYS B 80 -11.66 -35.57 23.48
N GLU B 81 -10.64 -36.22 22.92
CA GLU B 81 -9.70 -36.99 23.73
C GLU B 81 -8.26 -36.60 23.43
N GLU B 84 -3.59 -37.12 20.45
CA GLU B 84 -2.91 -36.95 19.18
C GLU B 84 -3.35 -38.02 18.18
N LEU B 85 -3.53 -37.63 16.93
CA LEU B 85 -3.93 -38.56 15.89
C LEU B 85 -2.75 -39.43 15.46
N THR B 86 -3.07 -40.68 15.10
CA THR B 86 -2.09 -41.55 14.49
C THR B 86 -1.90 -41.15 13.02
N ALA B 87 -0.81 -41.65 12.43
CA ALA B 87 -0.53 -41.32 11.04
C ALA B 87 -1.64 -41.83 10.12
N ASP B 88 -2.20 -43.00 10.44
CA ASP B 88 -3.32 -43.52 9.64
C ASP B 88 -4.56 -42.67 9.80
N ASP B 89 -4.82 -42.14 10.99
CA ASP B 89 -5.98 -41.26 11.17
C ASP B 89 -5.78 -39.94 10.44
N GLU B 90 -4.54 -39.44 10.42
CA GLU B 90 -4.28 -38.22 9.66
C GLU B 90 -4.61 -38.43 8.18
N LEU B 91 -4.11 -39.52 7.59
CA LEU B 91 -4.38 -39.79 6.18
C LEU B 91 -5.87 -39.94 5.92
N LEU B 92 -6.58 -40.64 6.83
CA LEU B 92 -8.01 -40.78 6.68
C LEU B 92 -8.69 -39.42 6.62
N MET B 93 -8.36 -38.55 7.58
CA MET B 93 -8.97 -37.23 7.60
C MET B 93 -8.59 -36.42 6.36
N ASP B 94 -7.33 -36.52 5.92
CA ASP B 94 -6.92 -35.82 4.70
C ASP B 94 -7.68 -36.32 3.48
N SER B 95 -8.06 -37.61 3.47
CA SER B 95 -8.77 -38.15 2.31
C SER B 95 -10.16 -37.54 2.15
N PHE B 96 -10.68 -36.90 3.19
CA PHE B 96 -11.97 -36.21 3.17
C PHE B 96 -11.83 -34.70 3.31
N SER B 97 -10.61 -34.17 3.22
CA SER B 97 -10.32 -32.74 3.36
C SER B 97 -10.74 -32.22 4.74
N LEU B 98 -10.64 -33.08 5.76
CA LEU B 98 -10.90 -32.67 7.13
C LEU B 98 -9.57 -32.20 7.74
N ASN B 99 -9.13 -31.04 7.25
CA ASN B 99 -7.84 -30.47 7.60
C ASN B 99 -7.82 -29.00 7.20
N TYR B 100 -6.71 -28.34 7.55
CA TYR B 100 -6.45 -26.96 7.15
C TYR B 100 -7.63 -26.06 7.48
N ASP B 101 -8.33 -25.55 6.46
CA ASP B 101 -9.44 -24.64 6.72
C ASP B 101 -10.75 -25.36 7.06
N CYS B 102 -10.73 -26.69 7.15
CA CYS B 102 -11.85 -27.46 7.70
C CYS B 102 -11.34 -28.32 8.86
N PRO B 103 -10.79 -27.70 9.91
CA PRO B 103 -10.16 -28.47 10.97
C PRO B 103 -11.17 -29.18 11.85
N GLY B 104 -10.66 -30.15 12.59
CA GLY B 104 -11.43 -30.71 13.66
C GLY B 104 -11.50 -29.78 14.85
N PHE B 105 -12.52 -30.00 15.66
CA PHE B 105 -12.63 -29.38 16.98
C PHE B 105 -13.59 -30.24 17.79
N PRO B 106 -13.68 -30.02 19.11
CA PRO B 106 -14.41 -30.99 19.94
C PRO B 106 -15.87 -31.17 19.59
N SER B 107 -16.53 -30.19 18.96
CA SER B 107 -17.94 -30.32 18.60
C SER B 107 -18.17 -30.40 17.10
N VAL B 108 -17.15 -30.74 16.31
CA VAL B 108 -17.25 -30.53 14.87
C VAL B 108 -18.42 -31.31 14.27
N PHE B 109 -18.67 -32.53 14.76
CA PHE B 109 -19.80 -33.28 14.20
C PHE B 109 -21.11 -32.72 14.70
N ASP B 110 -21.21 -32.47 16.01
CA ASP B 110 -22.46 -31.95 16.58
C ASP B 110 -22.80 -30.60 15.94
N TYR B 111 -21.79 -29.78 15.71
CA TYR B 111 -21.97 -28.47 15.10
C TYR B 111 -22.50 -28.58 13.68
N SER B 112 -21.87 -29.41 12.85
CA SER B 112 -22.29 -29.54 11.45
CA SER B 112 -22.31 -29.49 11.46
C SER B 112 -23.65 -30.21 11.34
N LEU B 113 -23.88 -31.23 12.16
CA LEU B 113 -25.17 -31.92 12.14
C LEU B 113 -26.30 -30.99 12.57
N ALA B 114 -26.02 -30.09 13.51
CA ALA B 114 -27.06 -29.17 13.97
C ALA B 114 -27.64 -28.38 12.82
N ALA B 115 -26.79 -27.86 11.90
CA ALA B 115 -27.33 -27.12 10.77
C ALA B 115 -28.24 -27.99 9.91
N VAL B 116 -27.87 -29.26 9.74
CA VAL B 116 -28.73 -30.22 9.04
C VAL B 116 -30.05 -30.38 9.77
N GLN B 117 -30.00 -30.55 11.09
CA GLN B 117 -31.22 -30.72 11.88
C GLN B 117 -32.13 -29.52 11.70
N GLY B 118 -31.55 -28.31 11.69
CA GLY B 118 -32.34 -27.10 11.55
C GLY B 118 -32.93 -26.97 10.16
N SER B 119 -32.13 -27.21 9.12
CA SER B 119 -32.65 -26.99 7.79
C SER B 119 -33.61 -28.09 7.35
N LEU B 120 -33.44 -29.32 7.82
CA LEU B 120 -34.42 -30.36 7.52
C LEU B 120 -35.75 -30.08 8.23
N ALA B 121 -35.69 -29.63 9.47
CA ALA B 121 -36.91 -29.25 10.16
C ALA B 121 -37.61 -28.11 9.43
N ALA B 122 -36.83 -27.15 8.92
CA ALA B 122 -37.40 -26.02 8.20
C ALA B 122 -38.11 -26.49 6.93
N ALA B 123 -37.48 -27.40 6.19
CA ALA B 123 -38.10 -27.98 5.00
C ALA B 123 -39.42 -28.66 5.35
N SER B 124 -39.42 -29.45 6.43
CA SER B 124 -40.65 -30.15 6.83
C SER B 124 -41.75 -29.17 7.19
N ALA B 125 -41.40 -28.06 7.86
CA ALA B 125 -42.39 -27.06 8.21
C ALA B 125 -43.01 -26.42 6.97
N LEU B 126 -42.24 -26.32 5.87
CA LEU B 126 -42.82 -25.80 4.63
C LEU B 126 -43.69 -26.85 3.96
N ILE B 127 -43.25 -28.10 3.96
CA ILE B 127 -43.99 -29.17 3.27
C ILE B 127 -45.38 -29.33 3.86
N CYS B 128 -45.48 -29.36 5.20
CA CYS B 128 -46.80 -29.55 5.81
C CYS B 128 -47.58 -28.25 5.89
N ARG B 129 -47.04 -27.16 5.35
CA ARG B 129 -47.69 -25.85 5.26
C ARG B 129 -47.92 -25.21 6.63
N HIS B 130 -47.15 -25.60 7.64
CA HIS B 130 -47.19 -24.90 8.92
C HIS B 130 -46.67 -23.47 8.77
N CYS B 131 -45.63 -23.30 7.94
CA CYS B 131 -45.00 -22.01 7.71
C CYS B 131 -44.97 -21.72 6.21
N GLU B 132 -45.19 -20.45 5.85
CA GLU B 132 -45.04 -20.05 4.48
C GLU B 132 -43.59 -19.74 4.14
N VAL B 133 -42.83 -19.28 5.14
CA VAL B 133 -41.39 -19.08 5.02
C VAL B 133 -40.78 -19.61 6.30
N VAL B 134 -39.58 -20.19 6.20
CA VAL B 134 -38.79 -20.53 7.39
C VAL B 134 -37.38 -19.98 7.22
N ILE B 135 -36.88 -19.35 8.27
CA ILE B 135 -35.54 -18.79 8.33
C ILE B 135 -34.67 -19.70 9.19
N ASN B 136 -33.48 -20.05 8.71
CA ASN B 136 -32.52 -20.77 9.55
C ASN B 136 -31.17 -20.06 9.46
N TRP B 137 -30.87 -19.20 10.44
CA TRP B 137 -29.62 -18.45 10.45
C TRP B 137 -28.44 -19.29 10.92
N GLY B 138 -28.68 -20.53 11.32
CA GLY B 138 -27.63 -21.49 11.59
C GLY B 138 -27.28 -22.39 10.43
N GLY B 139 -27.98 -22.28 9.30
CA GLY B 139 -27.74 -23.11 8.15
C GLY B 139 -27.17 -22.33 6.98
N GLY B 140 -27.07 -23.00 5.83
CA GLY B 140 -26.58 -22.37 4.62
C GLY B 140 -25.17 -22.75 4.20
N TRP B 141 -24.73 -23.97 4.51
CA TRP B 141 -23.33 -24.36 4.33
C TRP B 141 -23.13 -24.99 2.96
N HIS B 142 -22.97 -24.13 1.95
CA HIS B 142 -23.15 -24.51 0.55
C HIS B 142 -21.95 -25.22 -0.07
N HIS B 143 -20.78 -25.22 0.58
CA HIS B 143 -19.58 -25.77 -0.04
C HIS B 143 -19.38 -27.26 0.18
N ALA B 144 -20.03 -27.86 1.18
CA ALA B 144 -19.72 -29.25 1.53
C ALA B 144 -20.14 -30.20 0.40
N LYS B 145 -19.31 -31.20 0.12
CA LYS B 145 -19.56 -32.16 -0.94
C LYS B 145 -19.90 -33.52 -0.35
N ARG B 146 -20.31 -34.45 -1.22
CA ARG B 146 -20.73 -35.77 -0.79
C ARG B 146 -19.72 -36.40 0.16
N SER B 147 -18.43 -36.31 -0.17
CA SER B 147 -17.37 -36.91 0.65
C SER B 147 -16.25 -35.94 0.92
N GLU B 148 -16.56 -34.65 1.11
CA GLU B 148 -15.47 -33.70 1.26
C GLU B 148 -15.97 -32.47 2.00
N ALA B 149 -15.26 -32.09 3.07
CA ALA B 149 -15.49 -30.80 3.69
C ALA B 149 -14.82 -29.70 2.88
N SER B 150 -15.41 -28.51 2.89
CA SER B 150 -14.83 -27.41 2.10
C SER B 150 -15.32 -26.08 2.65
N GLY B 151 -14.40 -25.12 2.74
CA GLY B 151 -14.80 -23.75 3.12
C GLY B 151 -15.49 -23.66 4.47
N PHE B 152 -15.01 -24.42 5.46
CA PHE B 152 -15.64 -24.59 6.77
C PHE B 152 -17.08 -25.06 6.70
N CYS B 153 -17.43 -25.72 5.60
CA CYS B 153 -18.71 -26.44 5.47
C CYS B 153 -18.42 -27.93 5.57
N TYR B 154 -18.99 -28.59 6.57
CA TYR B 154 -18.72 -30.00 6.79
C TYR B 154 -19.87 -30.90 6.35
N LEU B 155 -21.11 -30.47 6.55
CA LEU B 155 -22.30 -31.16 6.06
C LEU B 155 -23.14 -30.16 5.30
N ASN B 156 -23.71 -30.59 4.17
CA ASN B 156 -24.46 -29.68 3.32
C ASN B 156 -25.92 -29.74 3.71
N ASP B 157 -26.29 -28.91 4.69
CA ASP B 157 -27.68 -28.83 5.12
C ASP B 157 -28.58 -28.37 3.98
N ILE B 158 -28.06 -27.57 3.05
CA ILE B 158 -28.88 -27.06 1.96
C ILE B 158 -29.30 -28.19 1.02
N VAL B 159 -28.32 -28.98 0.59
CA VAL B 159 -28.65 -30.11 -0.29
C VAL B 159 -29.65 -31.03 0.38
N LEU B 160 -29.46 -31.33 1.67
CA LEU B 160 -30.37 -32.25 2.33
C LEU B 160 -31.76 -31.65 2.45
N ALA B 161 -31.86 -30.35 2.74
CA ALA B 161 -33.16 -29.71 2.81
C ALA B 161 -33.84 -29.68 1.45
N ILE B 162 -33.07 -29.41 0.38
CA ILE B 162 -33.66 -29.37 -0.95
C ILE B 162 -34.13 -30.75 -1.35
N HIS B 163 -33.34 -31.79 -1.06
CA HIS B 163 -33.76 -33.15 -1.36
C HIS B 163 -35.08 -33.48 -0.68
N ARG B 164 -35.23 -33.07 0.58
CA ARG B 164 -36.49 -33.31 1.26
C ARG B 164 -37.64 -32.60 0.56
N LEU B 165 -37.43 -31.35 0.15
CA LEU B 165 -38.47 -30.58 -0.54
C LEU B 165 -38.82 -31.20 -1.89
N VAL B 166 -37.82 -31.45 -2.73
CA VAL B 166 -38.09 -31.89 -4.09
C VAL B 166 -38.71 -33.28 -4.13
N SER B 167 -38.56 -34.07 -3.06
CA SER B 167 -39.14 -35.41 -3.04
C SER B 167 -40.48 -35.44 -2.32
N SER B 168 -41.00 -34.29 -1.88
CA SER B 168 -42.31 -34.24 -1.25
C SER B 168 -43.41 -34.18 -2.29
N THR B 169 -44.59 -34.69 -1.92
CA THR B 169 -45.74 -34.69 -2.82
C THR B 169 -46.41 -33.33 -2.87
N GLN B 178 -42.82 -32.83 -11.44
CA GLN B 178 -43.72 -31.70 -11.27
C GLN B 178 -43.26 -30.79 -10.14
N THR B 179 -42.81 -31.37 -9.03
CA THR B 179 -42.25 -30.56 -7.94
C THR B 179 -40.85 -30.12 -8.34
N ARG B 180 -40.65 -28.80 -8.40
CA ARG B 180 -39.35 -28.23 -8.72
CA ARG B 180 -39.35 -28.22 -8.73
C ARG B 180 -38.95 -27.25 -7.64
N VAL B 181 -37.65 -27.19 -7.36
CA VAL B 181 -37.10 -26.25 -6.39
C VAL B 181 -36.19 -25.27 -7.12
N LEU B 182 -36.32 -23.99 -6.79
CA LEU B 182 -35.35 -23.00 -7.24
C LEU B 182 -34.44 -22.63 -6.07
N TYR B 183 -33.15 -22.88 -6.23
CA TYR B 183 -32.15 -22.50 -5.25
C TYR B 183 -31.49 -21.20 -5.68
N VAL B 184 -31.45 -20.22 -4.77
CA VAL B 184 -30.86 -18.92 -5.05
C VAL B 184 -29.76 -18.70 -4.03
N ASP B 185 -28.53 -18.50 -4.51
CA ASP B 185 -27.36 -18.37 -3.64
C ASP B 185 -26.82 -16.95 -3.75
N LEU B 186 -27.02 -16.15 -2.70
CA LEU B 186 -26.63 -14.75 -2.68
C LEU B 186 -25.28 -14.50 -2.00
N ASP B 187 -24.64 -15.55 -1.48
CA ASP B 187 -23.34 -15.45 -0.83
C ASP B 187 -22.33 -14.85 -1.79
N LEU B 188 -21.32 -14.18 -1.22
CA LEU B 188 -20.19 -13.70 -2.03
C LEU B 188 -19.55 -14.81 -2.84
N HIS B 189 -19.60 -16.05 -2.34
CA HIS B 189 -18.93 -17.18 -2.96
C HIS B 189 -19.88 -18.03 -3.79
N HIS B 190 -19.32 -18.71 -4.78
CA HIS B 190 -20.09 -19.63 -5.61
C HIS B 190 -20.62 -20.80 -4.79
N GLY B 191 -21.91 -21.07 -4.93
CA GLY B 191 -22.52 -22.20 -4.26
C GLY B 191 -22.18 -23.53 -4.92
N ASP B 192 -20.91 -23.94 -4.85
CA ASP B 192 -20.45 -25.05 -5.67
C ASP B 192 -20.98 -26.39 -5.18
N GLY B 193 -21.09 -26.58 -3.87
CA GLY B 193 -21.54 -27.88 -3.36
C GLY B 193 -22.98 -28.17 -3.74
N VAL B 194 -23.85 -27.16 -3.63
CA VAL B 194 -25.25 -27.34 -3.99
C VAL B 194 -25.39 -27.53 -5.50
N GLU B 195 -24.65 -26.73 -6.27
CA GLU B 195 -24.70 -26.88 -7.72
C GLU B 195 -24.26 -28.28 -8.14
N GLU B 196 -23.18 -28.77 -7.52
CA GLU B 196 -22.66 -30.08 -7.89
C GLU B 196 -23.64 -31.19 -7.55
N ALA B 197 -24.26 -31.12 -6.37
CA ALA B 197 -25.21 -32.15 -5.96
C ALA B 197 -26.34 -32.31 -6.98
N PHE B 198 -26.76 -31.22 -7.62
CA PHE B 198 -27.93 -31.26 -8.49
C PHE B 198 -27.57 -31.04 -9.95
N TRP B 199 -26.29 -31.24 -10.30
CA TRP B 199 -25.78 -30.98 -11.64
C TRP B 199 -26.54 -31.76 -12.71
N TYR B 200 -27.03 -32.95 -12.36
CA TYR B 200 -27.75 -33.81 -13.28
C TYR B 200 -29.26 -33.80 -13.04
N SER B 201 -29.75 -32.88 -12.19
CA SER B 201 -31.13 -32.90 -11.75
C SER B 201 -31.89 -31.72 -12.32
N PRO B 202 -32.79 -31.91 -13.28
CA PRO B 202 -33.54 -30.77 -13.81
C PRO B 202 -34.53 -30.19 -12.81
N ARG B 203 -34.95 -30.96 -11.81
CA ARG B 203 -36.00 -30.47 -10.94
C ARG B 203 -35.47 -29.58 -9.82
N VAL B 204 -34.17 -29.44 -9.66
CA VAL B 204 -33.56 -28.45 -8.77
C VAL B 204 -32.75 -27.52 -9.63
N VAL B 205 -33.26 -26.32 -9.89
CA VAL B 205 -32.53 -25.32 -10.65
C VAL B 205 -31.72 -24.50 -9.66
N THR B 206 -30.41 -24.43 -9.86
CA THR B 206 -29.54 -23.65 -8.98
C THR B 206 -29.14 -22.37 -9.67
N PHE B 207 -29.09 -21.27 -8.90
CA PHE B 207 -28.67 -19.97 -9.42
C PHE B 207 -27.80 -19.32 -8.37
N SER B 208 -26.54 -19.11 -8.69
CA SER B 208 -25.60 -18.46 -7.77
C SER B 208 -25.11 -17.18 -8.41
N VAL B 209 -25.19 -16.08 -7.66
CA VAL B 209 -24.50 -14.83 -8.00
C VAL B 209 -23.36 -14.67 -7.01
N HIS B 210 -22.19 -14.27 -7.48
CA HIS B 210 -21.00 -14.35 -6.62
C HIS B 210 -19.86 -13.58 -7.26
N HIS B 211 -18.82 -13.34 -6.47
CA HIS B 211 -17.57 -12.89 -7.05
C HIS B 211 -16.82 -14.10 -7.60
N ALA B 212 -16.14 -13.90 -8.73
CA ALA B 212 -15.22 -14.89 -9.22
C ALA B 212 -14.04 -14.17 -9.83
N SER B 213 -12.84 -14.65 -9.54
CA SER B 213 -11.61 -14.12 -10.11
C SER B 213 -10.49 -15.14 -9.84
N PRO B 214 -9.37 -15.03 -10.56
CA PRO B 214 -8.32 -16.06 -10.44
C PRO B 214 -7.80 -16.18 -9.02
N GLY B 215 -7.85 -17.40 -8.49
CA GLY B 215 -7.39 -17.67 -7.15
C GLY B 215 -8.43 -17.44 -6.07
N PHE B 216 -9.59 -16.89 -6.40
CA PHE B 216 -10.62 -16.66 -5.39
C PHE B 216 -11.44 -17.92 -5.16
N PHE B 217 -11.64 -18.27 -3.89
CA PHE B 217 -12.39 -19.47 -3.47
C PHE B 217 -13.85 -19.43 -3.95
N PRO B 218 -14.38 -20.57 -4.41
CA PRO B 218 -13.76 -21.89 -4.57
C PRO B 218 -13.23 -22.13 -5.98
N GLY B 219 -13.40 -21.14 -6.87
CA GLY B 219 -12.84 -21.17 -8.20
C GLY B 219 -13.85 -21.41 -9.31
N THR B 220 -15.03 -21.94 -8.98
CA THR B 220 -16.01 -22.34 -9.97
C THR B 220 -17.07 -21.24 -10.15
N GLY B 221 -18.12 -21.56 -10.90
CA GLY B 221 -19.17 -20.60 -11.19
C GLY B 221 -18.78 -19.53 -12.17
N THR B 222 -17.85 -19.83 -13.08
CA THR B 222 -17.41 -18.83 -14.04
C THR B 222 -16.97 -19.54 -15.32
N TRP B 223 -16.43 -18.76 -16.26
CA TRP B 223 -16.02 -19.29 -17.55
C TRP B 223 -15.04 -20.44 -17.37
N ASN B 224 -15.11 -21.40 -18.29
CA ASN B 224 -14.19 -22.52 -18.35
C ASN B 224 -13.21 -22.31 -19.50
N LEU B 231 -12.69 -20.38 -27.49
CA LEU B 231 -13.39 -19.43 -26.63
C LEU B 231 -13.94 -20.11 -25.39
N PRO B 232 -13.90 -19.41 -24.25
CA PRO B 232 -14.40 -20.00 -23.00
C PRO B 232 -15.90 -20.23 -23.03
N ILE B 233 -16.34 -21.24 -22.28
CA ILE B 233 -17.74 -21.62 -22.21
C ILE B 233 -18.16 -21.67 -20.75
N PHE B 234 -19.47 -21.51 -20.52
CA PHE B 234 -20.08 -21.71 -19.22
C PHE B 234 -20.68 -23.11 -19.17
N LEU B 235 -20.17 -23.94 -18.28
CA LEU B 235 -20.84 -25.21 -18.00
C LEU B 235 -22.10 -24.93 -17.21
N ASN B 236 -23.17 -25.69 -17.47
CA ASN B 236 -24.45 -25.32 -16.88
C ASN B 236 -25.30 -26.54 -16.52
N GLY B 237 -24.67 -27.65 -16.19
CA GLY B 237 -25.34 -28.91 -15.91
C GLY B 237 -25.08 -29.92 -17.01
N ALA B 238 -25.43 -31.16 -16.72
CA ALA B 238 -25.13 -32.23 -17.67
C ALA B 238 -26.24 -33.27 -17.65
N GLY B 239 -26.27 -34.10 -18.70
CA GLY B 239 -27.28 -35.13 -18.74
C GLY B 239 -28.68 -34.53 -18.70
N ARG B 240 -29.55 -35.12 -17.88
CA ARG B 240 -30.90 -34.58 -17.74
C ARG B 240 -30.90 -33.19 -17.11
N GLY B 241 -29.83 -32.83 -16.42
CA GLY B 241 -29.69 -31.53 -15.80
C GLY B 241 -29.03 -30.47 -16.66
N ARG B 242 -28.89 -30.71 -17.96
CA ARG B 242 -28.29 -29.68 -18.81
C ARG B 242 -29.14 -28.42 -18.78
N PHE B 243 -28.46 -27.28 -18.68
CA PHE B 243 -29.02 -25.93 -18.61
C PHE B 243 -29.67 -25.61 -17.27
N SER B 244 -29.53 -26.48 -16.26
CA SER B 244 -30.23 -26.31 -15.00
C SER B 244 -29.37 -25.67 -13.91
N ALA B 245 -28.11 -25.38 -14.19
CA ALA B 245 -27.22 -24.73 -13.23
C ALA B 245 -26.85 -23.35 -13.75
N PHE B 246 -27.31 -22.30 -13.07
CA PHE B 246 -27.09 -20.93 -13.52
C PHE B 246 -26.07 -20.23 -12.64
N ASN B 247 -25.26 -19.36 -13.26
CA ASN B 247 -24.22 -18.64 -12.53
C ASN B 247 -24.08 -17.24 -13.08
N LEU B 248 -23.92 -16.28 -12.18
CA LEU B 248 -23.62 -14.89 -12.56
C LEU B 248 -22.39 -14.46 -11.77
N PRO B 249 -21.20 -14.58 -12.35
CA PRO B 249 -20.00 -14.08 -11.69
C PRO B 249 -19.85 -12.57 -11.91
N LEU B 250 -19.48 -11.87 -10.84
CA LEU B 250 -19.40 -10.42 -10.87
C LEU B 250 -18.03 -9.94 -10.43
N GLU B 251 -17.59 -8.83 -11.01
CA GLU B 251 -16.34 -8.21 -10.61
C GLU B 251 -16.48 -7.54 -9.26
N GLU B 252 -15.34 -7.35 -8.59
CA GLU B 252 -15.39 -6.73 -7.27
C GLU B 252 -15.89 -5.29 -7.37
N GLY B 253 -16.47 -4.82 -6.25
CA GLY B 253 -16.83 -3.43 -6.07
C GLY B 253 -18.30 -3.11 -6.26
N ILE B 254 -19.15 -4.09 -6.55
CA ILE B 254 -20.52 -3.80 -6.98
C ILE B 254 -21.33 -3.28 -5.79
N ASN B 255 -22.22 -2.31 -6.07
CA ASN B 255 -23.00 -1.69 -5.01
C ASN B 255 -24.43 -2.28 -4.97
N ASP B 256 -25.25 -1.77 -4.04
CA ASP B 256 -26.60 -2.29 -3.87
C ASP B 256 -27.41 -2.20 -5.16
N LEU B 257 -27.40 -1.04 -5.79
CA LEU B 257 -28.28 -0.82 -6.94
C LEU B 257 -27.88 -1.69 -8.12
N ASP B 258 -26.57 -1.76 -8.41
CA ASP B 258 -26.12 -2.54 -9.55
C ASP B 258 -26.30 -4.04 -9.32
N TRP B 259 -26.08 -4.50 -8.08
CA TRP B 259 -26.32 -5.90 -7.78
C TRP B 259 -27.81 -6.22 -7.86
N SER B 260 -28.64 -5.30 -7.38
CA SER B 260 -30.09 -5.46 -7.48
C SER B 260 -30.53 -5.55 -8.94
N ASN B 261 -30.06 -4.62 -9.77
CA ASN B 261 -30.42 -4.65 -11.19
C ASN B 261 -29.79 -5.84 -11.91
N ALA B 262 -28.68 -6.35 -11.40
CA ALA B 262 -28.07 -7.53 -12.02
C ALA B 262 -28.94 -8.76 -11.83
N ILE B 263 -29.44 -9.00 -10.61
CA ILE B 263 -30.11 -10.27 -10.35
C ILE B 263 -31.64 -10.17 -10.37
N GLY B 264 -32.22 -8.98 -10.27
CA GLY B 264 -33.67 -8.83 -10.26
C GLY B 264 -34.39 -9.50 -11.42
N PRO B 265 -34.08 -9.08 -12.65
CA PRO B 265 -34.76 -9.66 -13.82
C PRO B 265 -34.48 -11.14 -14.00
N ILE B 266 -33.28 -11.59 -13.65
CA ILE B 266 -32.97 -13.01 -13.75
C ILE B 266 -33.83 -13.81 -12.77
N LEU B 267 -33.92 -13.34 -11.52
CA LEU B 267 -34.77 -14.00 -10.53
C LEU B 267 -36.21 -14.08 -11.02
N ASP B 268 -36.76 -12.96 -11.49
CA ASP B 268 -38.15 -12.96 -11.94
C ASP B 268 -38.34 -13.89 -13.11
N SER B 269 -37.38 -13.92 -14.04
CA SER B 269 -37.47 -14.81 -15.20
C SER B 269 -37.40 -16.26 -14.80
N LEU B 270 -36.50 -16.59 -13.85
CA LEU B 270 -36.43 -17.96 -13.34
C LEU B 270 -37.77 -18.36 -12.74
N ASN B 271 -38.38 -17.48 -11.95
CA ASN B 271 -39.68 -17.83 -11.36
C ASN B 271 -40.73 -18.03 -12.45
N ILE B 272 -40.73 -17.17 -13.47
CA ILE B 272 -41.74 -17.26 -14.53
C ILE B 272 -41.65 -18.59 -15.25
N VAL B 273 -40.42 -19.00 -15.60
CA VAL B 273 -40.25 -20.17 -16.46
C VAL B 273 -40.27 -21.46 -15.65
N ILE B 274 -39.53 -21.49 -14.53
CA ILE B 274 -39.40 -22.72 -13.75
C ILE B 274 -40.66 -23.00 -12.96
N GLN B 275 -41.39 -21.96 -12.55
CA GLN B 275 -42.59 -22.10 -11.74
C GLN B 275 -42.32 -22.99 -10.53
N PRO B 276 -41.32 -22.67 -9.71
CA PRO B 276 -40.93 -23.55 -8.60
C PRO B 276 -42.03 -23.70 -7.57
N SER B 277 -42.06 -24.88 -6.94
CA SER B 277 -42.94 -25.16 -5.81
C SER B 277 -42.32 -24.71 -4.49
N TYR B 278 -41.01 -24.58 -4.45
CA TYR B 278 -40.29 -24.08 -3.29
C TYR B 278 -39.12 -23.26 -3.80
N VAL B 279 -38.74 -22.25 -3.00
CA VAL B 279 -37.51 -21.49 -3.22
C VAL B 279 -36.65 -21.68 -1.99
N VAL B 280 -35.37 -21.96 -2.20
CA VAL B 280 -34.38 -22.00 -1.12
C VAL B 280 -33.36 -20.91 -1.40
N VAL B 281 -33.17 -20.02 -0.43
CA VAL B 281 -32.28 -18.87 -0.59
C VAL B 281 -31.18 -18.99 0.43
N GLN B 282 -29.93 -18.94 -0.05
CA GLN B 282 -28.77 -18.81 0.81
C GLN B 282 -28.44 -17.32 0.84
N CYS B 283 -28.38 -16.75 2.05
CA CYS B 283 -28.28 -15.31 2.22
CA CYS B 283 -28.27 -15.31 2.24
C CYS B 283 -26.99 -14.94 2.95
N GLY B 284 -25.88 -15.59 2.59
CA GLY B 284 -24.59 -15.31 3.18
C GLY B 284 -24.31 -13.82 3.13
N ALA B 285 -23.82 -13.27 4.24
CA ALA B 285 -23.70 -11.83 4.44
C ALA B 285 -22.35 -11.28 4.04
N ASP B 286 -21.50 -12.07 3.37
CA ASP B 286 -20.16 -11.61 3.09
C ASP B 286 -20.07 -10.71 1.86
N CYS B 287 -21.22 -10.34 1.27
CA CYS B 287 -21.23 -9.27 0.26
C CYS B 287 -21.29 -7.88 0.87
N LEU B 288 -21.55 -7.78 2.17
CA LEU B 288 -21.60 -6.48 2.82
C LEU B 288 -20.28 -5.74 2.62
N ALA B 289 -20.38 -4.42 2.42
CA ALA B 289 -19.18 -3.59 2.22
C ALA B 289 -18.20 -3.70 3.38
N THR B 290 -18.69 -4.04 4.56
CA THR B 290 -17.91 -4.10 5.78
C THR B 290 -17.46 -5.50 6.14
N ASP B 291 -17.79 -6.49 5.32
CA ASP B 291 -17.26 -7.81 5.55
C ASP B 291 -15.75 -7.79 5.31
N PRO B 292 -14.96 -8.52 6.10
CA PRO B 292 -13.51 -8.45 5.91
C PRO B 292 -13.05 -8.95 4.55
N HIS B 293 -13.87 -9.68 3.80
CA HIS B 293 -13.50 -9.98 2.41
C HIS B 293 -13.29 -8.70 1.62
N ARG B 294 -14.10 -7.68 1.88
CA ARG B 294 -13.95 -6.37 1.25
C ARG B 294 -13.95 -6.48 -0.27
N ILE B 295 -14.95 -7.16 -0.80
CA ILE B 295 -15.07 -7.39 -2.25
C ILE B 295 -16.28 -6.67 -2.85
N PHE B 296 -17.48 -6.97 -2.35
CA PHE B 296 -18.65 -6.22 -2.80
C PHE B 296 -18.93 -5.09 -1.82
N ARG B 297 -19.87 -4.24 -2.20
CA ARG B 297 -20.18 -3.05 -1.40
C ARG B 297 -21.66 -3.00 -1.06
N LEU B 298 -22.24 -4.16 -0.76
CA LEU B 298 -23.66 -4.17 -0.38
C LEU B 298 -23.83 -3.63 1.04
N THR B 299 -25.05 -3.21 1.35
CA THR B 299 -25.35 -2.69 2.68
C THR B 299 -26.56 -3.43 3.25
N ASN B 300 -26.98 -3.02 4.45
CA ASN B 300 -28.28 -3.40 4.99
C ASN B 300 -29.25 -2.22 5.02
N PHE B 301 -29.02 -1.19 4.19
CA PHE B 301 -29.82 0.04 4.31
C PHE B 301 -31.26 -0.20 3.88
N TYR B 302 -32.16 0.50 4.54
CA TYR B 302 -33.61 0.36 4.30
C TYR B 302 -34.21 1.75 4.30
N PRO B 303 -34.16 2.46 3.18
CA PRO B 303 -34.54 3.88 3.11
C PRO B 303 -36.03 4.08 3.35
N SER B 316 -31.19 2.75 -3.46
CA SER B 316 -30.31 2.73 -2.30
C SER B 316 -30.80 1.70 -1.29
N LEU B 317 -31.81 0.94 -1.66
CA LEU B 317 -32.22 -0.20 -0.85
C LEU B 317 -31.10 -1.25 -0.86
N SER B 318 -30.80 -1.81 0.31
CA SER B 318 -29.91 -2.98 0.40
C SER B 318 -30.20 -3.97 -0.71
N GLY B 319 -29.16 -4.40 -1.42
CA GLY B 319 -29.37 -5.40 -2.46
C GLY B 319 -29.97 -6.67 -1.91
N TYR B 320 -29.53 -7.10 -0.73
CA TYR B 320 -30.11 -8.26 -0.07
C TYR B 320 -31.61 -8.08 0.16
N LEU B 321 -32.00 -6.94 0.73
CA LEU B 321 -33.42 -6.72 1.02
C LEU B 321 -34.22 -6.65 -0.27
N TYR B 322 -33.65 -6.05 -1.31
CA TYR B 322 -34.32 -6.01 -2.61
C TYR B 322 -34.57 -7.41 -3.14
N ALA B 323 -33.56 -8.26 -3.08
CA ALA B 323 -33.70 -9.62 -3.60
C ALA B 323 -34.69 -10.44 -2.77
N ILE B 324 -34.60 -10.37 -1.44
CA ILE B 324 -35.52 -11.13 -0.60
C ILE B 324 -36.96 -10.67 -0.84
N LYS B 325 -37.17 -9.36 -0.86
CA LYS B 325 -38.52 -8.86 -1.10
C LYS B 325 -39.07 -9.36 -2.43
N LYS B 326 -38.24 -9.30 -3.48
CA LYS B 326 -38.65 -9.81 -4.79
C LYS B 326 -39.01 -11.29 -4.72
N ILE B 327 -38.17 -12.10 -4.09
CA ILE B 327 -38.43 -13.54 -4.01
C ILE B 327 -39.71 -13.80 -3.25
N LEU B 328 -39.90 -13.09 -2.13
CA LEU B 328 -41.10 -13.28 -1.33
C LEU B 328 -42.35 -12.84 -2.07
N SER B 329 -42.22 -11.87 -3.00
CA SER B 329 -43.38 -11.38 -3.74
C SER B 329 -44.00 -12.46 -4.60
N TRP B 330 -43.25 -13.54 -4.87
CA TRP B 330 -43.76 -14.64 -5.68
C TRP B 330 -44.78 -15.50 -4.93
N LYS B 331 -44.82 -15.39 -3.60
CA LYS B 331 -45.74 -16.19 -2.77
C LYS B 331 -45.56 -17.69 -2.99
N VAL B 332 -44.30 -18.11 -3.11
CA VAL B 332 -43.88 -19.50 -3.16
C VAL B 332 -43.29 -19.87 -1.80
N PRO B 333 -43.61 -21.02 -1.22
CA PRO B 333 -43.00 -21.40 0.05
C PRO B 333 -41.48 -21.33 -0.03
N THR B 334 -40.87 -20.69 0.96
CA THR B 334 -39.47 -20.29 0.84
C THR B 334 -38.69 -20.61 2.09
N LEU B 335 -37.49 -21.14 1.90
CA LEU B 335 -36.53 -21.35 2.97
C LEU B 335 -35.45 -20.30 2.83
N ILE B 336 -35.18 -19.55 3.91
CA ILE B 336 -34.13 -18.54 3.93
C ILE B 336 -33.04 -19.02 4.88
N LEU B 337 -31.83 -19.18 4.36
CA LEU B 337 -30.70 -19.69 5.13
C LEU B 337 -29.59 -18.66 5.24
N GLY B 338 -28.69 -18.88 6.20
CA GLY B 338 -27.53 -18.02 6.40
C GLY B 338 -26.39 -18.45 5.50
N GLY B 339 -25.18 -18.49 6.04
CA GLY B 339 -24.00 -18.80 5.26
C GLY B 339 -22.82 -17.96 5.72
N GLY B 340 -22.04 -17.46 4.77
CA GLY B 340 -20.90 -16.63 5.12
C GLY B 340 -21.32 -15.34 5.78
N GLY B 341 -20.33 -14.62 6.29
CA GLY B 341 -20.54 -13.35 6.94
C GLY B 341 -19.61 -13.27 8.13
N TYR B 342 -18.50 -12.55 7.98
CA TYR B 342 -17.38 -12.65 8.90
C TYR B 342 -17.19 -11.37 9.73
N ASN B 343 -18.04 -10.37 9.50
CA ASN B 343 -18.23 -9.24 10.42
C ASN B 343 -19.48 -9.62 11.19
N PHE B 344 -19.33 -10.10 12.43
CA PHE B 344 -20.49 -10.70 13.09
C PHE B 344 -21.56 -9.66 13.42
N PRO B 345 -21.23 -8.50 14.00
CA PRO B 345 -22.29 -7.51 14.26
C PRO B 345 -22.99 -7.07 12.98
N ASP B 346 -22.25 -6.87 11.89
CA ASP B 346 -22.93 -6.40 10.68
C ASP B 346 -23.75 -7.50 10.04
N THR B 347 -23.33 -8.76 10.20
CA THR B 347 -24.17 -9.86 9.75
C THR B 347 -25.48 -9.90 10.52
N ALA B 348 -25.41 -9.73 11.85
CA ALA B 348 -26.65 -9.64 12.65
C ALA B 348 -27.51 -8.45 12.21
N ARG B 349 -26.88 -7.29 11.95
CA ARG B 349 -27.62 -6.13 11.46
C ARG B 349 -28.36 -6.44 10.16
N LEU B 350 -27.70 -7.09 9.23
CA LEU B 350 -28.36 -7.43 7.96
C LEU B 350 -29.47 -8.45 8.19
N TRP B 351 -29.14 -9.56 8.85
CA TRP B 351 -30.11 -10.64 8.95
C TRP B 351 -31.29 -10.27 9.85
N THR B 352 -31.08 -9.32 10.77
CA THR B 352 -32.23 -8.79 11.51
C THR B 352 -33.19 -8.05 10.59
N ARG B 353 -32.66 -7.22 9.67
CA ARG B 353 -33.54 -6.54 8.72
C ARG B 353 -34.19 -7.53 7.76
N VAL B 354 -33.46 -8.57 7.33
CA VAL B 354 -34.08 -9.58 6.49
C VAL B 354 -35.25 -10.24 7.22
N THR B 355 -35.05 -10.55 8.49
CA THR B 355 -36.12 -11.17 9.27
C THR B 355 -37.32 -10.25 9.37
N ALA B 356 -37.09 -8.96 9.69
CA ALA B 356 -38.18 -8.01 9.77
C ALA B 356 -38.89 -7.87 8.44
N LEU B 357 -38.14 -7.78 7.34
CA LEU B 357 -38.77 -7.67 6.03
C LEU B 357 -39.62 -8.91 5.71
N THR B 358 -39.13 -10.09 6.08
CA THR B 358 -39.88 -11.32 5.82
C THR B 358 -41.22 -11.32 6.55
N ILE B 359 -41.22 -10.88 7.82
CA ILE B 359 -42.46 -10.72 8.57
C ILE B 359 -43.41 -9.79 7.84
N GLU B 360 -42.89 -8.64 7.40
CA GLU B 360 -43.73 -7.63 6.73
C GLU B 360 -44.35 -8.18 5.45
N GLU B 361 -43.53 -8.82 4.61
CA GLU B 361 -44.02 -9.27 3.31
C GLU B 361 -44.99 -10.43 3.45
N VAL B 362 -44.73 -11.35 4.38
CA VAL B 362 -45.58 -12.52 4.53
C VAL B 362 -46.85 -12.19 5.31
N LYS B 363 -46.70 -11.51 6.45
CA LYS B 363 -47.84 -11.25 7.31
C LYS B 363 -48.57 -9.96 6.97
N GLY B 364 -48.01 -9.10 6.13
CA GLY B 364 -48.65 -7.83 5.84
C GLY B 364 -48.59 -6.86 7.00
N LYS B 365 -47.60 -7.00 7.87
CA LYS B 365 -47.59 -6.40 9.19
C LYS B 365 -46.36 -5.52 9.33
N LYS B 366 -46.57 -4.22 9.51
CA LYS B 366 -45.45 -3.27 9.55
C LYS B 366 -44.49 -3.59 10.69
N MET B 367 -43.21 -3.71 10.36
CA MET B 367 -42.16 -3.90 11.35
C MET B 367 -41.30 -2.65 11.30
N THR B 368 -41.33 -1.88 12.38
CA THR B 368 -40.54 -0.66 12.48
C THR B 368 -39.38 -0.91 13.41
N ILE B 369 -38.18 -0.70 12.89
CA ILE B 369 -36.95 -1.00 13.61
C ILE B 369 -36.28 0.32 13.97
N SER B 370 -36.08 0.55 15.26
CA SER B 370 -35.40 1.77 15.67
C SER B 370 -33.99 1.81 15.07
N PRO B 371 -33.53 2.99 14.63
CA PRO B 371 -32.14 3.09 14.16
C PRO B 371 -31.11 2.81 15.26
N GLU B 372 -31.46 2.99 16.53
CA GLU B 372 -30.53 2.71 17.62
C GLU B 372 -30.69 1.26 18.04
N ILE B 373 -29.56 0.56 18.17
CA ILE B 373 -29.58 -0.83 18.64
C ILE B 373 -30.25 -0.87 20.01
N PRO B 374 -31.18 -1.80 20.26
CA PRO B 374 -31.82 -1.86 21.58
C PRO B 374 -30.90 -2.45 22.63
N GLU B 375 -31.24 -2.17 23.89
CA GLU B 375 -30.56 -2.79 25.01
C GLU B 375 -30.65 -4.31 24.93
N HIS B 376 -29.50 -4.97 25.05
CA HIS B 376 -29.42 -6.42 25.20
C HIS B 376 -27.97 -6.76 25.50
N SER B 377 -27.73 -8.02 25.87
CA SER B 377 -26.42 -8.33 26.44
C SER B 377 -25.29 -8.30 25.41
N TYR B 378 -25.60 -8.25 24.11
CA TYR B 378 -24.57 -8.05 23.10
C TYR B 378 -24.52 -6.61 22.59
N PHE B 379 -25.16 -5.67 23.31
CA PHE B 379 -25.19 -4.27 22.86
C PHE B 379 -23.79 -3.73 22.57
N SER B 380 -22.82 -4.03 23.44
CA SER B 380 -21.48 -3.48 23.29
C SER B 380 -20.78 -3.95 22.02
N ARG B 381 -21.30 -4.99 21.36
CA ARG B 381 -20.67 -5.43 20.13
C ARG B 381 -20.99 -4.53 18.94
N TYR B 382 -21.89 -3.55 19.12
CA TYR B 382 -22.36 -2.71 18.03
C TYR B 382 -21.72 -1.32 18.07
N GLY B 383 -20.65 -1.15 18.83
CA GLY B 383 -19.93 0.10 18.89
C GLY B 383 -19.18 0.35 17.60
N PRO B 384 -18.71 1.60 17.41
CA PRO B 384 -18.85 2.70 18.37
C PRO B 384 -20.15 3.50 18.21
N ASP B 385 -20.93 3.19 17.17
CA ASP B 385 -22.12 3.95 16.80
C ASP B 385 -23.40 3.42 17.45
N PHE B 386 -23.47 2.10 17.66
CA PHE B 386 -24.66 1.44 18.20
C PHE B 386 -25.91 1.76 17.38
N GLU B 387 -25.73 1.78 16.06
CA GLU B 387 -26.83 1.97 15.13
C GLU B 387 -27.04 0.73 14.29
N LEU B 388 -28.24 0.62 13.72
CA LEU B 388 -28.58 -0.57 12.94
C LEU B 388 -27.99 -0.54 11.53
N ASP B 389 -27.95 0.63 10.89
CA ASP B 389 -27.27 0.74 9.59
C ASP B 389 -25.79 0.41 9.76
N ILE B 390 -25.24 -0.38 8.85
CA ILE B 390 -23.79 -0.64 8.92
C ILE B 390 -23.03 0.68 8.71
N ASP B 391 -21.82 0.71 9.27
CA ASP B 391 -20.99 1.92 9.28
C ASP B 391 -20.19 2.01 7.98
N TYR B 392 -20.89 2.37 6.91
CA TYR B 392 -20.33 2.44 5.57
C TYR B 392 -20.98 3.59 4.85
N PHE B 393 -20.20 4.29 4.03
CA PHE B 393 -20.69 5.45 3.29
C PHE B 393 -20.57 5.18 1.80
N PRO B 394 -21.65 4.79 1.14
CA PRO B 394 -21.57 4.45 -0.29
C PRO B 394 -21.13 5.65 -1.11
N HIS B 395 -20.27 5.39 -2.10
CA HIS B 395 -19.68 6.44 -2.90
C HIS B 395 -19.44 5.91 -4.30
N GLU B 396 -19.24 6.83 -5.25
CA GLU B 396 -18.97 6.47 -6.64
C GLU B 396 -17.91 7.37 -7.26
N THR B 401 -20.26 2.71 -17.39
CA THR B 401 -20.83 2.35 -18.69
C THR B 401 -20.28 1.02 -19.19
N LEU B 402 -18.97 0.81 -19.01
CA LEU B 402 -18.31 -0.42 -19.45
C LEU B 402 -18.45 -1.56 -18.45
N ASP B 403 -18.99 -1.32 -17.26
CA ASP B 403 -19.09 -2.32 -16.21
C ASP B 403 -20.37 -3.13 -16.27
N SER B 404 -21.15 -3.02 -17.35
CA SER B 404 -22.45 -3.66 -17.42
C SER B 404 -22.31 -5.15 -17.68
N ILE B 405 -23.43 -5.87 -17.52
CA ILE B 405 -23.44 -7.32 -17.68
C ILE B 405 -24.57 -7.76 -18.60
N GLN B 406 -24.90 -6.94 -19.61
CA GLN B 406 -26.03 -7.28 -20.45
C GLN B 406 -25.78 -8.55 -21.26
N LYS B 407 -24.53 -8.84 -21.60
CA LYS B 407 -24.25 -10.10 -22.29
C LYS B 407 -24.45 -11.30 -21.36
N HIS B 408 -24.29 -11.10 -20.04
CA HIS B 408 -24.65 -12.15 -19.09
C HIS B 408 -26.15 -12.37 -19.05
N HIS B 409 -26.94 -11.28 -19.03
CA HIS B 409 -28.39 -11.42 -19.10
C HIS B 409 -28.78 -12.21 -20.34
N ARG B 410 -28.21 -11.85 -21.50
CA ARG B 410 -28.54 -12.54 -22.73
C ARG B 410 -28.17 -14.02 -22.67
N ARG B 411 -26.97 -14.32 -22.14
CA ARG B 411 -26.53 -15.71 -22.00
C ARG B 411 -27.44 -16.48 -21.07
N ILE B 412 -27.80 -15.88 -19.93
CA ILE B 412 -28.60 -16.58 -18.95
C ILE B 412 -30.01 -16.82 -19.48
N LEU B 413 -30.58 -15.85 -20.20
CA LEU B 413 -31.90 -16.06 -20.77
C LEU B 413 -31.88 -17.12 -21.88
N GLU B 414 -30.80 -17.16 -22.66
CA GLU B 414 -30.66 -18.24 -23.64
C GLU B 414 -30.62 -19.60 -22.94
N GLN B 415 -29.90 -19.69 -21.83
CA GLN B 415 -29.87 -20.93 -21.07
C GLN B 415 -31.25 -21.27 -20.51
N LEU B 416 -31.96 -20.27 -19.98
CA LEU B 416 -33.32 -20.52 -19.50
C LEU B 416 -34.22 -21.05 -20.60
N ARG B 417 -34.12 -20.48 -21.81
CA ARG B 417 -34.90 -21.00 -22.94
C ARG B 417 -34.50 -22.43 -23.29
N ASN B 418 -33.19 -22.73 -23.29
CA ASN B 418 -32.75 -24.09 -23.54
C ASN B 418 -33.24 -25.05 -22.46
N TYR B 419 -33.23 -24.61 -21.21
CA TYR B 419 -33.77 -25.42 -20.11
C TYR B 419 -35.25 -25.71 -20.32
N ALA B 420 -36.03 -24.68 -20.67
CA ALA B 420 -37.45 -24.86 -20.91
C ALA B 420 -37.70 -25.84 -22.05
N ASP B 421 -36.94 -25.73 -23.13
CA ASP B 421 -37.13 -26.61 -24.28
C ASP B 421 -36.79 -28.05 -23.93
N LEU B 422 -35.66 -28.26 -23.26
CA LEU B 422 -35.25 -29.62 -22.91
C LEU B 422 -36.28 -30.29 -22.00
N ASN B 423 -36.89 -29.54 -21.10
CA ASN B 423 -37.78 -30.11 -20.11
C ASN B 423 -39.24 -29.94 -20.48
N LYS B 424 -39.54 -29.49 -21.69
CA LYS B 424 -40.91 -29.39 -22.20
C LYS B 424 -41.77 -28.48 -21.34
N LEU B 425 -41.21 -27.33 -20.96
CA LEU B 425 -41.93 -26.32 -20.20
C LEU B 425 -42.32 -25.16 -21.10
N ILE B 426 -43.49 -24.57 -20.80
CA ILE B 426 -43.89 -23.38 -21.53
C ILE B 426 -42.88 -22.27 -21.25
N TYR B 427 -42.39 -21.65 -22.31
CA TYR B 427 -41.50 -20.50 -22.23
C TYR B 427 -42.33 -19.29 -22.66
N ASP B 428 -42.75 -18.50 -21.68
CA ASP B 428 -43.65 -17.37 -21.91
C ASP B 428 -42.80 -16.17 -22.36
N TYR B 429 -42.45 -16.17 -23.64
CA TYR B 429 -41.63 -15.10 -24.19
C TYR B 429 -42.21 -13.72 -23.87
N ASP B 430 -43.52 -13.54 -24.11
CA ASP B 430 -44.11 -12.21 -23.93
C ASP B 430 -43.93 -11.71 -22.51
N GLN B 431 -44.02 -12.60 -21.53
CA GLN B 431 -43.90 -12.17 -20.14
C GLN B 431 -42.46 -11.85 -19.78
N VAL B 432 -41.52 -12.70 -20.20
CA VAL B 432 -40.10 -12.42 -19.94
C VAL B 432 -39.68 -11.14 -20.67
N TYR B 433 -40.17 -10.96 -21.90
CA TYR B 433 -39.87 -9.74 -22.64
C TYR B 433 -40.34 -8.51 -21.89
N GLN B 434 -41.60 -8.53 -21.43
CA GLN B 434 -42.15 -7.35 -20.76
C GLN B 434 -41.39 -7.05 -19.49
N LEU B 435 -40.94 -8.10 -18.80
CA LEU B 435 -40.11 -7.93 -17.62
C LEU B 435 -38.84 -7.15 -17.94
N TYR B 436 -38.10 -7.60 -18.95
CA TYR B 436 -36.85 -6.93 -19.31
C TYR B 436 -37.12 -5.58 -19.96
N ASN B 437 -38.25 -5.42 -20.64
CA ASN B 437 -38.47 -4.14 -21.27
C ASN B 437 -38.82 -3.04 -20.28
N LEU B 438 -39.14 -3.38 -19.02
CA LEU B 438 -39.28 -2.34 -18.02
C LEU B 438 -38.01 -1.51 -17.89
N THR B 439 -36.86 -2.09 -18.21
CA THR B 439 -35.58 -1.37 -18.21
C THR B 439 -35.01 -1.22 -19.62
N GLY B 440 -35.87 -1.21 -20.62
CA GLY B 440 -35.41 -1.07 -22.00
C GLY B 440 -34.47 -2.15 -22.46
N MET B 441 -34.52 -3.32 -21.85
CA MET B 441 -33.65 -4.44 -22.21
C MET B 441 -34.43 -5.62 -22.78
N GLY B 442 -35.60 -5.36 -23.36
CA GLY B 442 -36.38 -6.44 -23.94
C GLY B 442 -35.66 -7.16 -25.07
N SER B 443 -34.75 -6.45 -25.74
CA SER B 443 -34.01 -7.02 -26.87
C SER B 443 -33.10 -8.17 -26.46
N LEU B 444 -32.79 -8.30 -25.17
CA LEU B 444 -31.92 -9.37 -24.71
C LEU B 444 -32.66 -10.69 -24.57
N VAL B 445 -33.98 -10.69 -24.65
CA VAL B 445 -34.81 -11.87 -24.43
C VAL B 445 -34.91 -12.68 -25.72
N PRO B 446 -34.57 -13.97 -25.71
CA PRO B 446 -34.72 -14.78 -26.92
C PRO B 446 -36.14 -15.27 -27.09
N ARG B 447 -36.51 -15.49 -28.35
CA ARG B 447 -37.83 -16.01 -28.68
C ARG B 447 -37.98 -17.46 -28.22
N SER C 3 47.01 13.89 16.79
CA SER C 3 45.97 13.78 17.80
C SER C 3 44.59 13.83 17.15
N VAL C 4 43.74 12.83 17.41
CA VAL C 4 42.33 12.88 17.05
C VAL C 4 41.55 13.24 18.30
N GLY C 5 40.88 14.38 18.27
CA GLY C 5 40.07 14.82 19.39
C GLY C 5 38.63 14.38 19.26
N ILE C 6 37.96 14.26 20.40
CA ILE C 6 36.51 14.01 20.40
C ILE C 6 35.92 14.81 21.55
N VAL C 7 34.83 15.50 21.28
CA VAL C 7 34.20 16.35 22.29
C VAL C 7 33.34 15.49 23.20
N TYR C 8 33.62 15.53 24.50
CA TYR C 8 32.82 14.82 25.48
CA TYR C 8 32.72 14.92 25.47
C TYR C 8 33.02 15.46 26.85
N GLY C 9 32.05 15.20 27.73
CA GLY C 9 32.12 15.61 29.12
C GLY C 9 30.87 15.11 29.79
N ASP C 10 30.90 15.08 31.13
CA ASP C 10 29.75 14.53 31.86
C ASP C 10 28.52 15.40 31.68
N GLN C 11 28.63 16.71 31.94
CA GLN C 11 27.46 17.56 31.74
C GLN C 11 27.09 17.66 30.28
N TYR C 12 28.10 17.68 29.41
CA TYR C 12 27.84 17.73 27.97
C TYR C 12 26.97 16.56 27.54
N ARG C 13 27.29 15.36 28.03
CA ARG C 13 26.48 14.19 27.71
C ARG C 13 25.05 14.35 28.19
N GLN C 14 24.87 14.83 29.43
CA GLN C 14 23.52 15.00 29.94
C GLN C 14 22.74 16.01 29.10
N LEU C 15 23.39 17.13 28.74
CA LEU C 15 22.68 18.14 27.94
C LEU C 15 22.37 17.63 26.54
N CYS C 16 23.33 16.93 25.91
CA CYS C 16 23.07 16.39 24.59
C CYS C 16 21.98 15.33 24.60
N CYS C 17 21.68 14.75 25.77
CA CYS C 17 20.65 13.74 25.88
C CYS C 17 19.34 14.28 26.44
N SER C 18 19.17 15.59 26.50
CA SER C 18 18.02 16.17 27.19
C SER C 18 16.90 16.62 26.26
N SER C 19 17.02 16.38 24.94
CA SER C 19 15.98 16.85 24.05
C SER C 19 14.96 15.76 23.75
N PRO C 20 13.73 16.15 23.45
CA PRO C 20 12.72 15.14 23.09
C PRO C 20 13.03 14.44 21.79
N LYS C 21 13.54 15.15 20.79
CA LYS C 21 13.70 14.56 19.47
C LYS C 21 14.90 13.62 19.40
N PHE C 22 16.02 13.96 20.02
CA PHE C 22 17.19 13.10 19.90
C PHE C 22 17.42 12.23 21.12
N GLY C 23 16.59 12.37 22.15
CA GLY C 23 16.60 11.41 23.26
C GLY C 23 18.02 11.15 23.74
N ASP C 24 18.36 9.87 23.87
CA ASP C 24 19.67 9.47 24.38
C ASP C 24 20.64 9.06 23.28
N ARG C 25 20.39 9.47 22.02
CA ARG C 25 21.25 9.06 20.92
C ARG C 25 22.73 9.32 21.21
N TYR C 26 23.04 10.49 21.74
CA TYR C 26 24.45 10.84 21.97
C TYR C 26 25.11 9.88 22.93
N ALA C 27 24.38 9.43 23.95
CA ALA C 27 24.91 8.45 24.89
C ALA C 27 25.19 7.10 24.20
N LEU C 28 24.28 6.65 23.33
CA LEU C 28 24.56 5.40 22.63
C LEU C 28 25.80 5.52 21.76
N VAL C 29 25.92 6.65 21.06
CA VAL C 29 27.08 6.87 20.19
C VAL C 29 28.37 6.82 21.01
N MET C 30 28.45 7.65 22.05
CA MET C 30 29.68 7.70 22.83
C MET C 30 29.94 6.40 23.59
N ASP C 31 28.88 5.72 24.10
CA ASP C 31 29.11 4.49 24.84
C ASP C 31 29.50 3.33 23.93
N LEU C 32 29.07 3.36 22.67
CA LEU C 32 29.51 2.33 21.73
C LEU C 32 30.94 2.57 21.33
N ILE C 33 31.32 3.82 21.12
CA ILE C 33 32.72 4.17 20.90
C ILE C 33 33.57 3.71 22.08
N ASN C 34 33.05 3.92 23.30
CA ASN C 34 33.76 3.49 24.51
C ASN C 34 33.83 1.97 24.61
N ALA C 35 32.73 1.28 24.28
CA ALA C 35 32.68 -0.17 24.39
C ALA C 35 33.67 -0.86 23.45
N TYR C 36 33.92 -0.24 22.29
CA TYR C 36 34.87 -0.76 21.32
C TYR C 36 36.31 -0.36 21.63
N LYS C 37 36.52 0.26 22.80
CA LYS C 37 37.84 0.61 23.32
C LYS C 37 38.52 1.68 22.47
N LEU C 38 37.75 2.57 21.86
CA LEU C 38 38.33 3.65 21.07
C LEU C 38 38.65 4.88 21.90
N ILE C 39 38.00 5.03 23.06
CA ILE C 39 38.17 6.25 23.86
C ILE C 39 39.63 6.47 24.27
N PRO C 40 40.39 5.46 24.71
CA PRO C 40 41.80 5.70 25.03
C PRO C 40 42.65 6.16 23.85
N GLU C 41 42.18 5.96 22.60
CA GLU C 41 42.89 6.44 21.43
C GLU C 41 42.67 7.92 21.14
N LEU C 42 41.71 8.56 21.81
CA LEU C 42 41.26 9.89 21.46
C LEU C 42 41.56 10.89 22.57
N SER C 43 41.82 12.13 22.16
CA SER C 43 42.04 13.25 23.06
C SER C 43 40.70 13.89 23.37
N ARG C 44 40.28 13.89 24.64
CA ARG C 44 39.03 14.54 24.99
CA ARG C 44 39.02 14.54 24.98
C ARG C 44 39.15 16.05 24.82
N VAL C 45 38.23 16.63 24.05
CA VAL C 45 38.19 18.07 23.87
C VAL C 45 37.04 18.60 24.72
N PRO C 46 37.30 19.38 25.76
CA PRO C 46 36.22 19.80 26.65
C PRO C 46 35.41 20.90 25.98
N PRO C 47 34.09 20.88 26.16
CA PRO C 47 33.26 21.98 25.63
C PRO C 47 33.72 23.32 26.18
N LEU C 48 33.63 24.35 25.34
CA LEU C 48 34.01 25.69 25.73
C LEU C 48 33.03 26.25 26.77
N GLN C 49 33.58 26.87 27.82
CA GLN C 49 32.75 27.61 28.76
C GLN C 49 33.31 29.03 28.87
N TRP C 50 32.47 29.96 29.31
CA TRP C 50 32.80 31.37 29.23
C TRP C 50 32.95 32.01 30.60
N ASP C 51 33.61 33.17 30.61
CA ASP C 51 33.86 33.97 31.80
C ASP C 51 32.63 34.69 32.33
N SER C 52 31.56 34.80 31.56
CA SER C 52 30.43 35.62 31.95
C SER C 52 29.30 35.40 30.95
N PRO C 53 28.06 35.71 31.34
CA PRO C 53 26.99 35.78 30.34
C PRO C 53 27.30 36.67 29.16
N SER C 54 27.94 37.83 29.37
CA SER C 54 28.24 38.69 28.23
C SER C 54 29.20 38.03 27.26
N ARG C 55 30.20 37.31 27.77
CA ARG C 55 31.11 36.61 26.87
C ARG C 55 30.38 35.51 26.09
N MET C 56 29.47 34.81 26.76
CA MET C 56 28.69 33.79 26.04
C MET C 56 27.85 34.44 24.94
N TYR C 57 27.21 35.56 25.25
CA TYR C 57 26.36 36.23 24.28
C TYR C 57 27.18 36.72 23.11
N GLU C 58 28.35 37.29 23.39
CA GLU C 58 29.27 37.74 22.35
C GLU C 58 29.61 36.60 21.39
N ALA C 59 29.86 35.41 21.92
CA ALA C 59 30.19 34.27 21.07
C ALA C 59 29.02 33.87 20.19
N VAL C 60 27.84 33.69 20.79
CA VAL C 60 26.69 33.21 20.03
C VAL C 60 26.23 34.24 19.02
N THR C 61 26.29 35.54 19.37
CA THR C 61 25.81 36.57 18.45
C THR C 61 26.85 36.97 17.43
N ALA C 62 27.96 36.23 17.33
CA ALA C 62 28.77 36.31 16.12
C ALA C 62 27.95 35.93 14.89
N PHE C 63 26.94 35.07 15.06
CA PHE C 63 26.02 34.73 13.98
C PHE C 63 24.58 35.10 14.30
N HIS C 64 24.05 34.63 15.43
CA HIS C 64 22.64 34.82 15.74
C HIS C 64 22.37 36.23 16.26
N SER C 65 21.15 36.69 16.00
CA SER C 65 20.73 37.98 16.54
C SER C 65 20.54 37.89 18.05
N THR C 66 20.75 39.02 18.72
CA THR C 66 20.58 39.08 20.16
C THR C 66 19.16 38.74 20.57
N GLU C 67 18.18 39.23 19.83
CA GLU C 67 16.78 39.03 20.17
C GLU C 67 16.36 37.57 20.01
N TYR C 68 16.92 36.89 19.01
CA TYR C 68 16.66 35.44 18.90
C TYR C 68 17.27 34.70 20.08
N VAL C 69 18.51 35.01 20.45
CA VAL C 69 19.10 34.37 21.61
C VAL C 69 18.26 34.65 22.86
N ASP C 70 17.82 35.91 23.03
CA ASP C 70 16.95 36.26 24.15
C ASP C 70 15.69 35.41 24.17
N ALA C 71 15.04 35.30 23.01
CA ALA C 71 13.80 34.54 22.92
C ALA C 71 14.04 33.07 23.26
N LEU C 72 15.15 32.50 22.78
CA LEU C 72 15.46 31.11 23.07
C LEU C 72 15.72 30.90 24.56
N LYS C 73 16.43 31.82 25.19
CA LYS C 73 16.61 31.71 26.63
C LYS C 73 15.28 31.88 27.35
N LYS C 74 14.42 32.79 26.88
CA LYS C 74 13.12 32.96 27.52
C LYS C 74 12.27 31.71 27.38
N LEU C 75 12.34 31.06 26.20
CA LEU C 75 11.57 29.84 25.98
C LEU C 75 11.95 28.76 26.99
N GLN C 76 13.24 28.57 27.23
CA GLN C 76 13.68 27.63 28.26
C GLN C 76 13.12 28.00 29.62
N MET C 77 13.20 29.27 29.99
CA MET C 77 12.70 29.71 31.29
C MET C 77 11.21 29.40 31.43
N LEU C 78 10.44 29.69 30.38
CA LEU C 78 9.00 29.45 30.45
C LEU C 78 8.70 27.96 30.61
N HIS C 79 9.49 27.10 29.95
CA HIS C 79 9.24 25.67 30.06
C HIS C 79 9.71 25.10 31.39
N CYS C 80 10.57 25.80 32.12
CA CYS C 80 10.90 25.39 33.49
C CYS C 80 9.89 25.90 34.51
N GLU C 81 8.86 26.63 34.10
CA GLU C 81 7.87 27.16 35.03
C GLU C 81 6.45 27.00 34.46
N LEU C 85 2.20 29.96 28.58
CA LEU C 85 2.64 31.15 27.87
C LEU C 85 1.51 32.14 27.67
N THR C 86 1.81 33.44 27.80
CA THR C 86 0.83 34.45 27.44
C THR C 86 0.65 34.46 25.92
N ALA C 87 -0.41 35.15 25.48
CA ALA C 87 -0.63 35.29 24.05
C ALA C 87 0.52 36.04 23.38
N ASP C 88 1.06 37.06 24.08
CA ASP C 88 2.21 37.78 23.55
C ASP C 88 3.46 36.91 23.53
N ASP C 89 3.63 36.05 24.53
CA ASP C 89 4.77 35.13 24.52
C ASP C 89 4.66 34.15 23.35
N GLU C 90 3.44 33.66 23.09
CA GLU C 90 3.25 32.75 21.96
C GLU C 90 3.60 33.43 20.64
N LEU C 91 3.16 34.68 20.45
CA LEU C 91 3.53 35.41 19.24
C LEU C 91 5.03 35.65 19.15
N LEU C 92 5.67 35.93 20.28
CA LEU C 92 7.11 36.14 20.26
C LEU C 92 7.84 34.88 19.78
N MET C 93 7.48 33.73 20.35
CA MET C 93 8.12 32.49 19.94
C MET C 93 7.83 32.17 18.48
N ASP C 94 6.57 32.37 18.05
CA ASP C 94 6.24 32.10 16.65
C ASP C 94 7.04 32.97 15.68
N SER C 95 7.38 34.21 16.08
CA SER C 95 8.16 35.07 15.20
C SER C 95 9.59 34.57 14.99
N PHE C 96 10.07 33.64 15.80
CA PHE C 96 11.38 33.03 15.61
C PHE C 96 11.27 31.55 15.23
N SER C 97 10.06 31.11 14.88
CA SER C 97 9.78 29.72 14.53
C SER C 97 10.13 28.77 15.67
N LEU C 98 9.99 29.24 16.90
CA LEU C 98 10.18 28.40 18.07
C LEU C 98 8.84 27.74 18.40
N ASN C 99 8.44 26.82 17.52
CA ASN C 99 7.17 26.14 17.64
C ASN C 99 7.19 24.89 16.77
N TYR C 100 6.09 24.16 16.78
CA TYR C 100 5.89 22.97 15.96
C TYR C 100 7.11 22.05 16.03
N ASP C 101 7.90 22.00 14.96
CA ASP C 101 9.03 21.09 14.87
C ASP C 101 10.26 21.60 15.61
N CYS C 102 10.21 22.82 16.16
CA CYS C 102 11.26 23.36 17.02
C CYS C 102 10.66 23.80 18.34
N PRO C 103 10.05 22.87 19.08
CA PRO C 103 9.30 23.26 20.28
C PRO C 103 10.24 23.66 21.41
N GLY C 104 9.65 24.29 22.42
CA GLY C 104 10.37 24.46 23.65
C GLY C 104 10.39 23.19 24.46
N PHE C 105 11.36 23.13 25.37
CA PHE C 105 11.41 22.11 26.41
C PHE C 105 12.32 22.62 27.50
N PRO C 106 12.30 22.01 28.70
CA PRO C 106 12.96 22.66 29.85
C PRO C 106 14.44 22.94 29.65
N SER C 107 15.14 22.23 28.76
CA SER C 107 16.56 22.46 28.56
C SER C 107 16.88 23.02 27.17
N VAL C 108 15.90 23.60 26.49
CA VAL C 108 16.10 23.87 25.06
C VAL C 108 17.30 24.78 24.84
N PHE C 109 17.52 25.76 25.73
CA PHE C 109 18.65 26.66 25.51
C PHE C 109 19.98 25.98 25.86
N ASP C 110 20.04 25.35 27.04
CA ASP C 110 21.25 24.65 27.45
C ASP C 110 21.65 23.59 26.43
N TYR C 111 20.66 22.86 25.91
CA TYR C 111 20.88 21.83 24.91
C TYR C 111 21.47 22.43 23.63
N SER C 112 20.83 23.49 23.11
CA SER C 112 21.31 24.14 21.89
C SER C 112 22.68 24.74 22.08
N LEU C 113 22.89 25.40 23.21
CA LEU C 113 24.17 26.04 23.49
C LEU C 113 25.28 25.01 23.61
N ALA C 114 24.96 23.84 24.18
CA ALA C 114 25.97 22.82 24.37
C ALA C 114 26.64 22.45 23.05
N ALA C 115 25.86 22.31 21.97
CA ALA C 115 26.50 21.97 20.69
C ALA C 115 27.44 23.08 20.23
N VAL C 116 27.05 24.33 20.45
CA VAL C 116 27.95 25.45 20.16
C VAL C 116 29.23 25.35 20.99
N GLN C 117 29.08 25.08 22.29
CA GLN C 117 30.24 24.95 23.16
C GLN C 117 31.17 23.86 22.67
N GLY C 118 30.60 22.74 22.20
CA GLY C 118 31.44 21.65 21.73
C GLY C 118 32.13 21.96 20.41
N SER C 119 31.39 22.54 19.46
CA SER C 119 31.98 22.80 18.15
C SER C 119 32.98 23.96 18.17
N LEU C 120 32.75 24.97 19.03
CA LEU C 120 33.74 26.05 19.17
C LEU C 120 35.02 25.53 19.79
N ALA C 121 34.91 24.70 20.83
CA ALA C 121 36.09 24.08 21.42
C ALA C 121 36.82 23.22 20.40
N ALA C 122 36.07 22.47 19.60
CA ALA C 122 36.66 21.67 18.53
C ALA C 122 37.46 22.54 17.56
N ALA C 123 36.88 23.67 17.13
CA ALA C 123 37.60 24.54 16.22
C ALA C 123 38.89 25.05 16.87
N SER C 124 38.82 25.43 18.14
CA SER C 124 40.01 25.98 18.81
C SER C 124 41.10 24.94 18.92
N ALA C 125 40.72 23.67 19.12
CA ALA C 125 41.72 22.60 19.18
C ALA C 125 42.42 22.41 17.83
N LEU C 126 41.70 22.65 16.73
CA LEU C 126 42.33 22.58 15.42
C LEU C 126 43.24 23.77 15.18
N ILE C 127 42.79 24.97 15.58
CA ILE C 127 43.54 26.19 15.31
C ILE C 127 44.90 26.15 16.00
N CYS C 128 44.92 25.76 17.27
CA CYS C 128 46.19 25.68 18.01
C CYS C 128 46.97 24.40 17.72
N ARG C 129 46.45 23.54 16.84
CA ARG C 129 47.12 22.34 16.35
C ARG C 129 47.30 21.27 17.43
N HIS C 130 46.50 21.36 18.50
CA HIS C 130 46.47 20.27 19.47
C HIS C 130 45.97 18.98 18.81
N CYS C 131 45.01 19.10 17.90
CA CYS C 131 44.43 17.96 17.18
C CYS C 131 44.50 18.21 15.68
N GLU C 132 44.74 17.13 14.93
CA GLU C 132 44.62 17.19 13.48
C GLU C 132 43.19 17.03 13.03
N VAL C 133 42.39 16.28 13.78
CA VAL C 133 40.97 16.09 13.52
C VAL C 133 40.26 16.16 14.86
N VAL C 134 39.07 16.77 14.88
CA VAL C 134 38.23 16.73 16.07
C VAL C 134 36.84 16.28 15.66
N ILE C 135 36.28 15.36 16.43
CA ILE C 135 34.93 14.84 16.21
C ILE C 135 34.01 15.41 17.27
N ASN C 136 32.83 15.90 16.86
CA ASN C 136 31.81 16.32 17.82
C ASN C 136 30.49 15.67 17.42
N TRP C 137 30.17 14.53 18.03
CA TRP C 137 28.92 13.86 17.70
C TRP C 137 27.71 14.51 18.35
N GLY C 138 27.92 15.56 19.16
CA GLY C 138 26.83 16.35 19.67
C GLY C 138 26.52 17.58 18.85
N GLY C 139 27.29 17.86 17.79
CA GLY C 139 27.07 19.01 16.96
C GLY C 139 26.60 18.63 15.56
N GLY C 140 26.53 19.66 14.68
CA GLY C 140 26.15 19.47 13.29
C GLY C 140 24.77 20.00 12.94
N TRP C 141 24.31 21.05 13.62
CA TRP C 141 22.91 21.47 13.50
C TRP C 141 22.77 22.52 12.39
N HIS C 142 22.72 22.03 11.14
CA HIS C 142 22.96 22.85 9.96
C HIS C 142 21.76 23.72 9.53
N HIS C 143 20.57 23.51 10.08
CA HIS C 143 19.40 24.27 9.59
C HIS C 143 19.18 25.61 10.28
N ALA C 144 19.74 25.83 11.48
CA ALA C 144 19.41 27.01 12.25
C ALA C 144 19.87 28.27 11.52
N LYS C 145 19.03 29.31 11.54
CA LYS C 145 19.34 30.57 10.87
C LYS C 145 19.67 31.64 11.91
N ARG C 146 20.08 32.81 11.41
CA ARG C 146 20.48 33.92 12.27
C ARG C 146 19.42 34.24 13.31
N SER C 147 18.14 34.27 12.90
CA SER C 147 17.05 34.60 13.81
C SER C 147 15.89 33.62 13.66
N GLU C 148 16.18 32.34 13.44
CA GLU C 148 15.10 31.39 13.20
C GLU C 148 15.58 29.98 13.50
N ALA C 149 14.79 29.26 14.31
CA ALA C 149 15.00 27.83 14.50
C ALA C 149 14.39 27.06 13.34
N SER C 150 15.02 25.95 12.97
CA SER C 150 14.52 25.17 11.83
C SER C 150 14.93 23.71 11.98
N GLY C 151 13.99 22.80 11.72
CA GLY C 151 14.36 21.38 11.68
C GLY C 151 15.04 20.85 12.92
N PHE C 152 14.54 21.23 14.09
CA PHE C 152 15.10 20.92 15.42
C PHE C 152 16.54 21.41 15.59
N CYS C 153 16.95 22.39 14.78
CA CYS C 153 18.21 23.09 14.94
C CYS C 153 17.92 24.47 15.51
N TYR C 154 18.44 24.75 16.69
CA TYR C 154 18.13 26.01 17.36
C TYR C 154 19.28 27.00 17.29
N LEU C 155 20.51 26.52 17.45
CA LEU C 155 21.70 27.36 17.30
C LEU C 155 22.61 26.67 16.29
N ASN C 156 23.19 27.45 15.39
CA ASN C 156 24.00 26.86 14.33
C ASN C 156 25.45 26.75 14.81
N ASP C 157 25.76 25.63 15.45
CA ASP C 157 27.11 25.38 15.93
C ASP C 157 28.10 25.32 14.78
N ILE C 158 27.65 24.87 13.61
CA ILE C 158 28.55 24.74 12.47
C ILE C 158 29.01 26.12 12.00
N VAL C 159 28.06 27.03 11.82
CA VAL C 159 28.39 28.37 11.36
C VAL C 159 29.37 29.02 12.34
N LEU C 160 29.11 28.87 13.63
CA LEU C 160 29.96 29.53 14.61
C LEU C 160 31.35 28.91 14.64
N ALA C 161 31.42 27.57 14.48
CA ALA C 161 32.72 26.92 14.40
C ALA C 161 33.48 27.36 13.15
N ILE C 162 32.77 27.43 12.01
CA ILE C 162 33.42 27.86 10.77
C ILE C 162 33.92 29.29 10.90
N HIS C 163 33.11 30.17 11.51
CA HIS C 163 33.53 31.56 11.67
C HIS C 163 34.80 31.66 12.52
N ARG C 164 34.90 30.83 13.56
CA ARG C 164 36.15 30.79 14.32
C ARG C 164 37.33 30.32 13.48
N LEU C 165 37.15 29.26 12.69
CA LEU C 165 38.23 28.74 11.85
C LEU C 165 38.66 29.77 10.81
N VAL C 166 37.68 30.38 10.12
CA VAL C 166 38.02 31.24 9.02
C VAL C 166 38.65 32.53 9.53
N SER C 167 38.42 32.86 10.81
CA SER C 167 38.98 34.05 11.44
C SER C 167 40.42 33.83 11.91
N SER C 168 40.84 32.58 12.05
CA SER C 168 42.18 32.28 12.53
C SER C 168 43.20 32.55 11.44
N THR C 169 44.42 32.88 11.87
CA THR C 169 45.47 33.29 10.93
C THR C 169 46.59 32.25 10.86
N GLN C 178 42.98 34.60 2.58
CA GLN C 178 44.00 33.55 2.57
C GLN C 178 43.49 32.28 3.27
N THR C 179 42.96 32.42 4.48
CA THR C 179 42.34 31.28 5.16
C THR C 179 41.00 30.98 4.48
N ARG C 180 40.85 29.77 3.96
CA ARG C 180 39.58 29.33 3.40
C ARG C 180 39.14 28.05 4.07
N VAL C 181 37.82 27.88 4.20
CA VAL C 181 37.23 26.70 4.83
C VAL C 181 36.35 26.02 3.80
N LEU C 182 36.50 24.70 3.65
CA LEU C 182 35.59 23.90 2.86
C LEU C 182 34.62 23.18 3.79
N TYR C 183 33.33 23.45 3.61
CA TYR C 183 32.26 22.81 4.37
C TYR C 183 31.62 21.74 3.50
N VAL C 184 31.56 20.51 4.02
CA VAL C 184 31.02 19.36 3.31
C VAL C 184 29.86 18.80 4.13
N ASP C 185 28.66 18.78 3.53
CA ASP C 185 27.44 18.40 4.26
C ASP C 185 26.94 17.07 3.67
N LEU C 186 27.13 15.98 4.41
CA LEU C 186 26.77 14.64 3.95
C LEU C 186 25.38 14.17 4.40
N ASP C 187 24.69 14.99 5.20
CA ASP C 187 23.36 14.71 5.70
C ASP C 187 22.40 14.45 4.54
N LEU C 188 21.34 13.69 4.84
CA LEU C 188 20.24 13.50 3.88
C LEU C 188 19.63 14.82 3.43
N HIS C 189 19.60 15.82 4.29
CA HIS C 189 18.96 17.09 4.01
C HIS C 189 19.96 18.16 3.56
N HIS C 190 19.45 19.12 2.79
CA HIS C 190 20.29 20.23 2.35
C HIS C 190 20.76 21.07 3.54
N GLY C 191 22.05 21.39 3.56
CA GLY C 191 22.61 22.23 4.62
C GLY C 191 22.32 23.70 4.41
N ASP C 192 21.05 24.10 4.55
CA ASP C 192 20.63 25.43 4.11
C ASP C 192 21.12 26.54 5.03
N GLY C 193 21.13 26.30 6.34
CA GLY C 193 21.53 27.37 7.25
C GLY C 193 22.99 27.74 7.13
N VAL C 194 23.85 26.73 6.95
CA VAL C 194 25.28 27.00 6.75
C VAL C 194 25.50 27.66 5.40
N GLU C 195 24.84 27.15 4.35
CA GLU C 195 24.95 27.76 3.03
C GLU C 195 24.51 29.22 3.06
N GLU C 196 23.39 29.50 3.72
CA GLU C 196 22.88 30.87 3.75
C GLU C 196 23.81 31.79 4.53
N ALA C 197 24.37 31.28 5.63
CA ALA C 197 25.22 32.12 6.47
C ALA C 197 26.42 32.65 5.70
N PHE C 198 26.93 31.88 4.74
CA PHE C 198 28.13 32.26 4.02
C PHE C 198 27.85 32.56 2.55
N TRP C 199 26.58 32.84 2.23
CA TRP C 199 26.16 33.05 0.84
C TRP C 199 26.98 34.13 0.15
N TYR C 200 27.39 35.17 0.89
CA TYR C 200 28.12 36.29 0.31
C TYR C 200 29.62 36.21 0.57
N SER C 201 30.12 35.08 1.04
CA SER C 201 31.52 34.98 1.45
CA SER C 201 31.51 34.97 1.47
C SER C 201 32.27 33.97 0.59
N PRO C 202 33.32 34.40 -0.11
CA PRO C 202 34.13 33.43 -0.88
C PRO C 202 35.00 32.57 0.00
N ARG C 203 35.25 32.99 1.24
CA ARG C 203 36.25 32.29 2.04
C ARG C 203 35.71 31.03 2.69
N VAL C 204 34.40 30.83 2.68
CA VAL C 204 33.79 29.58 3.13
C VAL C 204 33.07 29.00 1.93
N VAL C 205 33.60 27.91 1.37
CA VAL C 205 32.94 27.22 0.27
C VAL C 205 32.09 26.11 0.87
N THR C 206 30.79 26.11 0.55
CA THR C 206 29.90 25.08 1.09
C THR C 206 29.55 24.09 -0.02
N PHE C 207 29.50 22.82 0.34
CA PHE C 207 29.10 21.77 -0.59
C PHE C 207 28.17 20.83 0.15
N SER C 208 26.91 20.76 -0.28
CA SER C 208 25.94 19.85 0.32
C SER C 208 25.51 18.84 -0.74
N VAL C 209 25.54 17.56 -0.40
CA VAL C 209 24.92 16.47 -1.15
C VAL C 209 23.73 15.98 -0.34
N HIS C 210 22.59 15.78 -0.99
CA HIS C 210 21.35 15.60 -0.24
C HIS C 210 20.26 15.09 -1.18
N HIS C 211 19.18 14.59 -0.58
CA HIS C 211 17.96 14.39 -1.37
C HIS C 211 17.24 15.72 -1.55
N ALA C 212 16.68 15.93 -2.73
CA ALA C 212 15.72 17.01 -2.89
C ALA C 212 14.60 16.49 -3.76
N SER C 213 13.38 16.88 -3.42
CA SER C 213 12.19 16.54 -4.18
C SER C 213 11.04 17.42 -3.68
N PRO C 214 9.95 17.53 -4.44
CA PRO C 214 8.90 18.49 -4.05
C PRO C 214 8.29 18.14 -2.71
N GLY C 215 8.28 19.13 -1.81
CA GLY C 215 7.75 18.97 -0.47
C GLY C 215 8.73 18.41 0.53
N PHE C 216 9.92 18.01 0.10
CA PHE C 216 10.90 17.43 1.02
C PHE C 216 11.69 18.53 1.70
N PHE C 217 11.81 18.44 3.03
CA PHE C 217 12.49 19.45 3.82
C PHE C 217 13.98 19.60 3.46
N PRO C 218 14.51 20.84 3.44
CA PRO C 218 13.86 22.13 3.66
C PRO C 218 13.42 22.80 2.37
N GLY C 219 13.67 22.15 1.22
CA GLY C 219 13.17 22.62 -0.06
C GLY C 219 14.23 23.22 -0.97
N THR C 220 15.38 23.58 -0.42
CA THR C 220 16.44 24.29 -1.13
C THR C 220 17.53 23.31 -1.57
N GLY C 221 18.61 23.84 -2.15
CA GLY C 221 19.71 23.01 -2.61
C GLY C 221 19.40 22.33 -3.92
N THR C 222 18.51 22.92 -4.73
CA THR C 222 18.16 22.29 -6.00
C THR C 222 17.79 23.38 -7.00
N TRP C 223 17.33 22.97 -8.18
CA TRP C 223 17.00 23.93 -9.23
C TRP C 223 15.98 24.94 -8.73
N ASN C 224 16.10 26.16 -9.24
CA ASN C 224 15.23 27.25 -8.84
C ASN C 224 14.40 27.76 -10.02
N LEU C 231 13.75 28.24 -18.04
CA LEU C 231 14.83 27.28 -17.80
C LEU C 231 15.34 27.40 -16.36
N PRO C 232 15.19 26.34 -15.58
CA PRO C 232 15.64 26.38 -14.18
C PRO C 232 17.15 26.46 -14.06
N ILE C 233 17.60 27.18 -13.04
CA ILE C 233 19.02 27.39 -12.79
C ILE C 233 19.32 27.06 -11.34
N PHE C 234 20.60 26.87 -11.06
CA PHE C 234 21.10 26.67 -9.71
C PHE C 234 21.66 27.98 -9.17
N LEU C 235 21.08 28.48 -8.08
CA LEU C 235 21.74 29.57 -7.38
C LEU C 235 22.96 29.02 -6.64
N ASN C 236 24.00 29.84 -6.54
CA ASN C 236 25.27 29.33 -6.05
C ASN C 236 26.07 30.36 -5.28
N GLY C 237 25.40 31.30 -4.61
CA GLY C 237 26.04 32.39 -3.89
C GLY C 237 25.86 33.70 -4.63
N ALA C 238 26.25 34.78 -3.96
CA ALA C 238 26.00 36.10 -4.54
C ALA C 238 27.12 37.06 -4.15
N GLY C 239 27.27 38.11 -4.97
CA GLY C 239 28.28 39.12 -4.69
C GLY C 239 29.68 38.53 -4.71
N ARG C 240 30.48 38.88 -3.70
CA ARG C 240 31.81 38.29 -3.59
C ARG C 240 31.73 36.78 -3.40
N GLY C 241 30.57 36.26 -3.00
CA GLY C 241 30.31 34.85 -2.79
C GLY C 241 29.76 34.11 -3.98
N ARG C 242 29.69 34.74 -5.15
CA ARG C 242 29.15 34.05 -6.31
C ARG C 242 30.00 32.83 -6.63
N PHE C 243 29.34 31.72 -6.96
CA PHE C 243 29.93 30.42 -7.29
C PHE C 243 30.48 29.67 -6.08
N SER C 244 30.28 30.17 -4.86
CA SER C 244 30.91 29.58 -3.69
C SER C 244 30.00 28.64 -2.91
N ALA C 245 28.75 28.45 -3.32
CA ALA C 245 27.81 27.53 -2.66
C ALA C 245 27.46 26.43 -3.64
N PHE C 246 27.89 25.21 -3.34
CA PHE C 246 27.75 24.05 -4.23
C PHE C 246 26.68 23.11 -3.70
N ASN C 247 25.95 22.50 -4.63
CA ASN C 247 24.87 21.59 -4.24
C ASN C 247 24.77 20.43 -5.22
N LEU C 248 24.58 19.24 -4.68
CA LEU C 248 24.31 18.05 -5.49
C LEU C 248 23.04 17.40 -4.96
N PRO C 249 21.89 17.69 -5.56
CA PRO C 249 20.66 16.99 -5.16
C PRO C 249 20.56 15.66 -5.89
N LEU C 250 20.13 14.63 -5.16
CA LEU C 250 20.10 13.27 -5.65
C LEU C 250 18.71 12.67 -5.47
N GLU C 251 18.32 11.83 -6.42
CA GLU C 251 17.04 11.14 -6.32
C GLU C 251 17.11 10.06 -5.25
N GLU C 252 15.95 9.66 -4.75
CA GLU C 252 15.91 8.64 -3.71
C GLU C 252 16.42 7.31 -4.24
N GLY C 253 16.92 6.49 -3.32
CA GLY C 253 17.34 5.12 -3.61
C GLY C 253 18.83 4.89 -3.79
N ILE C 254 19.66 5.93 -3.71
CA ILE C 254 21.07 5.77 -4.08
C ILE C 254 21.78 4.89 -3.07
N ASN C 255 22.68 4.02 -3.56
CA ASN C 255 23.41 3.08 -2.73
C ASN C 255 24.82 3.61 -2.43
N ASP C 256 25.61 2.81 -1.68
CA ASP C 256 26.94 3.23 -1.24
C ASP C 256 27.84 3.58 -2.43
N LEU C 257 27.91 2.67 -3.41
CA LEU C 257 28.84 2.85 -4.52
C LEU C 257 28.49 4.08 -5.36
N ASP C 258 27.21 4.23 -5.70
CA ASP C 258 26.83 5.34 -6.55
C ASP C 258 26.97 6.68 -5.84
N TRP C 259 26.66 6.73 -4.53
CA TRP C 259 26.87 7.95 -3.76
C TRP C 259 28.36 8.27 -3.64
N SER C 260 29.18 7.24 -3.43
CA SER C 260 30.64 7.43 -3.39
C SER C 260 31.16 7.97 -4.71
N ASN C 261 30.75 7.37 -5.82
CA ASN C 261 31.21 7.85 -7.11
C ASN C 261 30.61 9.20 -7.46
N ALA C 262 29.46 9.54 -6.88
CA ALA C 262 28.85 10.84 -7.13
C ALA C 262 29.68 11.96 -6.53
N ILE C 263 30.12 11.79 -5.27
CA ILE C 263 30.74 12.91 -4.57
C ILE C 263 32.26 12.82 -4.51
N GLY C 264 32.85 11.65 -4.77
CA GLY C 264 34.28 11.48 -4.67
C GLY C 264 35.08 12.47 -5.51
N PRO C 265 34.82 12.50 -6.81
CA PRO C 265 35.58 13.40 -7.69
C PRO C 265 35.28 14.86 -7.43
N ILE C 266 34.05 15.18 -7.00
CA ILE C 266 33.73 16.56 -6.66
C ILE C 266 34.52 16.99 -5.43
N LEU C 267 34.57 16.13 -4.41
CA LEU C 267 35.35 16.43 -3.21
C LEU C 267 36.82 16.67 -3.55
N ASP C 268 37.42 15.74 -4.30
CA ASP C 268 38.84 15.90 -4.66
C ASP C 268 39.06 17.17 -5.46
N SER C 269 38.12 17.49 -6.36
CA SER C 269 38.26 18.70 -7.17
C SER C 269 38.15 19.94 -6.31
N LEU C 270 37.21 19.95 -5.36
CA LEU C 270 37.11 21.07 -4.43
C LEU C 270 38.40 21.26 -3.64
N ASN C 271 38.99 20.16 -3.17
CA ASN C 271 40.24 20.31 -2.41
C ASN C 271 41.35 20.86 -3.30
N ILE C 272 41.46 20.35 -4.53
CA ILE C 272 42.54 20.79 -5.42
C ILE C 272 42.45 22.29 -5.70
N VAL C 273 41.24 22.79 -5.98
CA VAL C 273 41.07 24.17 -6.43
C VAL C 273 40.97 25.13 -5.25
N ILE C 274 40.18 24.79 -4.23
CA ILE C 274 39.99 25.69 -3.10
C ILE C 274 41.21 25.73 -2.20
N GLN C 275 41.94 24.62 -2.10
CA GLN C 275 43.07 24.50 -1.19
CA GLN C 275 43.07 24.50 -1.19
C GLN C 275 42.70 24.96 0.22
N PRO C 276 41.66 24.37 0.81
CA PRO C 276 41.18 24.83 2.12
C PRO C 276 42.21 24.67 3.22
N SER C 277 42.18 25.62 4.16
CA SER C 277 42.99 25.52 5.38
C SER C 277 42.35 24.61 6.41
N TYR C 278 41.03 24.47 6.35
CA TYR C 278 40.26 23.59 7.22
C TYR C 278 39.13 22.99 6.42
N VAL C 279 38.77 21.76 6.78
CA VAL C 279 37.56 21.12 6.27
C VAL C 279 36.61 20.93 7.45
N VAL C 280 35.34 21.24 7.26
CA VAL C 280 34.31 20.95 8.25
C VAL C 280 33.31 20.03 7.57
N VAL C 281 33.06 18.87 8.18
CA VAL C 281 32.21 17.82 7.60
C VAL C 281 31.02 17.63 8.51
N GLN C 282 29.83 17.80 7.98
CA GLN C 282 28.63 17.38 8.68
C GLN C 282 28.30 15.95 8.24
N CYS C 283 28.17 15.03 9.19
CA CYS C 283 28.10 13.59 8.87
C CYS C 283 26.77 13.00 9.35
N GLY C 284 25.67 13.72 9.10
CA GLY C 284 24.35 13.24 9.47
C GLY C 284 24.11 11.84 8.94
N ALA C 285 23.55 10.98 9.80
CA ALA C 285 23.43 9.55 9.51
C ALA C 285 22.09 9.19 8.89
N ASP C 286 21.30 10.18 8.45
CA ASP C 286 19.97 9.85 7.97
C ASP C 286 19.97 9.38 6.52
N CYS C 287 21.14 9.23 5.90
CA CYS C 287 21.21 8.56 4.59
C CYS C 287 21.25 7.05 4.71
N LEU C 288 21.40 6.53 5.93
CA LEU C 288 21.43 5.08 6.11
C LEU C 288 20.15 4.44 5.58
N ALA C 289 20.29 3.26 4.97
CA ALA C 289 19.14 2.53 4.45
C ALA C 289 18.09 2.27 5.52
N THR C 290 18.52 2.22 6.79
CA THR C 290 17.66 1.89 7.91
C THR C 290 17.19 3.12 8.69
N ASP C 291 17.57 4.32 8.26
CA ASP C 291 16.98 5.51 8.85
C ASP C 291 15.48 5.54 8.55
N PRO C 292 14.65 5.97 9.50
CA PRO C 292 13.20 6.01 9.23
C PRO C 292 12.81 6.91 8.05
N HIS C 293 13.68 7.83 7.60
CA HIS C 293 13.37 8.56 6.37
C HIS C 293 13.24 7.61 5.19
N ARG C 294 14.06 6.56 5.17
CA ARG C 294 14.02 5.53 4.14
C ARG C 294 14.11 6.13 2.74
N ILE C 295 15.12 6.98 2.52
CA ILE C 295 15.30 7.64 1.23
C ILE C 295 16.54 7.14 0.49
N PHE C 296 17.70 7.20 1.13
CA PHE C 296 18.92 6.63 0.54
C PHE C 296 19.18 5.26 1.12
N ARG C 297 20.14 4.55 0.53
CA ARG C 297 20.44 3.17 0.92
C ARG C 297 21.90 3.01 1.31
N LEU C 298 22.46 4.02 2.00
CA LEU C 298 23.82 3.90 2.47
C LEU C 298 23.91 2.94 3.65
N THR C 299 25.12 2.44 3.90
CA THR C 299 25.35 1.51 5.00
C THR C 299 26.50 2.02 5.84
N ASN C 300 26.84 1.26 6.88
CA ASN C 300 28.11 1.42 7.58
C ASN C 300 29.07 0.26 7.29
N PHE C 301 28.89 -0.43 6.17
CA PHE C 301 29.66 -1.63 5.90
C PHE C 301 31.13 -1.29 5.62
N TYR C 302 32.01 -2.20 6.03
CA TYR C 302 33.44 -1.97 5.92
C TYR C 302 34.10 -3.29 5.54
N PRO C 303 34.03 -3.67 4.25
CA PRO C 303 34.49 -4.97 3.74
C PRO C 303 35.95 -5.24 4.06
N SER C 316 30.70 -3.71 -0.80
CA SER C 316 30.87 -2.29 -1.14
C SER C 316 31.08 -1.42 0.12
N LEU C 317 32.07 -0.52 0.08
CA LEU C 317 32.39 0.30 1.23
C LEU C 317 31.27 1.30 1.51
N SER C 318 30.88 1.42 2.79
CA SER C 318 29.97 2.48 3.22
C SER C 318 30.32 3.80 2.52
N GLY C 319 29.32 4.43 1.91
CA GLY C 319 29.57 5.72 1.29
C GLY C 319 30.14 6.74 2.26
N TYR C 320 29.63 6.76 3.50
CA TYR C 320 30.17 7.65 4.52
C TYR C 320 31.65 7.40 4.76
N LEU C 321 32.03 6.13 4.95
CA LEU C 321 33.42 5.81 5.24
C LEU C 321 34.30 6.14 4.05
N TYR C 322 33.82 5.89 2.84
CA TYR C 322 34.55 6.28 1.64
C TYR C 322 34.82 7.78 1.62
N ALA C 323 33.79 8.58 1.88
CA ALA C 323 33.93 10.03 1.85
C ALA C 323 34.87 10.53 2.95
N ILE C 324 34.71 10.02 4.18
CA ILE C 324 35.57 10.48 5.27
C ILE C 324 37.02 10.08 5.00
N LYS C 325 37.25 8.84 4.57
CA LYS C 325 38.61 8.43 4.24
C LYS C 325 39.21 9.36 3.19
N LYS C 326 38.42 9.71 2.18
CA LYS C 326 38.93 10.61 1.13
C LYS C 326 39.29 11.97 1.69
N ILE C 327 38.37 12.58 2.43
CA ILE C 327 38.63 13.89 3.03
C ILE C 327 39.89 13.84 3.89
N LEU C 328 40.02 12.79 4.70
CA LEU C 328 41.17 12.72 5.61
C LEU C 328 42.47 12.51 4.85
N SER C 329 42.40 11.92 3.65
CA SER C 329 43.61 11.71 2.85
C SER C 329 44.27 13.01 2.43
N TRP C 330 43.51 14.12 2.44
CA TRP C 330 44.05 15.44 2.08
C TRP C 330 44.97 16.01 3.15
N LYS C 331 44.92 15.48 4.38
CA LYS C 331 45.79 15.94 5.47
C LYS C 331 45.59 17.42 5.76
N VAL C 332 44.32 17.86 5.71
CA VAL C 332 43.89 19.20 6.09
C VAL C 332 43.22 19.08 7.44
N PRO C 333 43.49 19.97 8.40
CA PRO C 333 42.79 19.90 9.70
C PRO C 333 41.29 19.91 9.49
N THR C 334 40.61 18.96 10.14
CA THR C 334 39.23 18.64 9.81
C THR C 334 38.39 18.56 11.08
N LEU C 335 37.19 19.11 11.00
CA LEU C 335 36.17 18.97 12.02
C LEU C 335 35.10 18.03 11.48
N ILE C 336 34.78 16.97 12.24
CA ILE C 336 33.75 16.00 11.86
C ILE C 336 32.60 16.14 12.86
N LEU C 337 31.42 16.51 12.36
CA LEU C 337 30.23 16.76 13.16
C LEU C 337 29.15 15.71 12.87
N GLY C 338 28.20 15.59 13.81
CA GLY C 338 27.04 14.74 13.62
C GLY C 338 25.98 15.46 12.82
N GLY C 339 24.74 15.37 13.27
CA GLY C 339 23.62 15.91 12.52
C GLY C 339 22.40 15.01 12.60
N GLY C 340 21.67 14.85 11.50
CA GLY C 340 20.53 13.97 11.51
C GLY C 340 20.92 12.52 11.77
N GLY C 341 19.89 11.69 11.94
CA GLY C 341 20.09 10.27 12.18
C GLY C 341 19.10 9.80 13.23
N TYR C 342 18.01 9.17 12.78
CA TYR C 342 16.85 8.94 13.63
C TYR C 342 16.67 7.46 13.96
N ASN C 343 17.57 6.60 13.48
CA ASN C 343 17.69 5.23 13.97
C ASN C 343 18.90 5.30 14.90
N PHE C 344 18.64 5.43 16.20
CA PHE C 344 19.75 5.75 17.10
C PHE C 344 20.80 4.65 17.15
N PRO C 345 20.45 3.36 17.26
CA PRO C 345 21.51 2.34 17.28
C PRO C 345 22.32 2.29 15.99
N ASP C 346 21.66 2.43 14.85
CA ASP C 346 22.39 2.38 13.60
C ASP C 346 23.22 3.64 13.40
N THR C 347 22.76 4.77 13.92
CA THR C 347 23.59 5.97 13.91
C THR C 347 24.85 5.77 14.73
N ALA C 348 24.72 5.16 15.91
CA ALA C 348 25.89 4.82 16.73
C ALA C 348 26.81 3.84 15.99
N ARG C 349 26.23 2.85 15.30
CA ARG C 349 27.01 1.89 14.52
C ARG C 349 27.82 2.60 13.46
N LEU C 350 27.22 3.56 12.76
CA LEU C 350 27.93 4.28 11.72
C LEU C 350 29.02 5.15 12.32
N TRP C 351 28.66 5.98 13.29
CA TRP C 351 29.60 6.97 13.80
C TRP C 351 30.74 6.31 14.57
N THR C 352 30.50 5.13 15.14
CA THR C 352 31.59 4.36 15.73
C THR C 352 32.60 3.94 14.68
N ARG C 353 32.13 3.45 13.52
CA ARG C 353 33.07 3.11 12.45
C ARG C 353 33.75 4.36 11.90
N VAL C 354 33.04 5.48 11.79
CA VAL C 354 33.69 6.71 11.36
C VAL C 354 34.81 7.08 12.33
N THR C 355 34.54 6.95 13.63
CA THR C 355 35.54 7.29 14.63
C THR C 355 36.76 6.37 14.52
N ALA C 356 36.52 5.07 14.40
CA ALA C 356 37.62 4.13 14.22
C ALA C 356 38.41 4.46 12.95
N LEU C 357 37.71 4.75 11.85
CA LEU C 357 38.40 5.06 10.60
C LEU C 357 39.27 6.30 10.75
N THR C 358 38.75 7.33 11.43
CA THR C 358 39.52 8.55 11.65
C THR C 358 40.82 8.27 12.41
N ILE C 359 40.74 7.47 13.48
CA ILE C 359 41.95 7.08 14.21
C ILE C 359 42.95 6.39 13.28
N GLU C 360 42.46 5.43 12.47
CA GLU C 360 43.35 4.71 11.56
C GLU C 360 44.02 5.65 10.59
N GLU C 361 43.24 6.52 9.96
CA GLU C 361 43.77 7.36 8.89
C GLU C 361 44.72 8.40 9.43
N VAL C 362 44.43 8.95 10.61
CA VAL C 362 45.26 10.01 11.15
C VAL C 362 46.48 9.45 11.87
N LYS C 363 46.30 8.40 12.68
CA LYS C 363 47.40 7.88 13.46
C LYS C 363 48.15 6.75 12.78
N GLY C 364 47.64 6.20 11.67
CA GLY C 364 48.28 5.04 11.07
C GLY C 364 48.19 3.79 11.91
N LYS C 365 47.19 3.74 12.80
CA LYS C 365 47.08 2.70 13.82
C LYS C 365 45.85 1.85 13.52
N LYS C 366 46.06 0.55 13.27
CA LYS C 366 44.96 -0.33 12.90
C LYS C 366 43.92 -0.40 14.02
N MET C 367 42.65 -0.20 13.65
CA MET C 367 41.54 -0.25 14.60
C MET C 367 40.62 -1.38 14.17
N THR C 368 40.74 -2.52 14.84
CA THR C 368 39.96 -3.70 14.50
C THR C 368 38.75 -3.75 15.40
N ILE C 369 37.58 -3.76 14.78
CA ILE C 369 36.32 -3.70 15.48
C ILE C 369 35.63 -5.05 15.35
N SER C 370 35.31 -5.67 16.47
CA SER C 370 34.61 -6.94 16.42
C SER C 370 33.25 -6.80 15.75
N PRO C 371 32.85 -7.77 14.90
CA PRO C 371 31.49 -7.71 14.33
C PRO C 371 30.40 -7.87 15.38
N GLU C 372 30.69 -8.44 16.55
CA GLU C 372 29.72 -8.52 17.62
C GLU C 372 29.79 -7.27 18.49
N ILE C 373 28.64 -6.68 18.78
CA ILE C 373 28.60 -5.52 19.68
C ILE C 373 29.15 -5.93 21.05
N PRO C 374 30.07 -5.16 21.63
CA PRO C 374 30.63 -5.53 22.94
C PRO C 374 29.64 -5.27 24.06
N GLU C 375 29.90 -5.94 25.18
CA GLU C 375 29.14 -5.70 26.39
C GLU C 375 29.24 -4.25 26.83
N HIS C 376 28.10 -3.64 27.12
CA HIS C 376 28.02 -2.31 27.70
C HIS C 376 26.54 -2.04 28.01
N SER C 377 26.28 -0.96 28.73
CA SER C 377 24.94 -0.84 29.31
C SER C 377 23.87 -0.55 28.27
N TYR C 378 24.23 -0.24 27.02
CA TYR C 378 23.23 -0.14 25.95
C TYR C 378 23.24 -1.34 25.01
N PHE C 379 23.90 -2.45 25.38
CA PHE C 379 23.95 -3.63 24.53
C PHE C 379 22.56 -4.02 24.00
N SER C 380 21.55 -3.97 24.86
CA SER C 380 20.22 -4.45 24.46
C SER C 380 19.59 -3.60 23.36
N ARG C 381 20.09 -2.39 23.12
CA ARG C 381 19.55 -1.56 22.05
C ARG C 381 19.97 -2.02 20.67
N TYR C 382 20.88 -2.99 20.59
CA TYR C 382 21.44 -3.44 19.32
C TYR C 382 20.86 -4.77 18.86
N GLY C 383 19.72 -5.18 19.42
CA GLY C 383 19.06 -6.41 19.02
C GLY C 383 18.37 -6.27 17.68
N PRO C 384 17.92 -7.40 17.11
CA PRO C 384 18.01 -8.74 17.68
C PRO C 384 19.29 -9.46 17.29
N ASP C 385 20.11 -8.81 16.46
CA ASP C 385 21.34 -9.37 15.92
C ASP C 385 22.56 -9.08 16.78
N PHE C 386 22.60 -7.91 17.43
CA PHE C 386 23.76 -7.49 18.23
C PHE C 386 25.05 -7.52 17.42
N GLU C 387 24.96 -7.11 16.16
CA GLU C 387 26.11 -6.98 15.28
C GLU C 387 26.33 -5.52 14.90
N LEU C 388 27.57 -5.20 14.53
CA LEU C 388 27.95 -3.83 14.20
C LEU C 388 27.46 -3.39 12.82
N ASP C 389 27.47 -4.29 11.83
CA ASP C 389 26.87 -3.97 10.53
C ASP C 389 25.38 -3.72 10.71
N ILE C 390 24.87 -2.66 10.06
CA ILE C 390 23.43 -2.44 10.12
C ILE C 390 22.69 -3.59 9.43
N ASP C 391 21.46 -3.83 9.90
CA ASP C 391 20.64 -4.96 9.46
C ASP C 391 19.95 -4.59 8.15
N TYR C 392 20.75 -4.55 7.09
CA TYR C 392 20.29 -4.18 5.76
C TYR C 392 20.91 -5.12 4.74
N PHE C 393 20.13 -5.49 3.74
CA PHE C 393 20.58 -6.42 2.71
C PHE C 393 20.56 -5.72 1.37
N PRO C 394 21.70 -5.25 0.88
CA PRO C 394 21.72 -4.49 -0.37
C PRO C 394 21.25 -5.36 -1.51
N HIS C 395 20.53 -4.74 -2.45
CA HIS C 395 19.99 -5.49 -3.60
C HIS C 395 19.92 -4.57 -4.81
N THR C 401 21.44 2.87 -16.07
CA THR C 401 22.11 3.72 -17.07
C THR C 401 21.59 5.15 -17.09
N LEU C 402 20.27 5.31 -16.92
CA LEU C 402 19.62 6.61 -16.96
C LEU C 402 19.66 7.36 -15.64
N ASP C 403 20.15 6.74 -14.57
CA ASP C 403 20.17 7.36 -13.26
C ASP C 403 21.48 8.11 -13.00
N SER C 404 22.31 8.30 -14.01
CA SER C 404 23.61 8.95 -13.83
C SER C 404 23.44 10.45 -13.59
N ILE C 405 24.53 11.08 -13.14
CA ILE C 405 24.52 12.50 -12.83
C ILE C 405 25.71 13.21 -13.48
N GLN C 406 26.09 12.79 -14.69
CA GLN C 406 27.29 13.38 -15.28
C GLN C 406 27.08 14.84 -15.65
N LYS C 407 25.85 15.24 -15.95
CA LYS C 407 25.62 16.66 -16.22
C LYS C 407 25.73 17.49 -14.94
N HIS C 408 25.46 16.88 -13.78
CA HIS C 408 25.74 17.59 -12.52
C HIS C 408 27.23 17.77 -12.31
N HIS C 409 28.03 16.74 -12.58
CA HIS C 409 29.48 16.89 -12.51
C HIS C 409 29.95 18.04 -13.40
N ARG C 410 29.47 18.06 -14.64
CA ARG C 410 29.85 19.12 -15.56
C ARG C 410 29.45 20.49 -15.03
N ARG C 411 28.22 20.60 -14.50
CA ARG C 411 27.75 21.87 -13.95
C ARG C 411 28.58 22.30 -12.75
N ILE C 412 28.88 21.35 -11.85
CA ILE C 412 29.63 21.69 -10.64
C ILE C 412 31.07 22.06 -10.99
N LEU C 413 31.70 21.35 -11.93
CA LEU C 413 33.06 21.71 -12.32
C LEU C 413 33.09 23.08 -13.00
N GLU C 414 32.09 23.38 -13.83
CA GLU C 414 32.00 24.73 -14.40
C GLU C 414 31.90 25.78 -13.31
N GLN C 415 31.06 25.51 -12.30
CA GLN C 415 30.96 26.43 -11.18
C GLN C 415 32.30 26.57 -10.46
N LEU C 416 33.03 25.46 -10.29
CA LEU C 416 34.32 25.53 -9.62
C LEU C 416 35.31 26.37 -10.42
N ARG C 417 35.32 26.22 -11.74
CA ARG C 417 36.20 27.07 -12.55
C ARG C 417 35.78 28.54 -12.43
N ASN C 418 34.48 28.81 -12.43
CA ASN C 418 34.01 30.19 -12.25
C ASN C 418 34.42 30.75 -10.90
N TYR C 419 34.32 29.93 -9.85
CA TYR C 419 34.79 30.35 -8.53
C TYR C 419 36.27 30.71 -8.56
N ALA C 420 37.09 29.86 -9.17
CA ALA C 420 38.53 30.12 -9.18
C ALA C 420 38.86 31.40 -9.93
N ASP C 421 38.17 31.66 -11.04
CA ASP C 421 38.42 32.86 -11.82
C ASP C 421 38.01 34.11 -11.05
N LEU C 422 36.81 34.09 -10.45
CA LEU C 422 36.37 35.25 -9.70
C LEU C 422 37.33 35.58 -8.57
N ASN C 423 37.91 34.55 -7.96
CA ASN C 423 38.74 34.73 -6.77
C ASN C 423 40.23 34.68 -7.07
N LYS C 424 40.61 34.70 -8.36
CA LYS C 424 42.03 34.76 -8.77
C LYS C 424 42.83 33.61 -8.18
N LEU C 425 42.24 32.41 -8.22
CA LEU C 425 42.88 31.19 -7.75
C LEU C 425 43.35 30.38 -8.94
N ILE C 426 44.46 29.68 -8.76
CA ILE C 426 44.93 28.79 -9.81
C ILE C 426 43.88 27.71 -10.06
N TYR C 427 43.51 27.52 -11.31
CA TYR C 427 42.63 26.41 -11.71
C TYR C 427 43.50 25.40 -12.45
N ASP C 428 43.83 24.31 -11.76
CA ASP C 428 44.76 23.29 -12.28
C ASP C 428 43.96 22.29 -13.12
N TYR C 429 43.70 22.69 -14.37
CA TYR C 429 42.93 21.85 -15.29
C TYR C 429 43.52 20.45 -15.41
N ASP C 430 44.85 20.35 -15.53
CA ASP C 430 45.46 19.05 -15.78
C ASP C 430 45.21 18.09 -14.62
N GLN C 431 45.24 18.61 -13.39
CA GLN C 431 45.04 17.73 -12.24
C GLN C 431 43.58 17.33 -12.09
N VAL C 432 42.66 18.26 -12.32
CA VAL C 432 41.24 17.92 -12.27
C VAL C 432 40.89 16.98 -13.41
N TYR C 433 41.45 17.24 -14.60
CA TYR C 433 41.22 16.34 -15.72
C TYR C 433 41.67 14.93 -15.39
N GLN C 434 42.88 14.79 -14.86
CA GLN C 434 43.43 13.47 -14.57
C GLN C 434 42.59 12.77 -13.51
N LEU C 435 42.09 13.55 -12.55
CA LEU C 435 41.22 13.01 -11.51
C LEU C 435 39.98 12.38 -12.12
N TYR C 436 39.30 13.10 -13.01
CA TYR C 436 38.09 12.56 -13.63
C TYR C 436 38.42 11.50 -14.66
N ASN C 437 39.58 11.61 -15.32
CA ASN C 437 39.96 10.63 -16.32
C ASN C 437 40.20 9.26 -15.71
N LEU C 438 40.39 9.16 -14.40
CA LEU C 438 40.51 7.87 -13.74
C LEU C 438 39.24 7.04 -13.91
N THR C 439 38.10 7.70 -14.09
CA THR C 439 36.84 7.02 -14.40
C THR C 439 36.43 7.22 -15.86
N GLY C 440 37.35 7.67 -16.71
CA GLY C 440 37.02 7.93 -18.09
C GLY C 440 36.10 9.10 -18.31
N MET C 441 35.99 10.01 -17.34
CA MET C 441 35.09 11.14 -17.44
C MET C 441 35.83 12.47 -17.50
N GLY C 442 37.06 12.45 -18.00
CA GLY C 442 37.84 13.68 -18.14
C GLY C 442 37.20 14.68 -19.08
N SER C 443 36.35 14.22 -19.99
CA SER C 443 35.66 15.13 -20.91
C SER C 443 34.71 16.07 -20.20
N LEU C 444 34.31 15.75 -18.97
CA LEU C 444 33.41 16.63 -18.23
C LEU C 444 34.12 17.85 -17.67
N VAL C 445 35.45 17.85 -17.64
CA VAL C 445 36.23 18.89 -16.98
C VAL C 445 36.39 20.09 -17.89
N PRO C 446 35.93 21.28 -17.49
CA PRO C 446 36.09 22.46 -18.35
C PRO C 446 37.51 23.01 -18.24
N ARG C 447 37.94 23.67 -19.31
CA ARG C 447 39.30 24.20 -19.39
C ARG C 447 39.45 25.45 -18.52
N SER D 3 -5.75 33.26 19.12
CA SER D 3 -4.59 33.44 18.25
C SER D 3 -4.98 33.27 16.79
N VAL D 4 -4.53 34.18 15.94
CA VAL D 4 -4.80 34.16 14.51
C VAL D 4 -3.50 33.82 13.79
N GLY D 5 -3.52 32.76 13.00
CA GLY D 5 -2.37 32.38 12.22
C GLY D 5 -2.51 32.77 10.77
N ILE D 6 -1.37 32.89 10.10
CA ILE D 6 -1.35 33.20 8.67
C ILE D 6 -0.17 32.45 8.05
N VAL D 7 -0.40 31.80 6.92
CA VAL D 7 0.61 30.97 6.29
C VAL D 7 1.50 31.86 5.44
N TYR D 8 2.81 31.85 5.72
CA TYR D 8 3.77 32.46 4.81
C TYR D 8 5.15 31.91 5.10
N GLY D 9 6.10 32.31 4.26
CA GLY D 9 7.48 31.87 4.31
C GLY D 9 8.17 32.31 3.04
N ASP D 10 9.50 32.38 3.04
CA ASP D 10 10.20 32.89 1.86
C ASP D 10 10.01 31.98 0.66
N GLN D 11 10.27 30.67 0.81
CA GLN D 11 10.07 29.77 -0.31
C GLN D 11 8.60 29.71 -0.70
N TYR D 12 7.71 29.69 0.29
CA TYR D 12 6.28 29.68 0.00
C TYR D 12 5.89 30.86 -0.88
N ARG D 13 6.35 32.04 -0.50
CA ARG D 13 6.06 33.25 -1.29
C ARG D 13 6.58 33.10 -2.71
N GLN D 14 7.82 32.65 -2.87
CA GLN D 14 8.38 32.47 -4.20
C GLN D 14 7.53 31.51 -5.03
N LEU D 15 7.14 30.38 -4.45
CA LEU D 15 6.33 29.41 -5.20
C LEU D 15 4.95 29.95 -5.51
N CYS D 16 4.28 30.59 -4.54
CA CYS D 16 2.95 31.15 -4.82
C CYS D 16 2.98 32.24 -5.86
N CYS D 17 4.16 32.80 -6.15
CA CYS D 17 4.31 33.86 -7.14
C CYS D 17 4.91 33.35 -8.45
N SER D 18 4.92 32.04 -8.67
CA SER D 18 5.64 31.47 -9.80
C SER D 18 4.73 31.03 -10.95
N SER D 19 3.36 31.25 -10.84
CA SER D 19 2.45 30.83 -11.89
C SER D 19 2.20 31.98 -12.88
N PRO D 20 1.94 31.65 -14.15
CA PRO D 20 1.66 32.72 -15.12
C PRO D 20 0.34 33.42 -14.87
N LYS D 21 -0.66 32.71 -14.34
CA LYS D 21 -1.99 33.31 -14.17
C LYS D 21 -2.06 34.25 -12.97
N PHE D 22 -1.48 33.86 -11.83
CA PHE D 22 -1.61 34.69 -10.64
C PHE D 22 -0.38 35.54 -10.36
N GLY D 23 0.64 35.46 -11.20
CA GLY D 23 1.77 36.37 -11.11
C GLY D 23 2.24 36.59 -9.69
N ASP D 24 2.37 37.85 -9.28
CA ASP D 24 2.88 38.19 -7.95
C ASP D 24 1.77 38.59 -6.99
N ARG D 25 0.52 38.17 -7.27
CA ARG D 25 -0.60 38.55 -6.43
C ARG D 25 -0.35 38.26 -4.96
N TYR D 26 0.17 37.07 -4.66
CA TYR D 26 0.40 36.69 -3.27
C TYR D 26 1.36 37.65 -2.59
N ALA D 27 2.40 38.09 -3.29
CA ALA D 27 3.34 39.05 -2.70
C ALA D 27 2.65 40.39 -2.41
N LEU D 28 1.79 40.86 -3.32
CA LEU D 28 1.07 42.10 -3.02
C LEU D 28 0.19 41.94 -1.80
N VAL D 29 -0.51 40.81 -1.70
CA VAL D 29 -1.40 40.59 -0.56
C VAL D 29 -0.61 40.65 0.74
N MET D 30 0.46 39.86 0.82
CA MET D 30 1.19 39.78 2.08
C MET D 30 1.96 41.05 2.39
N ASP D 31 2.46 41.74 1.37
CA ASP D 31 3.16 43.00 1.62
C ASP D 31 2.21 44.11 2.03
N LEU D 32 0.98 44.11 1.52
CA LEU D 32 0.02 45.10 1.99
C LEU D 32 -0.36 44.82 3.44
N ILE D 33 -0.56 43.55 3.78
CA ILE D 33 -0.81 43.19 5.17
C ILE D 33 0.35 43.63 6.05
N ASN D 34 1.57 43.49 5.54
CA ASN D 34 2.74 43.92 6.29
C ASN D 34 2.83 45.45 6.36
N ALA D 35 2.47 46.13 5.28
CA ALA D 35 2.52 47.60 5.28
C ALA D 35 1.55 48.20 6.30
N TYR D 36 0.47 47.51 6.59
CA TYR D 36 -0.51 47.97 7.57
C TYR D 36 -0.19 47.51 8.99
N LYS D 37 1.01 46.96 9.20
CA LYS D 37 1.51 46.60 10.53
C LYS D 37 0.67 45.52 11.18
N LEU D 38 0.11 44.61 10.38
CA LEU D 38 -0.67 43.51 10.90
C LEU D 38 0.16 42.28 11.24
N ILE D 39 1.32 42.11 10.61
CA ILE D 39 2.10 40.89 10.82
C ILE D 39 2.46 40.66 12.28
N PRO D 40 2.80 41.67 13.09
CA PRO D 40 3.06 41.40 14.51
C PRO D 40 1.87 40.86 15.28
N GLU D 41 0.65 41.08 14.79
CA GLU D 41 -0.55 40.54 15.43
C GLU D 41 -0.80 39.07 15.07
N LEU D 42 -0.06 38.51 14.13
CA LEU D 42 -0.38 37.21 13.57
C LEU D 42 0.74 36.22 13.85
N SER D 43 0.36 34.96 14.05
CA SER D 43 1.32 33.87 14.22
CA SER D 43 1.34 33.89 14.21
C SER D 43 1.62 33.26 12.86
N ARG D 44 2.90 33.25 12.48
CA ARG D 44 3.23 32.61 11.21
C ARG D 44 3.06 31.10 11.33
N VAL D 45 2.27 30.54 10.42
CA VAL D 45 2.10 29.10 10.31
C VAL D 45 2.96 28.62 9.14
N PRO D 46 4.01 27.83 9.38
CA PRO D 46 4.88 27.41 8.29
C PRO D 46 4.22 26.34 7.45
N PRO D 47 4.41 26.38 6.13
CA PRO D 47 3.86 25.31 5.28
C PRO D 47 4.42 23.94 5.68
N LEU D 48 3.58 22.92 5.50
CA LEU D 48 3.97 21.55 5.86
C LEU D 48 5.00 21.00 4.88
N GLN D 49 6.03 20.34 5.42
CA GLN D 49 7.00 19.60 4.61
C GLN D 49 7.05 18.17 5.11
N TRP D 50 7.56 17.28 4.27
CA TRP D 50 7.41 15.84 4.50
C TRP D 50 8.76 15.14 4.64
N ASP D 51 8.69 13.96 5.28
CA ASP D 51 9.87 13.14 5.54
C ASP D 51 10.44 12.48 4.28
N SER D 52 9.66 12.40 3.20
CA SER D 52 10.06 11.57 2.08
C SER D 52 9.06 11.81 0.95
N PRO D 53 9.46 11.49 -0.30
CA PRO D 53 8.47 11.46 -1.39
C PRO D 53 7.26 10.59 -1.07
N SER D 54 7.47 9.45 -0.43
CA SER D 54 6.35 8.56 -0.13
CA SER D 54 6.36 8.55 -0.13
C SER D 54 5.36 9.21 0.82
N ARG D 55 5.85 9.93 1.83
CA ARG D 55 4.94 10.62 2.73
C ARG D 55 4.21 11.75 2.01
N MET D 56 4.89 12.43 1.09
CA MET D 56 4.21 13.47 0.32
C MET D 56 3.09 12.88 -0.52
N TYR D 57 3.37 11.79 -1.24
CA TYR D 57 2.34 11.14 -2.04
C TYR D 57 1.20 10.65 -1.16
N GLU D 58 1.53 10.12 0.02
CA GLU D 58 0.48 9.67 0.93
C GLU D 58 -0.47 10.81 1.27
N ALA D 59 0.07 12.01 1.51
CA ALA D 59 -0.78 13.15 1.84
C ALA D 59 -1.63 13.55 0.65
N VAL D 60 -1.01 13.70 -0.52
CA VAL D 60 -1.74 14.28 -1.65
C VAL D 60 -2.75 13.28 -2.20
N THR D 61 -2.40 11.98 -2.22
CA THR D 61 -3.32 10.99 -2.74
C THR D 61 -4.37 10.57 -1.73
N ALA D 62 -4.43 11.21 -0.56
CA ALA D 62 -5.63 11.13 0.26
C ALA D 62 -6.86 11.60 -0.52
N PHE D 63 -6.66 12.47 -1.51
CA PHE D 63 -7.72 12.86 -2.44
C PHE D 63 -7.38 12.53 -3.88
N HIS D 64 -6.25 13.00 -4.40
CA HIS D 64 -5.94 12.86 -5.82
C HIS D 64 -5.44 11.45 -6.13
N SER D 65 -5.64 11.01 -7.37
CA SER D 65 -5.11 9.70 -7.74
C SER D 65 -3.59 9.76 -7.91
N THR D 66 -2.94 8.60 -7.70
CA THR D 66 -1.50 8.53 -7.89
C THR D 66 -1.12 8.89 -9.32
N GLU D 67 -1.87 8.38 -10.29
CA GLU D 67 -1.55 8.66 -11.69
C GLU D 67 -1.67 10.15 -12.01
N TYR D 68 -2.66 10.83 -11.43
CA TYR D 68 -2.77 12.27 -11.67
C TYR D 68 -1.59 13.02 -11.08
N VAL D 69 -1.20 12.69 -9.84
CA VAL D 69 -0.03 13.33 -9.25
C VAL D 69 1.22 13.04 -10.07
N ASP D 70 1.38 11.78 -10.54
CA ASP D 70 2.50 11.44 -11.42
C ASP D 70 2.51 12.33 -12.65
N ALA D 71 1.34 12.48 -13.30
CA ALA D 71 1.27 13.29 -14.51
C ALA D 71 1.60 14.74 -14.22
N LEU D 72 1.11 15.28 -13.10
CA LEU D 72 1.40 16.67 -12.78
C LEU D 72 2.88 16.88 -12.54
N LYS D 73 3.50 15.96 -11.81
CA LYS D 73 4.94 16.02 -11.62
C LYS D 73 5.67 15.92 -12.95
N LYS D 74 5.24 14.99 -13.82
CA LYS D 74 5.88 14.86 -15.13
C LYS D 74 5.71 16.13 -15.95
N LEU D 75 4.54 16.77 -15.87
CA LEU D 75 4.33 18.02 -16.59
C LEU D 75 5.35 19.07 -16.19
N GLN D 76 5.60 19.20 -14.89
CA GLN D 76 6.65 20.11 -14.43
C GLN D 76 8.00 19.74 -15.04
N MET D 77 8.35 18.46 -14.97
CA MET D 77 9.65 18.04 -15.51
C MET D 77 9.76 18.38 -16.99
N LEU D 78 8.70 18.11 -17.75
CA LEU D 78 8.75 18.37 -19.19
C LEU D 78 8.88 19.86 -19.48
N HIS D 79 8.28 20.71 -18.64
CA HIS D 79 8.37 22.14 -18.85
C HIS D 79 9.68 22.74 -18.35
N CYS D 80 10.51 21.95 -17.67
CA CYS D 80 11.86 22.38 -17.32
C CYS D 80 12.91 21.96 -18.35
N GLU D 81 12.50 21.31 -19.43
CA GLU D 81 13.35 21.01 -20.57
C GLU D 81 12.92 21.89 -21.75
N GLU D 82 13.85 22.11 -22.66
CA GLU D 82 13.55 22.96 -23.80
C GLU D 82 12.66 22.28 -24.83
N LYS D 83 12.57 20.95 -24.78
CA LYS D 83 11.93 20.18 -25.84
C LYS D 83 10.42 20.37 -25.85
N GLU D 84 9.85 20.28 -27.06
CA GLU D 84 8.42 20.12 -27.23
C GLU D 84 7.97 18.80 -26.60
N LEU D 85 6.70 18.74 -26.19
CA LEU D 85 6.15 17.48 -25.71
C LEU D 85 5.95 16.50 -26.86
N THR D 86 6.07 15.22 -26.55
CA THR D 86 5.72 14.19 -27.53
C THR D 86 4.21 14.11 -27.67
N ALA D 87 3.77 13.52 -28.79
CA ALA D 87 2.35 13.27 -28.99
C ALA D 87 1.79 12.41 -27.87
N ASP D 88 2.53 11.39 -27.44
CA ASP D 88 2.07 10.55 -26.33
C ASP D 88 1.95 11.36 -25.04
N ASP D 89 2.92 12.23 -24.77
CA ASP D 89 2.80 13.00 -23.54
C ASP D 89 1.68 14.03 -23.63
N GLU D 90 1.44 14.61 -24.81
CA GLU D 90 0.27 15.49 -24.98
C GLU D 90 -1.02 14.75 -24.65
N LEU D 91 -1.17 13.53 -25.17
CA LEU D 91 -2.38 12.75 -24.91
C LEU D 91 -2.51 12.45 -23.42
N LEU D 92 -1.41 12.05 -22.80
CA LEU D 92 -1.42 11.80 -21.35
C LEU D 92 -1.89 13.03 -20.59
N MET D 93 -1.33 14.20 -20.91
CA MET D 93 -1.75 15.39 -20.18
C MET D 93 -3.20 15.72 -20.45
N ASP D 94 -3.64 15.53 -21.69
CA ASP D 94 -5.03 15.77 -22.05
C ASP D 94 -5.98 14.90 -21.21
N SER D 95 -5.58 13.66 -20.92
CA SER D 95 -6.43 12.76 -20.16
C SER D 95 -6.66 13.23 -18.73
N PHE D 96 -5.84 14.17 -18.24
CA PHE D 96 -5.98 14.74 -16.92
C PHE D 96 -6.41 16.20 -16.98
N SER D 97 -6.79 16.70 -18.17
CA SER D 97 -7.12 18.12 -18.39
C SER D 97 -5.97 19.04 -18.00
N LEU D 98 -4.74 18.55 -18.13
CA LEU D 98 -3.56 19.37 -17.92
C LEU D 98 -3.22 20.06 -19.24
N ASN D 99 -4.11 20.98 -19.63
CA ASN D 99 -4.00 21.63 -20.93
C ASN D 99 -4.86 22.88 -20.92
N TYR D 100 -4.83 23.60 -22.05
CA TYR D 100 -5.66 24.78 -22.29
C TYR D 100 -5.59 25.75 -21.12
N ASP D 101 -6.64 25.79 -20.31
CA ASP D 101 -6.70 26.73 -19.20
C ASP D 101 -5.87 26.29 -18.01
N CYS D 102 -5.41 25.03 -17.97
CA CYS D 102 -4.54 24.53 -16.90
C CYS D 102 -3.19 24.12 -17.50
N PRO D 103 -2.45 25.07 -18.05
CA PRO D 103 -1.23 24.71 -18.78
C PRO D 103 -0.11 24.29 -17.85
N GLY D 104 0.89 23.66 -18.43
CA GLY D 104 2.14 23.47 -17.75
C GLY D 104 2.96 24.74 -17.70
N PHE D 105 3.86 24.77 -16.74
CA PHE D 105 4.90 25.78 -16.62
C PHE D 105 5.98 25.23 -15.71
N PRO D 106 7.18 25.84 -15.70
CA PRO D 106 8.31 25.16 -15.05
C PRO D 106 8.10 24.84 -13.59
N SER D 107 7.25 25.57 -12.86
CA SER D 107 7.03 25.31 -11.45
C SER D 107 5.63 24.74 -11.14
N VAL D 108 4.93 24.18 -12.14
CA VAL D 108 3.51 23.88 -11.96
C VAL D 108 3.27 22.92 -10.79
N PHE D 109 4.14 21.92 -10.59
CA PHE D 109 3.90 21.00 -9.48
C PHE D 109 4.29 21.64 -8.14
N ASP D 110 5.47 22.25 -8.06
CA ASP D 110 5.86 22.92 -6.81
C ASP D 110 4.85 24.00 -6.42
N TYR D 111 4.34 24.74 -7.40
CA TYR D 111 3.34 25.77 -7.15
C TYR D 111 2.06 25.18 -6.56
N SER D 112 1.51 24.14 -7.20
CA SER D 112 0.26 23.55 -6.75
CA SER D 112 0.25 23.60 -6.72
C SER D 112 0.44 22.88 -5.39
N LEU D 113 1.58 22.19 -5.22
CA LEU D 113 1.85 21.51 -3.96
C LEU D 113 1.96 22.50 -2.82
N ALA D 114 2.56 23.67 -3.09
CA ALA D 114 2.74 24.67 -2.04
C ALA D 114 1.41 25.04 -1.40
N ALA D 115 0.36 25.25 -2.20
CA ALA D 115 -0.93 25.55 -1.62
C ALA D 115 -1.40 24.43 -0.69
N VAL D 116 -1.16 23.18 -1.09
CA VAL D 116 -1.50 22.04 -0.24
C VAL D 116 -0.69 22.07 1.06
N GLN D 117 0.62 22.32 0.95
CA GLN D 117 1.47 22.42 2.13
C GLN D 117 0.93 23.48 3.08
N GLY D 118 0.56 24.64 2.54
CA GLY D 118 0.06 25.72 3.38
C GLY D 118 -1.26 25.38 4.04
N SER D 119 -2.20 24.82 3.28
CA SER D 119 -3.52 24.59 3.86
C SER D 119 -3.53 23.39 4.80
N LEU D 120 -2.70 22.37 4.56
CA LEU D 120 -2.60 21.29 5.53
C LEU D 120 -2.01 21.78 6.85
N ALA D 121 -0.96 22.61 6.76
CA ALA D 121 -0.37 23.18 7.96
C ALA D 121 -1.39 24.01 8.72
N ALA D 122 -2.22 24.75 7.97
CA ALA D 122 -3.23 25.57 8.62
C ALA D 122 -4.24 24.71 9.37
N ALA D 123 -4.70 23.63 8.75
CA ALA D 123 -5.59 22.70 9.42
C ALA D 123 -4.94 22.13 10.68
N SER D 124 -3.66 21.78 10.61
CA SER D 124 -2.99 21.22 11.78
C SER D 124 -2.94 22.22 12.93
N ALA D 125 -2.70 23.50 12.61
CA ALA D 125 -2.66 24.54 13.63
C ALA D 125 -4.00 24.71 14.32
N LEU D 126 -5.10 24.51 13.59
CA LEU D 126 -6.42 24.52 14.21
C LEU D 126 -6.63 23.28 15.08
N ILE D 127 -6.24 22.12 14.56
CA ILE D 127 -6.48 20.86 15.26
C ILE D 127 -5.77 20.84 16.61
N CYS D 128 -4.50 21.26 16.64
CA CYS D 128 -3.76 21.29 17.90
C CYS D 128 -4.07 22.51 18.73
N ARG D 129 -4.99 23.36 18.25
CA ARG D 129 -5.49 24.54 18.94
C ARG D 129 -4.39 25.57 19.19
N HIS D 130 -3.35 25.57 18.35
CA HIS D 130 -2.39 26.68 18.40
C HIS D 130 -3.03 27.97 17.94
N CYS D 131 -3.87 27.89 16.92
CA CYS D 131 -4.62 29.03 16.42
C CYS D 131 -6.11 28.77 16.49
N GLU D 132 -6.86 29.84 16.74
CA GLU D 132 -8.31 29.80 16.66
C GLU D 132 -8.78 29.98 15.22
N VAL D 133 -8.08 30.81 14.44
CA VAL D 133 -8.32 31.00 13.03
C VAL D 133 -6.98 30.98 12.31
N VAL D 134 -6.93 30.39 11.12
CA VAL D 134 -5.73 30.48 10.29
C VAL D 134 -6.13 30.96 8.91
N ILE D 135 -5.34 31.89 8.37
CA ILE D 135 -5.52 32.46 7.05
C ILE D 135 -4.45 31.88 6.13
N ASN D 136 -4.85 31.45 4.93
CA ASN D 136 -3.88 31.06 3.89
C ASN D 136 -4.27 31.74 2.59
N TRP D 137 -3.68 32.91 2.31
CA TRP D 137 -4.00 33.58 1.06
C TRP D 137 -3.30 32.95 -0.14
N GLY D 138 -2.51 31.90 0.07
CA GLY D 138 -1.93 31.11 -1.02
C GLY D 138 -2.75 29.90 -1.40
N GLY D 139 -3.84 29.63 -0.69
CA GLY D 139 -4.68 28.48 -0.95
C GLY D 139 -6.09 28.86 -1.42
N GLY D 140 -6.95 27.84 -1.51
CA GLY D 140 -8.34 28.04 -1.88
C GLY D 140 -8.67 27.61 -3.29
N TRP D 141 -7.99 26.56 -3.78
CA TRP D 141 -8.12 26.17 -5.19
C TRP D 141 -9.23 25.13 -5.34
N HIS D 142 -10.47 25.63 -5.49
CA HIS D 142 -11.63 24.79 -5.25
C HIS D 142 -12.08 23.96 -6.44
N HIS D 143 -11.50 24.16 -7.63
CA HIS D 143 -11.99 23.45 -8.83
C HIS D 143 -11.30 22.12 -9.11
N ALA D 144 -10.13 21.86 -8.52
CA ALA D 144 -9.41 20.65 -8.88
C ALA D 144 -10.15 19.40 -8.40
N LYS D 145 -10.15 18.36 -9.23
CA LYS D 145 -10.82 17.09 -8.98
C LYS D 145 -9.79 16.01 -8.72
N ARG D 146 -10.28 14.83 -8.31
CA ARG D 146 -9.40 13.71 -7.98
C ARG D 146 -8.33 13.48 -9.04
N SER D 147 -8.74 13.44 -10.32
CA SER D 147 -7.81 13.19 -11.41
C SER D 147 -7.97 14.20 -12.53
N GLU D 148 -8.24 15.46 -12.20
CA GLU D 148 -8.47 16.44 -13.25
C GLU D 148 -8.14 17.84 -12.76
N ALA D 149 -7.30 18.56 -13.50
CA ALA D 149 -7.13 19.97 -13.24
C ALA D 149 -8.31 20.76 -13.84
N SER D 150 -8.61 21.89 -13.23
CA SER D 150 -9.75 22.67 -13.72
C SER D 150 -9.62 24.11 -13.25
N GLY D 151 -9.87 25.06 -14.15
CA GLY D 151 -9.91 26.47 -13.72
C GLY D 151 -8.65 26.97 -13.05
N PHE D 152 -7.49 26.61 -13.59
CA PHE D 152 -6.16 26.89 -13.04
C PHE D 152 -5.98 26.36 -11.62
N CYS D 153 -6.80 25.41 -11.21
CA CYS D 153 -6.62 24.68 -9.97
C CYS D 153 -6.05 23.31 -10.32
N TYR D 154 -4.90 22.98 -9.76
CA TYR D 154 -4.26 21.72 -10.08
C TYR D 154 -4.33 20.70 -8.95
N LEU D 155 -4.19 21.16 -7.71
CA LEU D 155 -4.38 20.29 -6.56
C LEU D 155 -5.36 20.96 -5.62
N ASN D 156 -6.25 20.17 -5.04
CA ASN D 156 -7.30 20.75 -4.21
C ASN D 156 -6.84 20.80 -2.76
N ASP D 157 -6.19 21.91 -2.41
CA ASP D 157 -5.74 22.12 -1.04
C ASP D 157 -6.91 22.17 -0.08
N ILE D 158 -8.07 22.65 -0.54
CA ILE D 158 -9.23 22.75 0.33
C ILE D 158 -9.70 21.36 0.75
N VAL D 159 -9.90 20.48 -0.24
CA VAL D 159 -10.35 19.12 0.07
C VAL D 159 -9.38 18.43 1.02
N LEU D 160 -8.08 18.58 0.76
CA LEU D 160 -7.09 17.91 1.62
C LEU D 160 -7.10 18.48 3.02
N ALA D 161 -7.22 19.81 3.17
CA ALA D 161 -7.33 20.39 4.49
C ALA D 161 -8.62 19.94 5.19
N ILE D 162 -9.75 19.92 4.48
CA ILE D 162 -10.99 19.49 5.12
C ILE D 162 -10.89 18.04 5.56
N HIS D 163 -10.30 17.20 4.71
CA HIS D 163 -10.14 15.80 5.08
C HIS D 163 -9.32 15.64 6.34
N ARG D 164 -8.27 16.45 6.49
CA ARG D 164 -7.48 16.44 7.72
C ARG D 164 -8.33 16.85 8.92
N LEU D 165 -9.14 17.91 8.77
CA LEU D 165 -9.98 18.38 9.87
C LEU D 165 -11.03 17.35 10.26
N VAL D 166 -11.75 16.82 9.26
CA VAL D 166 -12.89 15.96 9.58
C VAL D 166 -12.40 14.62 10.13
N SER D 167 -11.16 14.25 9.85
CA SER D 167 -10.57 13.01 10.31
C SER D 167 -9.84 13.14 11.64
N SER D 168 -9.91 14.30 12.28
CA SER D 168 -9.10 14.52 13.49
C SER D 168 -9.79 14.00 14.75
N GLN D 178 -19.33 12.68 14.61
CA GLN D 178 -18.96 13.53 15.73
C GLN D 178 -18.33 14.84 15.25
N THR D 179 -17.27 14.75 14.44
CA THR D 179 -16.64 15.93 13.86
C THR D 179 -17.33 16.27 12.54
N ARG D 180 -17.86 17.47 12.45
CA ARG D 180 -18.49 17.96 11.22
C ARG D 180 -17.79 19.24 10.78
N VAL D 181 -17.63 19.41 9.48
CA VAL D 181 -17.03 20.61 8.91
C VAL D 181 -18.07 21.31 8.04
N LEU D 182 -18.18 22.62 8.19
CA LEU D 182 -18.96 23.46 7.30
C LEU D 182 -18.00 24.20 6.37
N TYR D 183 -18.18 24.01 5.06
CA TYR D 183 -17.38 24.68 4.04
C TYR D 183 -18.23 25.75 3.40
N VAL D 184 -17.73 26.99 3.39
CA VAL D 184 -18.41 28.15 2.82
C VAL D 184 -17.55 28.71 1.70
N ASP D 185 -18.12 28.80 0.49
CA ASP D 185 -17.37 29.18 -0.71
C ASP D 185 -17.95 30.50 -1.23
N LEU D 186 -17.21 31.60 -1.01
CA LEU D 186 -17.65 32.94 -1.36
C LEU D 186 -17.18 33.39 -2.74
N ASP D 187 -16.40 32.56 -3.43
CA ASP D 187 -15.89 32.88 -4.75
C ASP D 187 -17.03 33.18 -5.73
N LEU D 188 -16.70 33.96 -6.76
CA LEU D 188 -17.65 34.21 -7.85
C LEU D 188 -18.10 32.91 -8.51
N HIS D 189 -17.25 31.91 -8.52
CA HIS D 189 -17.52 30.65 -9.20
C HIS D 189 -17.98 29.58 -8.22
N HIS D 190 -18.75 28.64 -8.76
CA HIS D 190 -19.21 27.49 -7.97
C HIS D 190 -18.03 26.64 -7.51
N GLY D 191 -18.04 26.28 -6.23
CA GLY D 191 -16.99 25.44 -5.68
C GLY D 191 -17.23 23.97 -5.99
N ASP D 192 -17.06 23.58 -7.26
CA ASP D 192 -17.49 22.25 -7.70
C ASP D 192 -16.58 21.14 -7.21
N GLY D 193 -15.26 21.36 -7.24
CA GLY D 193 -14.35 20.30 -6.82
C GLY D 193 -14.55 19.89 -5.37
N VAL D 194 -14.69 20.88 -4.48
CA VAL D 194 -14.93 20.58 -3.06
C VAL D 194 -16.29 19.92 -2.88
N GLU D 195 -17.32 20.47 -3.52
CA GLU D 195 -18.64 19.87 -3.44
C GLU D 195 -18.62 18.41 -3.87
N GLU D 196 -17.96 18.14 -5.00
CA GLU D 196 -17.89 16.78 -5.53
C GLU D 196 -17.14 15.85 -4.60
N ALA D 197 -16.01 16.32 -4.05
CA ALA D 197 -15.21 15.47 -3.17
C ALA D 197 -16.03 14.95 -2.00
N PHE D 198 -16.98 15.74 -1.51
CA PHE D 198 -17.73 15.37 -0.32
C PHE D 198 -19.19 15.09 -0.63
N TRP D 199 -19.50 14.84 -1.92
CA TRP D 199 -20.86 14.60 -2.37
C TRP D 199 -21.57 13.52 -1.56
N TYR D 200 -20.82 12.52 -1.11
CA TYR D 200 -21.40 11.37 -0.41
C TYR D 200 -21.18 11.44 1.10
N SER D 201 -20.65 12.54 1.60
CA SER D 201 -20.23 12.64 3.00
C SER D 201 -21.12 13.62 3.74
N PRO D 202 -21.94 13.17 4.69
CA PRO D 202 -22.76 14.12 5.45
C PRO D 202 -21.97 14.96 6.43
N ARG D 203 -20.77 14.54 6.83
CA ARG D 203 -20.10 15.29 7.87
C ARG D 203 -19.31 16.48 7.33
N VAL D 204 -19.20 16.62 6.02
CA VAL D 204 -18.70 17.85 5.42
C VAL D 204 -19.86 18.46 4.64
N VAL D 205 -20.44 19.52 5.17
CA VAL D 205 -21.52 20.22 4.49
C VAL D 205 -20.91 21.36 3.69
N THR D 206 -21.18 21.40 2.39
CA THR D 206 -20.61 22.42 1.53
C THR D 206 -21.69 23.41 1.15
N PHE D 207 -21.32 24.69 1.12
CA PHE D 207 -22.25 25.76 0.73
C PHE D 207 -21.50 26.74 -0.16
N SER D 208 -21.93 26.87 -1.40
CA SER D 208 -21.31 27.80 -2.34
C SER D 208 -22.35 28.82 -2.77
N VAL D 209 -21.99 30.10 -2.70
CA VAL D 209 -22.74 31.18 -3.30
C VAL D 209 -21.90 31.70 -4.46
N HIS D 210 -22.53 31.92 -5.61
CA HIS D 210 -21.75 32.13 -6.83
C HIS D 210 -22.67 32.69 -7.89
N HIS D 211 -22.07 33.21 -8.96
CA HIS D 211 -22.83 33.44 -10.18
C HIS D 211 -22.99 32.14 -10.95
N ALA D 212 -24.17 31.94 -11.54
CA ALA D 212 -24.34 30.91 -12.54
C ALA D 212 -25.21 31.47 -13.65
N SER D 213 -24.88 31.10 -14.88
CA SER D 213 -25.65 31.48 -16.06
C SER D 213 -25.16 30.61 -17.23
N PRO D 214 -25.91 30.53 -18.32
CA PRO D 214 -25.53 29.60 -19.39
C PRO D 214 -24.17 29.95 -19.96
N GLY D 215 -23.29 28.93 -20.00
CA GLY D 215 -21.94 29.08 -20.49
C GLY D 215 -20.93 29.62 -19.50
N PHE D 216 -21.38 30.04 -18.31
CA PHE D 216 -20.46 30.57 -17.31
C PHE D 216 -19.80 29.41 -16.54
N PHE D 217 -18.49 29.48 -16.38
CA PHE D 217 -17.69 28.45 -15.73
C PHE D 217 -18.08 28.24 -14.27
N PRO D 218 -18.08 27.00 -13.78
CA PRO D 218 -17.87 25.72 -14.47
C PRO D 218 -19.17 25.06 -14.90
N GLY D 219 -20.29 25.72 -14.62
CA GLY D 219 -21.58 25.31 -15.12
C GLY D 219 -22.48 24.68 -14.08
N THR D 220 -21.93 24.26 -12.95
CA THR D 220 -22.65 23.57 -11.90
C THR D 220 -23.10 24.57 -10.81
N GLY D 221 -23.68 24.03 -9.72
CA GLY D 221 -24.19 24.88 -8.65
C GLY D 221 -25.52 25.53 -8.95
N THR D 222 -26.28 24.98 -9.88
CA THR D 222 -27.56 25.58 -10.26
C THR D 222 -28.51 24.47 -10.70
N TRP D 223 -29.69 24.86 -11.17
CA TRP D 223 -30.66 23.90 -11.69
C TRP D 223 -30.01 23.01 -12.73
N ASN D 224 -30.33 21.72 -12.67
CA ASN D 224 -29.55 20.70 -13.36
C ASN D 224 -30.39 19.88 -14.34
N LEU D 231 -38.56 18.61 -15.74
CA LEU D 231 -37.96 19.91 -15.40
C LEU D 231 -36.60 19.71 -14.74
N PRO D 232 -35.75 20.74 -14.80
CA PRO D 232 -34.45 20.66 -14.10
C PRO D 232 -34.64 20.62 -12.59
N ILE D 233 -33.74 19.89 -11.92
CA ILE D 233 -33.77 19.72 -10.48
C ILE D 233 -32.50 20.32 -9.90
N PHE D 234 -32.52 20.51 -8.59
CA PHE D 234 -31.35 20.94 -7.84
C PHE D 234 -30.77 19.73 -7.11
N LEU D 235 -29.63 19.22 -7.58
CA LEU D 235 -28.94 18.14 -6.88
C LEU D 235 -28.28 18.69 -5.62
N ASN D 236 -28.12 17.82 -4.61
CA ASN D 236 -27.70 18.31 -3.30
C ASN D 236 -26.91 17.27 -2.49
N GLY D 237 -26.25 16.33 -3.15
CA GLY D 237 -25.59 15.23 -2.47
C GLY D 237 -26.27 13.91 -2.80
N ALA D 238 -25.58 12.83 -2.46
CA ALA D 238 -26.10 11.50 -2.75
C ALA D 238 -25.67 10.51 -1.66
N GLY D 239 -26.33 9.35 -1.65
CA GLY D 239 -26.07 8.37 -0.62
C GLY D 239 -26.39 8.95 0.75
N ARG D 240 -25.51 8.67 1.71
CA ARG D 240 -25.65 9.26 3.03
C ARG D 240 -25.35 10.75 3.03
N GLY D 241 -24.82 11.28 1.94
CA GLY D 241 -24.58 12.70 1.79
C GLY D 241 -25.73 13.45 1.16
N ARG D 242 -26.89 12.82 0.97
CA ARG D 242 -28.01 13.55 0.38
C ARG D 242 -28.36 14.75 1.25
N PHE D 243 -28.71 15.86 0.59
CA PHE D 243 -29.05 17.15 1.20
C PHE D 243 -27.85 17.87 1.84
N SER D 244 -26.63 17.37 1.66
CA SER D 244 -25.47 17.94 2.34
C SER D 244 -24.65 18.89 1.47
N ALA D 245 -25.08 19.15 0.24
CA ALA D 245 -24.40 20.08 -0.65
C ALA D 245 -25.37 21.20 -0.98
N PHE D 246 -25.08 22.40 -0.51
CA PHE D 246 -25.94 23.57 -0.66
C PHE D 246 -25.35 24.54 -1.68
N ASN D 247 -26.23 25.18 -2.45
CA ASN D 247 -25.83 26.13 -3.49
C ASN D 247 -26.82 27.28 -3.57
N LEU D 248 -26.28 28.50 -3.73
CA LEU D 248 -27.06 29.71 -3.96
C LEU D 248 -26.52 30.39 -5.21
N PRO D 249 -27.13 30.14 -6.37
CA PRO D 249 -26.72 30.85 -7.59
C PRO D 249 -27.42 32.21 -7.68
N LEU D 250 -26.64 33.22 -8.07
CA LEU D 250 -27.14 34.61 -8.08
C LEU D 250 -26.92 35.26 -9.44
N GLU D 251 -27.86 36.13 -9.80
CA GLU D 251 -27.76 36.83 -11.07
C GLU D 251 -26.67 37.90 -11.03
N GLU D 252 -26.15 38.24 -12.21
CA GLU D 252 -25.12 39.25 -12.27
C GLU D 252 -25.65 40.60 -11.76
N GLY D 253 -24.73 41.41 -11.24
CA GLY D 253 -25.04 42.74 -10.81
C GLY D 253 -25.29 42.93 -9.32
N ILE D 254 -25.24 41.86 -8.51
CA ILE D 254 -25.67 41.98 -7.12
C ILE D 254 -24.68 42.81 -6.32
N ASN D 255 -25.20 43.64 -5.41
CA ASN D 255 -24.37 44.55 -4.63
C ASN D 255 -24.09 43.97 -3.24
N ASP D 256 -23.34 44.73 -2.43
CA ASP D 256 -22.97 44.28 -1.08
C ASP D 256 -24.19 43.93 -0.24
N LEU D 257 -25.16 44.83 -0.17
CA LEU D 257 -26.32 44.63 0.71
C LEU D 257 -27.13 43.41 0.30
N ASP D 258 -27.47 43.31 -0.98
CA ASP D 258 -28.34 42.22 -1.41
C ASP D 258 -27.62 40.89 -1.31
N TRP D 259 -26.33 40.85 -1.62
CA TRP D 259 -25.54 39.63 -1.43
C TRP D 259 -25.47 39.24 0.04
N SER D 260 -25.31 40.24 0.93
CA SER D 260 -25.27 39.97 2.37
C SER D 260 -26.62 39.45 2.87
N ASN D 261 -27.71 40.11 2.48
CA ASN D 261 -29.04 39.64 2.87
C ASN D 261 -29.33 38.26 2.28
N ALA D 262 -28.76 37.95 1.10
CA ALA D 262 -29.01 36.66 0.47
C ALA D 262 -28.36 35.53 1.24
N ILE D 263 -27.13 35.73 1.72
CA ILE D 263 -26.41 34.61 2.32
C ILE D 263 -26.44 34.61 3.83
N GLY D 264 -26.79 35.74 4.46
CA GLY D 264 -26.71 35.88 5.90
C GLY D 264 -27.55 34.88 6.66
N PRO D 265 -28.85 34.83 6.34
CA PRO D 265 -29.72 33.83 7.01
C PRO D 265 -29.33 32.40 6.74
N ILE D 266 -28.83 32.10 5.53
CA ILE D 266 -28.38 30.74 5.23
C ILE D 266 -27.20 30.37 6.12
N LEU D 267 -26.23 31.27 6.25
CA LEU D 267 -25.06 31.03 7.10
C LEU D 267 -25.48 30.74 8.54
N ASP D 268 -26.32 31.61 9.11
CA ASP D 268 -26.71 31.39 10.49
C ASP D 268 -27.50 30.10 10.65
N SER D 269 -28.31 29.76 9.64
CA SER D 269 -29.10 28.55 9.73
CA SER D 269 -29.10 28.55 9.73
C SER D 269 -28.21 27.31 9.69
N LEU D 270 -27.19 27.33 8.82
CA LEU D 270 -26.28 26.19 8.72
C LEU D 270 -25.51 26.00 10.02
N ASN D 271 -25.07 27.11 10.63
CA ASN D 271 -24.32 26.96 11.87
C ASN D 271 -25.22 26.41 12.98
N ILE D 272 -26.46 26.90 13.07
CA ILE D 272 -27.37 26.46 14.12
C ILE D 272 -27.65 24.96 14.00
N VAL D 273 -27.94 24.51 12.77
CA VAL D 273 -28.35 23.13 12.56
C VAL D 273 -27.15 22.18 12.56
N ILE D 274 -26.10 22.54 11.83
CA ILE D 274 -24.96 21.63 11.67
C ILE D 274 -24.07 21.60 12.91
N GLN D 275 -24.00 22.70 13.65
CA GLN D 275 -23.08 22.85 14.78
C GLN D 275 -21.67 22.37 14.42
N PRO D 276 -21.03 22.99 13.43
CA PRO D 276 -19.76 22.47 12.93
C PRO D 276 -18.64 22.59 13.96
N SER D 277 -17.72 21.62 13.91
CA SER D 277 -16.51 21.67 14.72
C SER D 277 -15.46 22.59 14.11
N TYR D 278 -15.48 22.73 12.79
CA TYR D 278 -14.60 23.62 12.03
C TYR D 278 -15.40 24.26 10.92
N VAL D 279 -15.02 25.49 10.57
CA VAL D 279 -15.52 26.15 9.37
C VAL D 279 -14.34 26.41 8.45
N VAL D 280 -14.50 26.12 7.17
CA VAL D 280 -13.48 26.43 6.17
C VAL D 280 -14.13 27.37 5.18
N VAL D 281 -13.54 28.55 4.98
CA VAL D 281 -14.11 29.58 4.11
C VAL D 281 -13.18 29.81 2.94
N GLN D 282 -13.72 29.73 1.73
CA GLN D 282 -13.00 30.14 0.54
C GLN D 282 -13.42 31.58 0.24
N CYS D 283 -12.47 32.50 0.18
CA CYS D 283 -12.76 33.92 0.09
CA CYS D 283 -12.75 33.93 0.09
C CYS D 283 -12.29 34.52 -1.22
N GLY D 284 -12.48 33.79 -2.32
CA GLY D 284 -12.10 34.29 -3.64
C GLY D 284 -12.65 35.69 -3.89
N ALA D 285 -11.79 36.58 -4.39
CA ALA D 285 -12.08 38.00 -4.47
C ALA D 285 -12.65 38.41 -5.81
N ASP D 286 -13.06 37.45 -6.64
CA ASP D 286 -13.55 37.80 -7.97
C ASP D 286 -15.00 38.27 -7.97
N CYS D 287 -15.66 38.44 -6.80
CA CYS D 287 -16.96 39.09 -6.74
C CYS D 287 -16.83 40.61 -6.62
N LEU D 288 -15.61 41.12 -6.44
CA LEU D 288 -15.43 42.57 -6.38
C LEU D 288 -15.92 43.22 -7.66
N ALA D 289 -16.51 44.39 -7.49
CA ALA D 289 -17.01 45.19 -8.62
C ALA D 289 -15.93 45.48 -9.63
N THR D 290 -14.67 45.53 -9.20
CA THR D 290 -13.53 45.85 -10.04
C THR D 290 -12.75 44.63 -10.53
N ASP D 291 -13.21 43.43 -10.23
CA ASP D 291 -12.59 42.26 -10.84
C ASP D 291 -12.86 42.27 -12.34
N PRO D 292 -11.90 41.85 -13.18
CA PRO D 292 -12.15 41.87 -14.63
C PRO D 292 -13.33 40.99 -15.07
N HIS D 293 -13.77 40.04 -14.24
CA HIS D 293 -15.01 39.32 -14.56
C HIS D 293 -16.18 40.29 -14.70
N ARG D 294 -16.20 41.33 -13.87
CA ARG D 294 -17.24 42.35 -13.88
C ARG D 294 -18.64 41.74 -13.85
N ILE D 295 -18.89 40.89 -12.86
CA ILE D 295 -20.19 40.22 -12.71
C ILE D 295 -20.93 40.71 -11.48
N PHE D 296 -20.35 40.55 -10.29
CA PHE D 296 -20.98 41.07 -9.08
C PHE D 296 -20.42 42.45 -8.77
N ARG D 297 -21.04 43.15 -7.83
CA ARG D 297 -20.60 44.49 -7.47
C ARG D 297 -20.23 44.59 -6.00
N LEU D 298 -19.61 43.55 -5.44
CA LEU D 298 -19.17 43.62 -4.06
C LEU D 298 -17.97 44.57 -3.94
N THR D 299 -17.77 45.07 -2.72
CA THR D 299 -16.66 45.96 -2.43
C THR D 299 -15.85 45.40 -1.27
N ASN D 300 -14.82 46.14 -0.86
CA ASN D 300 -14.12 45.94 0.40
C ASN D 300 -14.42 47.04 1.41
N PHE D 301 -15.56 47.72 1.26
CA PHE D 301 -15.84 48.88 2.08
C PHE D 301 -16.14 48.47 3.53
N TYR D 302 -15.70 49.30 4.47
CA TYR D 302 -15.85 49.02 5.90
C TYR D 302 -16.28 50.30 6.60
N PRO D 303 -17.58 50.59 6.65
CA PRO D 303 -18.10 51.86 7.21
C PRO D 303 -17.76 52.03 8.68
N SER D 316 -22.24 51.34 2.59
CA SER D 316 -22.47 49.90 2.48
C SER D 316 -21.27 49.13 3.01
N LEU D 317 -21.54 48.00 3.67
CA LEU D 317 -20.50 47.15 4.21
C LEU D 317 -20.21 46.03 3.21
N SER D 318 -18.93 45.87 2.87
CA SER D 318 -18.48 44.76 2.03
C SER D 318 -19.20 43.47 2.39
N GLY D 319 -19.83 42.84 1.39
CA GLY D 319 -20.42 41.53 1.62
C GLY D 319 -19.41 40.54 2.19
N TYR D 320 -18.17 40.60 1.70
CA TYR D 320 -17.14 39.72 2.22
C TYR D 320 -16.92 39.92 3.71
N LEU D 321 -16.75 41.17 4.12
CA LEU D 321 -16.51 41.44 5.53
C LEU D 321 -17.74 41.11 6.37
N TYR D 322 -18.94 41.36 5.84
CA TYR D 322 -20.16 40.94 6.53
C TYR D 322 -20.18 39.43 6.78
N ALA D 323 -19.86 38.65 5.75
CA ALA D 323 -19.92 37.19 5.89
C ALA D 323 -18.83 36.68 6.82
N ILE D 324 -17.62 37.21 6.71
CA ILE D 324 -16.53 36.77 7.59
C ILE D 324 -16.83 37.15 9.03
N LYS D 325 -17.33 38.38 9.26
CA LYS D 325 -17.66 38.77 10.62
C LYS D 325 -18.70 37.85 11.22
N LYS D 326 -19.71 37.49 10.42
CA LYS D 326 -20.76 36.59 10.89
C LYS D 326 -20.19 35.22 11.22
N ILE D 327 -19.39 34.65 10.31
CA ILE D 327 -18.81 33.32 10.55
C ILE D 327 -17.95 33.32 11.81
N LEU D 328 -17.08 34.33 11.94
CA LEU D 328 -16.23 34.40 13.14
C LEU D 328 -17.02 34.62 14.42
N SER D 329 -18.22 35.21 14.34
CA SER D 329 -19.03 35.38 15.55
C SER D 329 -19.47 34.06 16.16
N TRP D 330 -19.45 32.97 15.39
CA TRP D 330 -19.80 31.67 15.93
C TRP D 330 -18.74 31.09 16.86
N LYS D 331 -17.53 31.63 16.85
CA LYS D 331 -16.44 31.17 17.72
C LYS D 331 -16.13 29.69 17.49
N VAL D 332 -16.14 29.28 16.22
CA VAL D 332 -15.78 27.93 15.80
C VAL D 332 -14.42 28.05 15.11
N PRO D 333 -13.46 27.15 15.38
CA PRO D 333 -12.16 27.24 14.72
C PRO D 333 -12.32 27.27 13.20
N THR D 334 -11.66 28.24 12.56
CA THR D 334 -11.96 28.58 11.18
C THR D 334 -10.69 28.68 10.35
N LEU D 335 -10.76 28.15 9.13
CA LEU D 335 -9.73 28.28 8.12
C LEU D 335 -10.23 29.24 7.06
N ILE D 336 -9.48 30.32 6.80
CA ILE D 336 -9.84 31.30 5.78
C ILE D 336 -8.84 31.18 4.64
N LEU D 337 -9.34 30.90 3.44
CA LEU D 337 -8.50 30.68 2.28
C LEU D 337 -8.78 31.71 1.20
N GLY D 338 -7.83 31.83 0.27
CA GLY D 338 -8.03 32.71 -0.87
C GLY D 338 -8.81 32.04 -1.99
N GLY D 339 -8.35 32.22 -3.22
CA GLY D 339 -9.06 31.68 -4.37
C GLY D 339 -8.93 32.62 -5.54
N GLY D 340 -10.02 32.82 -6.29
CA GLY D 340 -9.97 33.72 -7.42
C GLY D 340 -9.73 35.16 -6.98
N GLY D 341 -9.55 36.01 -7.98
CA GLY D 341 -9.32 37.42 -7.74
C GLY D 341 -8.28 37.91 -8.72
N TYR D 342 -8.72 38.55 -9.79
CA TYR D 342 -7.85 38.81 -10.92
C TYR D 342 -7.50 40.30 -11.06
N ASN D 343 -8.00 41.13 -10.15
CA ASN D 343 -7.49 42.49 -9.96
C ASN D 343 -6.58 42.38 -8.74
N PHE D 344 -5.27 42.27 -8.98
CA PHE D 344 -4.35 41.92 -7.88
C PHE D 344 -4.33 42.99 -6.79
N PRO D 345 -4.21 44.29 -7.10
CA PRO D 345 -4.23 45.27 -6.00
C PRO D 345 -5.54 45.26 -5.24
N ASP D 346 -6.68 45.13 -5.93
CA ASP D 346 -7.94 45.15 -5.22
C ASP D 346 -8.15 43.88 -4.42
N THR D 347 -7.57 42.76 -4.86
CA THR D 347 -7.63 41.55 -4.04
C THR D 347 -6.82 41.74 -2.76
N ALA D 348 -5.65 42.33 -2.87
CA ALA D 348 -4.85 42.67 -1.70
C ALA D 348 -5.60 43.63 -0.76
N ARG D 349 -6.23 44.66 -1.34
CA ARG D 349 -7.07 45.56 -0.55
C ARG D 349 -8.15 44.82 0.22
N LEU D 350 -8.85 43.89 -0.44
CA LEU D 350 -9.90 43.17 0.25
C LEU D 350 -9.32 42.25 1.32
N TRP D 351 -8.31 41.46 0.96
CA TRP D 351 -7.84 40.43 1.89
C TRP D 351 -7.11 41.06 3.06
N THR D 352 -6.51 42.23 2.87
CA THR D 352 -5.94 42.96 3.99
C THR D 352 -7.03 43.35 4.99
N ARG D 353 -8.17 43.82 4.51
CA ARG D 353 -9.25 44.14 5.45
C ARG D 353 -9.84 42.89 6.08
N VAL D 354 -9.92 41.79 5.33
CA VAL D 354 -10.37 40.54 5.93
C VAL D 354 -9.43 40.12 7.06
N THR D 355 -8.12 40.27 6.83
CA THR D 355 -7.13 39.91 7.84
C THR D 355 -7.27 40.77 9.08
N ALA D 356 -7.35 42.09 8.90
CA ALA D 356 -7.55 42.99 10.03
C ALA D 356 -8.85 42.66 10.78
N LEU D 357 -9.91 42.34 10.06
CA LEU D 357 -11.18 42.02 10.72
C LEU D 357 -11.07 40.73 11.52
N THR D 358 -10.34 39.75 10.99
CA THR D 358 -10.15 38.50 11.72
C THR D 358 -9.42 38.74 13.04
N ILE D 359 -8.37 39.56 13.03
CA ILE D 359 -7.66 39.91 14.26
C ILE D 359 -8.61 40.57 15.26
N GLU D 360 -9.38 41.56 14.79
CA GLU D 360 -10.31 42.28 15.68
C GLU D 360 -11.32 41.33 16.33
N GLU D 361 -11.94 40.46 15.52
CA GLU D 361 -13.00 39.62 16.04
C GLU D 361 -12.45 38.54 16.97
N VAL D 362 -11.29 37.97 16.63
CA VAL D 362 -10.75 36.87 17.42
C VAL D 362 -10.15 37.38 18.71
N LYS D 363 -9.34 38.44 18.63
CA LYS D 363 -8.60 38.93 19.77
C LYS D 363 -9.32 40.03 20.54
N GLY D 364 -10.44 40.54 20.05
CA GLY D 364 -11.12 41.64 20.72
C GLY D 364 -10.30 42.92 20.75
N LYS D 365 -9.46 43.13 19.74
CA LYS D 365 -8.45 44.17 19.73
C LYS D 365 -8.69 45.05 18.51
N LYS D 366 -8.98 46.33 18.72
CA LYS D 366 -9.32 47.19 17.60
C LYS D 366 -8.13 47.32 16.66
N MET D 367 -8.40 47.15 15.36
CA MET D 367 -7.40 47.32 14.32
C MET D 367 -7.77 48.57 13.51
N THR D 368 -6.90 49.57 13.54
CA THR D 368 -7.15 50.81 12.83
C THR D 368 -6.26 50.82 11.59
N ILE D 369 -6.88 51.00 10.43
CA ILE D 369 -6.20 50.93 9.14
C ILE D 369 -6.42 52.27 8.44
N SER D 370 -5.32 52.92 8.07
CA SER D 370 -5.43 54.20 7.38
C SER D 370 -6.17 54.03 6.06
N PRO D 371 -7.06 54.96 5.70
CA PRO D 371 -7.69 54.90 4.37
C PRO D 371 -6.70 55.07 3.22
N GLU D 372 -5.48 55.52 3.47
CA GLU D 372 -4.46 55.64 2.44
C GLU D 372 -3.46 54.50 2.54
N ILE D 373 -3.10 53.95 1.38
CA ILE D 373 -2.13 52.86 1.31
C ILE D 373 -0.78 53.35 1.85
N PRO D 374 -0.17 52.65 2.81
CA PRO D 374 1.13 53.09 3.30
C PRO D 374 2.23 52.82 2.29
N GLU D 375 3.29 53.61 2.37
CA GLU D 375 4.46 53.33 1.55
C GLU D 375 5.01 51.94 1.85
N HIS D 376 5.42 51.24 0.79
CA HIS D 376 6.00 49.91 0.88
C HIS D 376 6.42 49.46 -0.51
N SER D 377 6.97 48.23 -0.59
CA SER D 377 7.45 47.62 -1.82
C SER D 377 6.58 47.91 -3.04
N TYR D 378 5.29 47.61 -2.95
CA TYR D 378 4.40 47.64 -4.11
C TYR D 378 3.48 48.86 -4.13
N PHE D 379 3.88 49.94 -3.45
CA PHE D 379 3.04 51.14 -3.37
C PHE D 379 2.56 51.60 -4.74
N SER D 380 3.44 51.55 -5.74
CA SER D 380 3.11 52.09 -7.06
C SER D 380 1.95 51.35 -7.70
N ARG D 381 1.74 50.09 -7.34
CA ARG D 381 0.67 49.28 -7.91
C ARG D 381 -0.72 49.73 -7.47
N TYR D 382 -0.81 50.65 -6.50
CA TYR D 382 -2.09 51.11 -5.98
C TYR D 382 -2.45 52.50 -6.48
N GLY D 383 -1.68 53.04 -7.41
CA GLY D 383 -2.01 54.30 -8.05
C GLY D 383 -3.25 54.16 -8.91
N PRO D 384 -3.81 55.29 -9.35
CA PRO D 384 -3.22 56.61 -9.11
C PRO D 384 -3.63 57.26 -7.78
N ASP D 385 -4.60 56.68 -7.08
CA ASP D 385 -5.14 57.34 -5.89
C ASP D 385 -4.63 56.77 -4.57
N PHE D 386 -4.09 55.56 -4.55
CA PHE D 386 -3.39 55.02 -3.38
C PHE D 386 -4.29 54.98 -2.14
N GLU D 387 -5.55 54.60 -2.33
CA GLU D 387 -6.49 54.46 -1.24
C GLU D 387 -6.82 52.99 -1.01
N LEU D 388 -7.25 52.68 0.22
CA LEU D 388 -7.54 51.30 0.58
C LEU D 388 -8.88 50.82 0.02
N ASP D 389 -9.92 51.68 0.07
CA ASP D 389 -11.16 51.37 -0.64
C ASP D 389 -10.89 51.09 -2.11
N ILE D 390 -11.57 50.07 -2.66
CA ILE D 390 -11.53 49.92 -4.11
C ILE D 390 -12.21 51.11 -4.77
N ASP D 391 -11.82 51.36 -6.02
CA ASP D 391 -12.28 52.53 -6.76
C ASP D 391 -13.59 52.19 -7.45
N TYR D 392 -14.68 52.27 -6.68
CA TYR D 392 -15.99 51.91 -7.18
C TYR D 392 -17.04 52.76 -6.50
N PHE D 393 -17.96 53.31 -7.30
CA PHE D 393 -19.04 54.14 -6.80
C PHE D 393 -20.38 53.45 -7.01
N PRO D 394 -20.97 52.84 -5.97
CA PRO D 394 -22.25 52.12 -6.04
C PRO D 394 -23.46 53.06 -6.00
N ASP D 403 -37.44 38.08 -4.97
CA ASP D 403 -38.31 37.02 -5.49
C ASP D 403 -37.54 35.73 -5.71
N SER D 404 -36.60 35.78 -6.66
CA SER D 404 -35.73 34.63 -6.90
C SER D 404 -34.99 34.22 -5.64
N ILE D 405 -34.45 35.20 -4.91
CA ILE D 405 -33.69 34.88 -3.70
C ILE D 405 -34.61 34.29 -2.64
N GLN D 406 -35.84 34.79 -2.55
CA GLN D 406 -36.81 34.25 -1.60
C GLN D 406 -37.12 32.79 -1.90
N LYS D 407 -37.23 32.45 -3.20
CA LYS D 407 -37.49 31.05 -3.56
C LYS D 407 -36.30 30.16 -3.22
N HIS D 408 -35.08 30.64 -3.45
CA HIS D 408 -33.90 29.87 -3.03
C HIS D 408 -33.88 29.67 -1.51
N HIS D 409 -34.28 30.69 -0.75
CA HIS D 409 -34.27 30.56 0.71
C HIS D 409 -35.23 29.47 1.18
N ARG D 410 -36.45 29.44 0.65
CA ARG D 410 -37.37 28.38 1.02
C ARG D 410 -36.84 27.01 0.59
N ARG D 411 -36.24 26.95 -0.60
CA ARG D 411 -35.67 25.69 -1.07
C ARG D 411 -34.52 25.22 -0.19
N ILE D 412 -33.66 26.15 0.23
CA ILE D 412 -32.52 25.78 1.05
C ILE D 412 -32.97 25.41 2.47
N LEU D 413 -33.96 26.13 3.00
CA LEU D 413 -34.48 25.79 4.32
C LEU D 413 -35.08 24.39 4.34
N GLU D 414 -35.86 24.06 3.32
CA GLU D 414 -36.37 22.70 3.15
C GLU D 414 -35.24 21.68 3.09
N GLN D 415 -34.19 21.96 2.32
CA GLN D 415 -33.05 21.05 2.23
C GLN D 415 -32.36 20.91 3.59
N LEU D 416 -32.21 22.01 4.32
CA LEU D 416 -31.57 21.93 5.63
C LEU D 416 -32.42 21.09 6.58
N ARG D 417 -33.75 21.23 6.47
CA ARG D 417 -34.65 20.38 7.24
C ARG D 417 -34.48 18.92 6.85
N ASN D 418 -34.40 18.63 5.54
CA ASN D 418 -34.20 17.26 5.10
C ASN D 418 -32.85 16.72 5.55
N TYR D 419 -31.81 17.57 5.51
CA TYR D 419 -30.49 17.16 5.98
C TYR D 419 -30.54 16.78 7.46
N ALA D 420 -31.16 17.64 8.29
CA ALA D 420 -31.20 17.38 9.73
C ALA D 420 -31.99 16.11 10.04
N ASP D 421 -33.12 15.89 9.35
CA ASP D 421 -33.91 14.68 9.57
C ASP D 421 -33.13 13.44 9.19
N LEU D 422 -32.52 13.44 8.00
CA LEU D 422 -31.73 12.30 7.56
C LEU D 422 -30.59 12.00 8.53
N ASN D 423 -30.01 13.03 9.13
CA ASN D 423 -28.85 12.86 10.00
C ASN D 423 -29.21 12.93 11.48
N LYS D 424 -30.51 12.95 11.80
CA LYS D 424 -30.99 12.89 13.18
C LYS D 424 -30.38 13.99 14.05
N LEU D 425 -30.31 15.19 13.47
CA LEU D 425 -29.85 16.36 14.21
C LEU D 425 -31.04 17.11 14.78
N ILE D 426 -30.89 17.57 16.03
CA ILE D 426 -31.98 18.19 16.78
C ILE D 426 -31.87 19.70 16.65
N TYR D 427 -32.98 20.34 16.32
CA TYR D 427 -33.00 21.78 16.13
C TYR D 427 -34.44 22.26 16.11
N ASP D 428 -34.68 23.46 16.63
CA ASP D 428 -36.00 24.08 16.59
C ASP D 428 -36.22 24.66 15.21
N TYR D 429 -37.18 24.09 14.47
CA TYR D 429 -37.45 24.56 13.11
C TYR D 429 -37.88 26.01 13.09
N ASP D 430 -38.50 26.49 14.17
CA ASP D 430 -39.03 27.85 14.17
C ASP D 430 -37.96 28.89 14.46
N GLN D 431 -36.93 28.54 15.24
CA GLN D 431 -35.79 29.44 15.37
C GLN D 431 -35.08 29.61 14.03
N VAL D 432 -34.99 28.53 13.25
CA VAL D 432 -34.27 28.58 11.99
C VAL D 432 -35.10 29.29 10.92
N TYR D 433 -36.39 28.96 10.83
CA TYR D 433 -37.25 29.65 9.88
C TYR D 433 -37.32 31.15 10.17
N GLN D 434 -37.30 31.51 11.46
CA GLN D 434 -37.38 32.92 11.84
C GLN D 434 -36.22 33.73 11.25
N LEU D 435 -35.04 33.12 11.09
CA LEU D 435 -33.89 33.85 10.58
C LEU D 435 -34.18 34.50 9.23
N TYR D 436 -34.96 33.82 8.39
CA TYR D 436 -35.28 34.36 7.07
C TYR D 436 -36.47 35.30 7.13
#